data_1UHV
#
_entry.id   1UHV
#
_cell.length_a   95.326
_cell.length_b   152.276
_cell.length_c   159.684
_cell.angle_alpha   90.00
_cell.angle_beta   90.00
_cell.angle_gamma   90.00
#
_symmetry.space_group_name_H-M   'P 21 21 21'
#
loop_
_entity.id
_entity.type
_entity.pdbx_description
1 polymer Beta-xylosidase
2 non-polymer 1,5-anhydro-2-deoxy-2-fluoro-D-xylitol
3 water water
#
_entity_poly.entity_id   1
_entity_poly.type   'polypeptide(L)'
_entity_poly.pdbx_seq_one_letter_code
;MIKVRVPDFSDKKFSDRWRYCVGTGRLGLALQKEYIETLKYVKENIDFKYIRGHGLLCDDVGIYREDVVGDEVKPFYNFT
YIDRIFDSFLEIGIRPFVEIGFMPKKLASGTQTVFYWEGNVTPPKDYEKWSDLVKAVLHHFISRYGIEEVLKWPFEIWNE
PNLKEFWKDADEKEYFKLYKVTAKAIKEVNENLKVGGPAICGGADYWIEDFLNFCYEENVPVDFVSRHAYTSKQGEYTPH
LIYQEIMPSEYMLNEFKTVREIIKNSHFPNLPFHITEYNTSYSPQNPVHDTPFNAAYIARILSEGGDYVDSFSYWTFSDV
FEERDVPRSQFHGGFGLVALNMIPKPTFYTFKFFNAMGEEMLYRDEHMLVTRRDDGSVALIAWNEVMDKTENPDEDYEVE
IPVRFRDVFIKRQLIDEEHGNPWGTWIHMGRPRYPSKEQVNTLREVAKPEIMTSQPVANDGYLNLKFKLGKNAVVLYELT
ERIDESSTYIGLDDSKINGY
;
_entity_poly.pdbx_strand_id   A,B,C,D
#
# COMPACT_ATOMS: atom_id res chain seq x y z
N MET A 1 -37.10 18.47 29.21
CA MET A 1 -36.30 18.01 28.04
C MET A 1 -36.92 18.44 26.72
N ILE A 2 -36.55 17.74 25.65
CA ILE A 2 -37.05 18.03 24.32
C ILE A 2 -37.77 16.82 23.76
N LYS A 3 -39.08 16.72 24.01
CA LYS A 3 -39.86 15.61 23.51
C LYS A 3 -40.34 15.90 22.09
N VAL A 4 -40.06 14.99 21.18
CA VAL A 4 -40.43 15.16 19.79
C VAL A 4 -40.96 13.89 19.15
N ARG A 5 -42.12 14.00 18.52
CA ARG A 5 -42.72 12.86 17.84
C ARG A 5 -42.51 13.09 16.34
N VAL A 6 -41.59 12.34 15.75
CA VAL A 6 -41.27 12.47 14.34
C VAL A 6 -42.44 12.03 13.45
N PRO A 7 -42.89 12.91 12.54
CA PRO A 7 -43.99 12.62 11.63
C PRO A 7 -43.74 11.35 10.82
N ASP A 8 -44.78 10.53 10.68
CA ASP A 8 -44.70 9.27 9.95
C ASP A 8 -44.15 9.40 8.54
N PHE A 9 -44.30 10.57 7.93
CA PHE A 9 -43.79 10.79 6.58
C PHE A 9 -43.55 12.26 6.31
N SER A 10 -43.19 12.59 5.08
CA SER A 10 -42.93 13.98 4.72
C SER A 10 -42.71 14.15 3.23
N ASP A 11 -42.71 15.40 2.78
CA ASP A 11 -42.50 15.71 1.37
C ASP A 11 -41.28 16.60 1.17
N LYS A 12 -40.61 16.95 2.27
CA LYS A 12 -39.42 17.78 2.20
C LYS A 12 -38.21 16.87 2.05
N LYS A 13 -37.15 17.38 1.43
CA LYS A 13 -35.95 16.57 1.21
C LYS A 13 -34.67 17.18 1.77
N PHE A 14 -33.73 16.32 2.12
CA PHE A 14 -32.43 16.77 2.61
C PHE A 14 -31.45 16.45 1.48
N SER A 15 -30.88 17.49 0.89
CA SER A 15 -29.94 17.29 -0.21
C SER A 15 -28.50 17.18 0.31
N ASP A 16 -27.60 16.74 -0.56
CA ASP A 16 -26.20 16.62 -0.17
C ASP A 16 -25.39 17.84 -0.59
N ARG A 17 -26.05 18.99 -0.66
CA ARG A 17 -25.35 20.21 -1.05
C ARG A 17 -24.31 20.55 0.01
N TRP A 18 -24.50 20.00 1.21
CA TRP A 18 -23.57 20.25 2.30
C TRP A 18 -22.20 19.63 2.03
N ARG A 19 -22.15 18.63 1.14
CA ARG A 19 -20.87 17.99 0.83
C ARG A 19 -20.41 18.29 -0.60
N TYR A 20 -21.07 19.23 -1.27
CA TYR A 20 -20.69 19.59 -2.62
C TYR A 20 -19.25 20.07 -2.73
N CYS A 21 -18.84 20.96 -1.82
CA CYS A 21 -17.49 21.52 -1.86
C CYS A 21 -16.89 21.68 -0.47
N VAL A 22 -15.56 21.81 -0.43
CA VAL A 22 -14.82 21.99 0.82
C VAL A 22 -13.64 22.89 0.49
N GLY A 23 -13.20 23.68 1.46
CA GLY A 23 -12.09 24.60 1.24
C GLY A 23 -10.71 24.02 1.48
N THR A 24 -9.69 24.79 1.12
CA THR A 24 -8.30 24.37 1.28
C THR A 24 -7.29 25.53 1.32
N GLY A 25 -6.11 25.24 1.83
CA GLY A 25 -5.06 26.23 1.87
C GLY A 25 -4.66 26.48 0.42
N ARG A 26 -3.72 27.38 0.18
CA ARG A 26 -3.31 27.68 -1.19
C ARG A 26 -2.89 26.44 -1.97
N LEU A 27 -3.26 26.42 -3.25
CA LEU A 27 -2.95 25.29 -4.11
C LEU A 27 -1.50 24.85 -4.07
N GLY A 28 -0.56 25.78 -3.97
CA GLY A 28 0.84 25.40 -3.92
C GLY A 28 1.09 24.38 -2.82
N LEU A 29 0.33 24.47 -1.75
CA LEU A 29 0.47 23.54 -0.63
C LEU A 29 0.01 22.14 -0.99
N ALA A 30 -0.80 22.01 -2.05
CA ALA A 30 -1.29 20.70 -2.47
C ALA A 30 -0.13 19.84 -2.97
N LEU A 31 1.05 20.45 -3.10
CA LEU A 31 2.22 19.71 -3.54
C LEU A 31 2.78 18.90 -2.36
N GLN A 32 2.34 19.22 -1.14
CA GLN A 32 2.83 18.56 0.06
C GLN A 32 2.31 17.16 0.32
N LYS A 33 3.22 16.28 0.75
CA LYS A 33 2.87 14.91 1.06
C LYS A 33 1.79 14.88 2.13
N GLU A 34 1.95 15.75 3.14
CA GLU A 34 1.00 15.86 4.24
C GLU A 34 -0.38 16.23 3.71
N TYR A 35 -0.40 17.17 2.76
CA TYR A 35 -1.63 17.63 2.15
C TYR A 35 -2.37 16.49 1.44
N ILE A 36 -1.65 15.83 0.53
CA ILE A 36 -2.22 14.73 -0.24
C ILE A 36 -2.70 13.58 0.64
N GLU A 37 -1.88 13.14 1.60
CA GLU A 37 -2.31 12.04 2.46
C GLU A 37 -3.60 12.42 3.18
N THR A 38 -3.66 13.68 3.64
CA THR A 38 -4.82 14.17 4.35
C THR A 38 -6.06 14.30 3.48
N LEU A 39 -5.88 14.76 2.25
CA LEU A 39 -7.00 14.91 1.34
C LEU A 39 -7.62 13.55 1.05
N LYS A 40 -6.78 12.54 0.81
CA LYS A 40 -7.27 11.19 0.54
C LYS A 40 -8.02 10.65 1.76
N TYR A 41 -7.46 10.87 2.95
CA TYR A 41 -8.08 10.40 4.19
C TYR A 41 -9.47 11.01 4.34
N VAL A 42 -9.62 12.28 3.97
CA VAL A 42 -10.90 12.96 4.08
C VAL A 42 -11.90 12.37 3.08
N LYS A 43 -11.46 12.22 1.84
CA LYS A 43 -12.29 11.68 0.76
C LYS A 43 -12.74 10.25 0.95
N GLU A 44 -12.12 9.52 1.87
CA GLU A 44 -12.52 8.14 2.15
C GLU A 44 -13.68 8.16 3.13
N ASN A 45 -13.88 9.30 3.78
CA ASN A 45 -14.93 9.43 4.77
C ASN A 45 -16.06 10.40 4.37
N ILE A 46 -15.72 11.46 3.64
CA ILE A 46 -16.70 12.44 3.20
C ILE A 46 -16.49 12.67 1.70
N ASP A 47 -17.51 12.36 0.90
CA ASP A 47 -17.42 12.48 -0.55
C ASP A 47 -17.58 13.89 -1.15
N PHE A 48 -16.65 14.79 -0.86
CA PHE A 48 -16.73 16.14 -1.40
C PHE A 48 -16.43 16.09 -2.90
N LYS A 49 -17.22 16.81 -3.69
CA LYS A 49 -17.01 16.81 -5.13
C LYS A 49 -16.00 17.86 -5.58
N TYR A 50 -16.01 19.02 -4.93
CA TYR A 50 -15.07 20.08 -5.31
C TYR A 50 -14.23 20.63 -4.16
N ILE A 51 -13.16 21.33 -4.50
CA ILE A 51 -12.25 21.88 -3.51
C ILE A 51 -11.84 23.30 -3.93
N ARG A 52 -12.10 24.26 -3.03
CA ARG A 52 -11.84 25.67 -3.31
C ARG A 52 -10.70 26.31 -2.50
N GLY A 53 -9.71 26.84 -3.21
CA GLY A 53 -8.59 27.49 -2.56
C GLY A 53 -8.00 28.57 -3.46
N HIS A 54 -7.19 29.45 -2.88
CA HIS A 54 -6.55 30.53 -3.63
C HIS A 54 -5.24 30.06 -4.23
N GLY A 55 -4.51 31.00 -4.82
CA GLY A 55 -3.19 30.73 -5.35
C GLY A 55 -2.98 30.12 -6.73
N LEU A 56 -4.06 29.84 -7.46
CA LEU A 56 -3.92 29.24 -8.78
C LEU A 56 -2.83 29.90 -9.64
N LEU A 57 -2.82 31.23 -9.67
CA LEU A 57 -1.85 31.93 -10.49
C LEU A 57 -0.69 32.51 -9.69
N CYS A 58 -0.62 32.20 -8.41
CA CYS A 58 0.48 32.72 -7.60
C CYS A 58 1.78 32.07 -8.02
N ASP A 59 2.85 32.85 -7.96
CA ASP A 59 4.16 32.40 -8.41
C ASP A 59 4.75 31.13 -7.84
N ASP A 60 4.26 30.65 -6.69
CA ASP A 60 4.84 29.42 -6.17
C ASP A 60 4.42 28.30 -7.12
N VAL A 61 3.16 28.30 -7.56
CA VAL A 61 2.69 27.31 -8.52
C VAL A 61 3.48 27.61 -9.80
N GLY A 62 3.82 28.89 -9.96
CA GLY A 62 4.64 29.36 -11.08
C GLY A 62 4.18 29.34 -12.53
N ILE A 63 2.88 29.40 -12.79
CA ILE A 63 2.42 29.38 -14.17
C ILE A 63 2.92 30.52 -15.07
N TYR A 64 2.88 31.76 -14.60
CA TYR A 64 3.30 32.90 -15.42
C TYR A 64 4.76 33.35 -15.29
N ARG A 65 5.51 33.25 -16.38
CA ARG A 65 6.93 33.66 -16.42
C ARG A 65 7.24 34.48 -17.69
N GLU A 66 8.43 35.05 -17.76
CA GLU A 66 8.80 35.85 -18.93
C GLU A 66 10.25 35.63 -19.37
N ASP A 67 10.41 35.19 -20.61
CA ASP A 67 11.72 34.94 -21.17
C ASP A 67 12.24 36.17 -21.87
N VAL A 68 13.47 36.56 -21.54
CA VAL A 68 14.07 37.74 -22.14
C VAL A 68 15.08 37.36 -23.22
N VAL A 69 14.65 37.49 -24.47
CA VAL A 69 15.50 37.18 -25.60
C VAL A 69 15.95 38.47 -26.28
N GLY A 70 17.24 38.77 -26.13
CA GLY A 70 17.79 39.98 -26.69
C GLY A 70 17.19 41.17 -25.98
N ASP A 71 16.11 41.71 -26.54
CA ASP A 71 15.44 42.86 -25.95
C ASP A 71 13.94 42.63 -25.97
N GLU A 72 13.54 41.41 -26.34
CA GLU A 72 12.13 41.06 -26.40
C GLU A 72 11.70 40.21 -25.22
N VAL A 73 10.60 40.60 -24.57
CA VAL A 73 10.07 39.88 -23.43
C VAL A 73 8.92 38.97 -23.86
N LYS A 74 9.20 37.67 -23.91
CA LYS A 74 8.22 36.67 -24.31
C LYS A 74 7.63 35.99 -23.08
N PRO A 75 6.29 35.88 -23.02
CA PRO A 75 5.67 35.22 -21.87
C PRO A 75 5.75 33.70 -21.96
N PHE A 76 5.80 33.06 -20.81
CA PHE A 76 5.86 31.60 -20.75
C PHE A 76 4.87 31.07 -19.71
N TYR A 77 4.19 29.98 -20.06
CA TYR A 77 3.22 29.39 -19.14
C TYR A 77 3.73 28.01 -18.72
N ASN A 78 4.20 27.91 -17.48
CA ASN A 78 4.74 26.66 -16.94
C ASN A 78 3.68 25.88 -16.18
N PHE A 79 3.32 24.71 -16.70
CA PHE A 79 2.29 23.92 -16.05
C PHE A 79 2.78 22.74 -15.20
N THR A 80 4.10 22.66 -15.02
CA THR A 80 4.67 21.57 -14.24
C THR A 80 3.91 21.28 -12.93
N TYR A 81 3.64 22.32 -12.14
CA TYR A 81 2.94 22.14 -10.87
C TYR A 81 1.41 21.98 -10.90
N ILE A 82 0.66 22.85 -11.56
CA ILE A 82 -0.80 22.64 -11.52
C ILE A 82 -1.20 21.33 -12.16
N ASP A 83 -0.36 20.86 -13.08
CA ASP A 83 -0.62 19.59 -13.72
C ASP A 83 -0.48 18.51 -12.66
N ARG A 84 0.59 18.58 -11.87
CA ARG A 84 0.79 17.60 -10.81
C ARG A 84 -0.32 17.76 -9.76
N ILE A 85 -0.67 19.01 -9.47
CA ILE A 85 -1.71 19.31 -8.49
C ILE A 85 -3.11 18.86 -8.92
N PHE A 86 -3.49 19.17 -10.15
CA PHE A 86 -4.82 18.76 -10.62
C PHE A 86 -4.94 17.27 -10.91
N ASP A 87 -3.82 16.62 -11.22
CA ASP A 87 -3.85 15.18 -11.47
C ASP A 87 -4.21 14.48 -10.17
N SER A 88 -3.55 14.89 -9.09
CA SER A 88 -3.77 14.29 -7.80
C SER A 88 -5.22 14.48 -7.36
N PHE A 89 -5.79 15.64 -7.66
CA PHE A 89 -7.18 15.90 -7.30
C PHE A 89 -8.06 14.90 -8.05
N LEU A 90 -7.97 14.90 -9.37
CA LEU A 90 -8.77 14.03 -10.22
C LEU A 90 -8.53 12.56 -9.89
N GLU A 91 -7.30 12.25 -9.50
CA GLU A 91 -6.95 10.89 -9.14
C GLU A 91 -7.70 10.50 -7.87
N ILE A 92 -7.80 11.45 -6.93
CA ILE A 92 -8.48 11.21 -5.67
C ILE A 92 -10.00 11.22 -5.83
N GLY A 93 -10.49 11.83 -6.90
CA GLY A 93 -11.92 11.88 -7.12
C GLY A 93 -12.57 13.18 -6.72
N ILE A 94 -11.81 14.28 -6.74
CA ILE A 94 -12.35 15.57 -6.38
C ILE A 94 -11.94 16.61 -7.43
N ARG A 95 -12.87 17.48 -7.79
CA ARG A 95 -12.57 18.48 -8.80
C ARG A 95 -12.34 19.84 -8.19
N PRO A 96 -11.58 20.69 -8.88
CA PRO A 96 -11.33 22.02 -8.33
C PRO A 96 -12.45 23.00 -8.61
N PHE A 97 -12.81 23.77 -7.58
CA PHE A 97 -13.80 24.83 -7.73
C PHE A 97 -12.76 25.92 -7.96
N VAL A 98 -12.37 26.12 -9.21
CA VAL A 98 -11.35 27.09 -9.54
C VAL A 98 -11.62 28.52 -9.08
N GLU A 99 -10.56 29.17 -8.59
CA GLU A 99 -10.63 30.54 -8.15
C GLU A 99 -9.49 31.24 -8.89
N ILE A 100 -9.82 32.12 -9.81
CA ILE A 100 -8.78 32.82 -10.57
C ILE A 100 -8.10 33.88 -9.73
N GLY A 101 -6.80 33.68 -9.49
CA GLY A 101 -6.05 34.64 -8.71
C GLY A 101 -4.79 33.99 -8.17
N PHE A 102 -3.88 34.79 -7.61
CA PHE A 102 -4.06 36.23 -7.53
C PHE A 102 -3.30 36.82 -8.73
N MET A 103 -2.46 37.82 -8.49
CA MET A 103 -1.72 38.43 -9.59
C MET A 103 -0.26 38.00 -9.66
N PRO A 104 0.10 37.27 -10.72
CA PRO A 104 1.50 36.86 -10.79
C PRO A 104 2.33 38.13 -10.73
N LYS A 105 3.49 38.07 -10.08
CA LYS A 105 4.35 39.22 -9.93
C LYS A 105 4.69 39.95 -11.24
N LYS A 106 4.97 39.20 -12.30
CA LYS A 106 5.32 39.81 -13.58
C LYS A 106 4.22 40.64 -14.23
N LEU A 107 2.96 40.35 -13.93
CA LEU A 107 1.87 41.10 -14.51
C LEU A 107 1.30 42.15 -13.55
N ALA A 108 1.72 42.07 -12.30
CA ALA A 108 1.24 42.99 -11.27
C ALA A 108 1.49 44.47 -11.58
N SER A 109 0.50 45.30 -11.27
CA SER A 109 0.62 46.73 -11.48
C SER A 109 1.20 47.37 -10.23
N GLY A 110 0.81 46.84 -9.07
CA GLY A 110 1.29 47.36 -7.81
C GLY A 110 2.24 46.41 -7.10
N THR A 111 2.55 46.71 -5.83
CA THR A 111 3.45 45.88 -5.06
C THR A 111 2.78 45.32 -3.82
N GLN A 112 1.55 45.74 -3.56
CA GLN A 112 0.82 45.26 -2.40
C GLN A 112 0.69 43.73 -2.43
N THR A 113 0.79 43.11 -1.26
CA THR A 113 0.68 41.65 -1.13
C THR A 113 -0.14 41.27 0.10
N VAL A 114 -0.70 40.07 0.09
CA VAL A 114 -1.49 39.60 1.22
C VAL A 114 -0.91 38.30 1.76
N PHE A 115 -1.13 38.05 3.05
CA PHE A 115 -0.66 36.83 3.70
C PHE A 115 0.83 36.66 3.90
N TYR A 116 1.18 35.61 4.61
CA TYR A 116 2.57 35.24 4.88
C TYR A 116 3.26 34.90 3.57
N TRP A 117 2.52 34.29 2.65
CA TRP A 117 3.12 33.92 1.37
C TRP A 117 3.11 35.01 0.30
N GLU A 118 2.65 36.21 0.66
CA GLU A 118 2.65 37.35 -0.24
C GLU A 118 1.97 37.19 -1.61
N GLY A 119 0.66 36.98 -1.62
CA GLY A 119 -0.03 36.88 -2.89
C GLY A 119 -0.34 38.29 -3.37
N ASN A 120 0.29 38.72 -4.46
CA ASN A 120 0.05 40.07 -4.97
C ASN A 120 -1.41 40.32 -5.26
N VAL A 121 -1.95 41.40 -4.68
CA VAL A 121 -3.37 41.72 -4.86
C VAL A 121 -3.68 42.97 -5.67
N THR A 122 -2.78 43.38 -6.55
CA THR A 122 -3.03 44.56 -7.37
C THR A 122 -3.55 44.15 -8.74
N PRO A 123 -4.22 45.06 -9.47
CA PRO A 123 -4.73 44.69 -10.79
C PRO A 123 -3.57 44.52 -11.77
N PRO A 124 -3.84 43.95 -12.96
CA PRO A 124 -2.78 43.74 -13.95
C PRO A 124 -2.29 45.04 -14.57
N LYS A 125 -1.03 45.04 -15.02
CA LYS A 125 -0.41 46.20 -15.64
C LYS A 125 -0.84 46.29 -17.10
N ASP A 126 -1.46 45.22 -17.59
CA ASP A 126 -1.93 45.11 -18.97
C ASP A 126 -3.02 44.05 -19.01
N TYR A 127 -4.28 44.46 -19.02
CA TYR A 127 -5.40 43.53 -19.04
C TYR A 127 -5.40 42.60 -20.24
N GLU A 128 -4.54 42.87 -21.21
CA GLU A 128 -4.44 42.02 -22.39
C GLU A 128 -3.70 40.77 -21.97
N LYS A 129 -2.52 40.99 -21.38
CA LYS A 129 -1.69 39.89 -20.92
C LYS A 129 -2.43 39.04 -19.91
N TRP A 130 -3.29 39.66 -19.12
CA TRP A 130 -4.06 38.92 -18.13
C TRP A 130 -5.00 37.95 -18.87
N SER A 131 -5.71 38.47 -19.86
CA SER A 131 -6.63 37.66 -20.65
C SER A 131 -5.90 36.53 -21.36
N ASP A 132 -4.71 36.81 -21.87
CA ASP A 132 -3.93 35.79 -22.55
C ASP A 132 -3.41 34.72 -21.60
N LEU A 133 -3.14 35.09 -20.35
CA LEU A 133 -2.67 34.12 -19.36
C LEU A 133 -3.86 33.23 -19.06
N VAL A 134 -5.02 33.85 -18.92
CA VAL A 134 -6.23 33.10 -18.64
C VAL A 134 -6.56 32.05 -19.69
N LYS A 135 -6.54 32.44 -20.97
CA LYS A 135 -6.86 31.52 -22.04
C LYS A 135 -5.80 30.45 -22.18
N ALA A 136 -4.54 30.85 -21.99
CA ALA A 136 -3.42 29.91 -22.07
C ALA A 136 -3.67 28.78 -21.08
N VAL A 137 -3.93 29.16 -19.82
CA VAL A 137 -4.20 28.20 -18.75
C VAL A 137 -5.39 27.30 -19.08
N LEU A 138 -6.52 27.89 -19.42
CA LEU A 138 -7.72 27.12 -19.75
C LEU A 138 -7.50 26.12 -20.87
N HIS A 139 -6.87 26.56 -21.96
CA HIS A 139 -6.63 25.65 -23.07
C HIS A 139 -5.81 24.45 -22.63
N HIS A 140 -4.74 24.70 -21.87
CA HIS A 140 -3.90 23.62 -21.38
C HIS A 140 -4.73 22.62 -20.60
N PHE A 141 -5.59 23.13 -19.71
CA PHE A 141 -6.45 22.26 -18.93
C PHE A 141 -7.26 21.40 -19.89
N ILE A 142 -7.84 22.06 -20.90
CA ILE A 142 -8.67 21.40 -21.90
C ILE A 142 -7.85 20.31 -22.57
N SER A 143 -6.65 20.68 -22.99
CA SER A 143 -5.76 19.77 -23.67
C SER A 143 -5.33 18.59 -22.80
N ARG A 144 -5.21 18.82 -21.50
CA ARG A 144 -4.75 17.76 -20.61
C ARG A 144 -5.86 16.88 -20.02
N TYR A 145 -7.01 17.46 -19.73
CA TYR A 145 -8.09 16.68 -19.13
C TYR A 145 -9.33 16.54 -20.00
N GLY A 146 -9.36 17.22 -21.14
CA GLY A 146 -10.51 17.11 -22.02
C GLY A 146 -11.61 18.09 -21.66
N ILE A 147 -12.28 18.62 -22.68
CA ILE A 147 -13.35 19.59 -22.49
C ILE A 147 -14.52 19.06 -21.66
N GLU A 148 -14.78 17.75 -21.74
CA GLU A 148 -15.87 17.19 -20.97
C GLU A 148 -15.60 17.32 -19.48
N GLU A 149 -14.33 17.23 -19.10
CA GLU A 149 -13.92 17.33 -17.71
C GLU A 149 -13.88 18.78 -17.26
N VAL A 150 -13.06 19.58 -17.93
CA VAL A 150 -12.90 20.99 -17.57
C VAL A 150 -14.22 21.76 -17.58
N LEU A 151 -15.25 21.18 -18.20
CA LEU A 151 -16.55 21.84 -18.23
C LEU A 151 -17.25 21.78 -16.89
N LYS A 152 -16.94 20.74 -16.12
CA LYS A 152 -17.54 20.54 -14.80
C LYS A 152 -16.91 21.43 -13.73
N TRP A 153 -15.91 22.23 -14.11
CA TRP A 153 -15.23 23.11 -13.18
C TRP A 153 -15.76 24.54 -13.19
N PRO A 154 -16.20 25.06 -12.03
CA PRO A 154 -16.70 26.43 -12.02
C PRO A 154 -15.51 27.36 -11.86
N PHE A 155 -15.66 28.61 -12.30
CA PHE A 155 -14.58 29.57 -12.19
C PHE A 155 -14.95 30.85 -11.43
N GLU A 156 -14.44 30.96 -10.20
CA GLU A 156 -14.69 32.11 -9.35
C GLU A 156 -13.62 33.16 -9.63
N ILE A 157 -14.03 34.41 -9.78
CA ILE A 157 -13.05 35.45 -10.08
C ILE A 157 -12.56 36.18 -8.83
N TRP A 158 -11.27 36.04 -8.57
CA TRP A 158 -10.61 36.66 -7.43
C TRP A 158 -11.21 36.20 -6.10
N ASN A 159 -10.85 36.90 -5.03
CA ASN A 159 -11.33 36.56 -3.69
C ASN A 159 -11.58 37.80 -2.85
N GLU A 160 -12.76 37.88 -2.24
CA GLU A 160 -13.15 39.00 -1.38
C GLU A 160 -12.55 40.35 -1.82
N PRO A 161 -12.95 40.83 -3.01
CA PRO A 161 -12.45 42.09 -3.55
C PRO A 161 -12.96 43.28 -2.75
N ASN A 162 -14.01 43.05 -1.96
CA ASN A 162 -14.61 44.09 -1.13
C ASN A 162 -13.75 44.38 0.09
N LEU A 163 -12.56 43.79 0.17
CA LEU A 163 -11.65 44.02 1.28
C LEU A 163 -10.29 44.51 0.77
N LYS A 164 -9.81 45.61 1.33
CA LYS A 164 -8.52 46.19 0.94
C LYS A 164 -7.38 45.18 1.00
N GLU A 165 -7.53 44.17 1.85
CA GLU A 165 -6.50 43.14 2.02
C GLU A 165 -6.25 42.31 0.75
N PHE A 166 -7.32 41.91 0.07
CA PHE A 166 -7.20 41.09 -1.13
C PHE A 166 -7.26 41.84 -2.47
N TRP A 167 -7.84 43.03 -2.45
CA TRP A 167 -7.98 43.84 -3.68
C TRP A 167 -7.57 45.27 -3.36
N LYS A 168 -6.54 45.77 -4.05
CA LYS A 168 -6.07 47.14 -3.81
C LYS A 168 -7.18 48.17 -3.77
N ASP A 169 -7.33 48.82 -2.62
CA ASP A 169 -8.34 49.84 -2.40
C ASP A 169 -9.76 49.32 -2.49
N ALA A 170 -9.92 47.99 -2.42
CA ALA A 170 -11.23 47.38 -2.50
C ALA A 170 -12.02 48.03 -3.64
N ASP A 171 -11.28 48.51 -4.65
CA ASP A 171 -11.85 49.17 -5.82
C ASP A 171 -12.93 48.33 -6.49
N GLU A 172 -14.19 48.67 -6.24
CA GLU A 172 -15.31 47.94 -6.82
C GLU A 172 -15.35 48.05 -8.34
N LYS A 173 -14.93 49.19 -8.85
CA LYS A 173 -14.92 49.44 -10.29
C LYS A 173 -13.94 48.53 -11.01
N GLU A 174 -12.70 48.48 -10.55
CA GLU A 174 -11.67 47.65 -11.16
C GLU A 174 -12.08 46.18 -11.15
N TYR A 175 -12.57 45.69 -10.02
CA TYR A 175 -13.00 44.31 -9.94
C TYR A 175 -14.00 43.98 -11.04
N PHE A 176 -14.97 44.87 -11.24
CA PHE A 176 -15.99 44.66 -12.26
C PHE A 176 -15.34 44.57 -13.64
N LYS A 177 -14.27 45.32 -13.84
CA LYS A 177 -13.58 45.29 -15.12
C LYS A 177 -12.81 43.98 -15.22
N LEU A 178 -11.95 43.73 -14.23
CA LEU A 178 -11.16 42.50 -14.20
C LEU A 178 -12.11 41.32 -14.41
N TYR A 179 -13.26 41.36 -13.76
CA TYR A 179 -14.25 40.29 -13.90
C TYR A 179 -14.81 40.25 -15.32
N LYS A 180 -15.06 41.43 -15.89
CA LYS A 180 -15.60 41.50 -17.25
C LYS A 180 -14.63 40.81 -18.19
N VAL A 181 -13.39 41.28 -18.18
CA VAL A 181 -12.34 40.71 -19.01
C VAL A 181 -12.18 39.22 -18.77
N THR A 182 -11.96 38.84 -17.51
CA THR A 182 -11.77 37.45 -17.15
C THR A 182 -12.93 36.55 -17.55
N ALA A 183 -14.14 36.94 -17.15
CA ALA A 183 -15.33 36.16 -17.48
C ALA A 183 -15.50 36.07 -18.98
N LYS A 184 -14.93 37.02 -19.69
CA LYS A 184 -15.01 37.06 -21.14
C LYS A 184 -14.02 36.08 -21.76
N ALA A 185 -12.74 36.30 -21.49
CA ALA A 185 -11.68 35.44 -22.00
C ALA A 185 -11.99 33.96 -21.78
N ILE A 186 -12.64 33.66 -20.66
CA ILE A 186 -13.02 32.28 -20.36
C ILE A 186 -14.04 31.83 -21.38
N LYS A 187 -15.08 32.63 -21.56
CA LYS A 187 -16.13 32.32 -22.51
C LYS A 187 -15.60 32.15 -23.93
N GLU A 188 -14.62 32.98 -24.31
CA GLU A 188 -14.05 32.87 -25.64
C GLU A 188 -13.46 31.48 -25.85
N VAL A 189 -13.00 30.85 -24.76
CA VAL A 189 -12.44 29.51 -24.85
C VAL A 189 -13.60 28.54 -25.09
N ASN A 190 -14.67 28.73 -24.33
CA ASN A 190 -15.85 27.90 -24.45
C ASN A 190 -17.01 28.56 -23.69
N GLU A 191 -18.12 28.74 -24.38
CA GLU A 191 -19.31 29.40 -23.81
C GLU A 191 -20.02 28.66 -22.68
N ASN A 192 -19.67 27.41 -22.45
CA ASN A 192 -20.31 26.63 -21.40
C ASN A 192 -19.50 26.55 -20.12
N LEU A 193 -18.37 27.24 -20.08
CA LEU A 193 -17.54 27.24 -18.87
C LEU A 193 -18.20 28.18 -17.86
N LYS A 194 -18.67 27.60 -16.75
CA LYS A 194 -19.33 28.36 -15.69
C LYS A 194 -18.40 29.40 -15.08
N VAL A 195 -18.90 30.62 -14.93
CA VAL A 195 -18.11 31.71 -14.35
C VAL A 195 -18.97 32.44 -13.32
N GLY A 196 -18.32 33.03 -12.32
CA GLY A 196 -19.09 33.73 -11.30
C GLY A 196 -18.30 34.62 -10.37
N GLY A 197 -19.01 35.17 -9.39
CA GLY A 197 -18.41 36.06 -8.41
C GLY A 197 -19.53 36.63 -7.55
N PRO A 198 -19.28 37.71 -6.80
CA PRO A 198 -18.00 38.41 -6.68
C PRO A 198 -17.13 37.87 -5.56
N ALA A 199 -17.59 36.79 -4.92
CA ALA A 199 -16.85 36.14 -3.83
C ALA A 199 -16.42 37.12 -2.74
N ILE A 200 -17.37 37.92 -2.28
CA ILE A 200 -17.10 38.90 -1.24
C ILE A 200 -17.46 38.32 0.13
N CYS A 201 -16.88 38.90 1.19
CA CYS A 201 -17.19 38.45 2.53
C CYS A 201 -18.43 39.20 2.98
N GLY A 202 -19.07 38.72 4.03
CA GLY A 202 -20.28 39.36 4.52
C GLY A 202 -20.18 40.84 4.84
N GLY A 203 -21.33 41.48 5.02
CA GLY A 203 -21.35 42.89 5.35
C GLY A 203 -21.50 43.83 4.18
N ALA A 204 -20.75 43.57 3.10
CA ALA A 204 -20.79 44.41 1.91
C ALA A 204 -21.66 43.82 0.80
N ASP A 205 -22.86 43.35 1.16
CA ASP A 205 -23.75 42.75 0.19
C ASP A 205 -24.17 43.71 -0.92
N TYR A 206 -23.90 44.99 -0.75
CA TYR A 206 -24.27 45.93 -1.80
C TYR A 206 -23.46 45.56 -3.05
N TRP A 207 -22.34 44.88 -2.83
CA TRP A 207 -21.49 44.43 -3.92
C TRP A 207 -22.21 43.47 -4.85
N ILE A 208 -22.94 42.51 -4.28
CA ILE A 208 -23.66 41.56 -5.10
C ILE A 208 -24.71 42.24 -5.98
N GLU A 209 -25.36 43.28 -5.46
CA GLU A 209 -26.36 43.99 -6.23
C GLU A 209 -25.71 44.77 -7.37
N ASP A 210 -24.65 45.50 -7.04
CA ASP A 210 -23.93 46.27 -8.05
C ASP A 210 -23.27 45.33 -9.05
N PHE A 211 -23.06 44.09 -8.64
CA PHE A 211 -22.44 43.10 -9.50
C PHE A 211 -23.47 42.55 -10.48
N LEU A 212 -24.62 42.13 -9.95
CA LEU A 212 -25.70 41.58 -10.77
C LEU A 212 -26.36 42.64 -11.66
N ASN A 213 -26.02 43.91 -11.45
CA ASN A 213 -26.57 44.97 -12.28
C ASN A 213 -25.51 45.34 -13.30
N PHE A 214 -24.25 45.18 -12.91
CA PHE A 214 -23.13 45.48 -13.80
C PHE A 214 -23.21 44.51 -14.98
N CYS A 215 -23.36 43.24 -14.65
CA CYS A 215 -23.47 42.19 -15.66
C CYS A 215 -24.63 42.48 -16.60
N TYR A 216 -25.81 42.67 -16.00
CA TYR A 216 -27.02 42.95 -16.74
C TYR A 216 -26.88 44.08 -17.75
N GLU A 217 -26.36 45.22 -17.29
CA GLU A 217 -26.20 46.38 -18.14
C GLU A 217 -25.03 46.38 -19.11
N GLU A 218 -23.86 45.94 -18.66
CA GLU A 218 -22.68 45.92 -19.54
C GLU A 218 -22.62 44.63 -20.36
N ASN A 219 -23.62 43.78 -20.20
CA ASN A 219 -23.71 42.53 -20.94
C ASN A 219 -22.49 41.63 -20.71
N VAL A 220 -22.29 41.26 -19.45
CA VAL A 220 -21.18 40.41 -19.05
C VAL A 220 -21.78 39.11 -18.52
N PRO A 221 -21.28 37.96 -18.98
CA PRO A 221 -21.79 36.66 -18.53
C PRO A 221 -21.62 36.36 -17.04
N VAL A 222 -22.57 35.59 -16.51
CA VAL A 222 -22.56 35.17 -15.12
C VAL A 222 -23.33 33.88 -14.99
N ASP A 223 -22.73 32.90 -14.35
CA ASP A 223 -23.38 31.60 -14.18
C ASP A 223 -23.64 31.30 -12.71
N PHE A 224 -23.08 32.11 -11.82
CA PHE A 224 -23.30 31.90 -10.39
C PHE A 224 -22.82 33.07 -9.53
N VAL A 225 -23.37 33.16 -8.32
CA VAL A 225 -22.97 34.19 -7.37
C VAL A 225 -22.29 33.49 -6.21
N SER A 226 -21.14 34.01 -5.79
CA SER A 226 -20.40 33.43 -4.67
C SER A 226 -20.19 34.44 -3.56
N ARG A 227 -20.32 33.97 -2.32
CA ARG A 227 -20.15 34.81 -1.15
C ARG A 227 -19.64 33.95 0.03
N HIS A 228 -19.04 34.62 1.01
CA HIS A 228 -18.51 33.94 2.19
C HIS A 228 -19.33 34.29 3.43
N ALA A 229 -19.24 33.45 4.45
CA ALA A 229 -19.98 33.69 5.68
C ALA A 229 -19.18 33.30 6.92
N TYR A 230 -19.16 34.20 7.91
CA TYR A 230 -18.46 33.98 9.16
C TYR A 230 -19.23 34.63 10.31
N THR A 231 -19.25 33.96 11.46
CA THR A 231 -19.96 34.48 12.62
C THR A 231 -19.05 34.89 13.77
N SER A 232 -17.77 35.09 13.47
CA SER A 232 -16.83 35.50 14.50
C SER A 232 -16.71 37.01 14.55
N LYS A 233 -16.74 37.55 15.76
CA LYS A 233 -16.61 38.98 15.95
C LYS A 233 -15.13 39.34 15.85
N GLN A 234 -14.84 40.63 15.84
CA GLN A 234 -13.47 41.11 15.76
C GLN A 234 -12.67 40.64 16.96
N GLY A 235 -11.35 40.63 16.84
CA GLY A 235 -10.51 40.22 17.95
C GLY A 235 -9.19 40.94 17.88
N GLU A 236 -8.27 40.58 18.78
CA GLU A 236 -6.97 41.22 18.81
C GLU A 236 -5.85 40.18 18.91
N TYR A 237 -5.27 39.88 17.76
CA TYR A 237 -4.19 38.91 17.69
C TYR A 237 -3.07 39.13 18.69
N THR A 238 -2.52 38.01 19.18
CA THR A 238 -1.35 38.04 20.04
C THR A 238 -0.43 37.47 18.96
N PRO A 239 0.89 37.53 19.15
CA PRO A 239 1.72 36.96 18.07
C PRO A 239 1.51 35.46 17.81
N HIS A 240 0.70 34.80 18.64
CA HIS A 240 0.47 33.37 18.50
C HIS A 240 -0.95 32.94 18.16
N LEU A 241 -1.93 33.66 18.69
CA LEU A 241 -3.32 33.31 18.43
C LEU A 241 -4.28 34.47 18.58
N ILE A 242 -5.56 34.17 18.51
CA ILE A 242 -6.60 35.17 18.65
C ILE A 242 -7.88 34.51 19.11
N TYR A 243 -8.62 35.17 19.99
CA TYR A 243 -9.90 34.65 20.46
C TYR A 243 -10.98 35.59 19.96
N GLN A 244 -12.11 35.03 19.58
CA GLN A 244 -13.20 35.85 19.08
C GLN A 244 -14.53 35.28 19.49
N GLU A 245 -15.43 36.14 19.96
CA GLU A 245 -16.75 35.69 20.34
C GLU A 245 -17.43 35.22 19.06
N ILE A 246 -18.06 34.03 19.10
CA ILE A 246 -18.76 33.53 17.93
C ILE A 246 -20.25 33.71 18.12
N MET A 247 -20.88 34.39 17.18
CA MET A 247 -22.31 34.65 17.23
C MET A 247 -23.05 33.37 16.85
N PRO A 248 -24.32 33.25 17.24
CA PRO A 248 -25.11 32.06 16.91
C PRO A 248 -25.23 31.77 15.42
N SER A 249 -25.34 30.49 15.08
CA SER A 249 -25.45 30.06 13.69
C SER A 249 -26.54 30.82 12.95
N GLU A 250 -27.57 31.24 13.70
CA GLU A 250 -28.69 31.99 13.15
C GLU A 250 -28.24 33.16 12.27
N TYR A 251 -27.18 33.84 12.70
CA TYR A 251 -26.67 34.97 11.94
C TYR A 251 -26.23 34.54 10.55
N MET A 252 -25.56 33.39 10.45
CA MET A 252 -25.10 32.90 9.16
C MET A 252 -26.26 32.45 8.29
N LEU A 253 -27.15 31.64 8.85
CA LEU A 253 -28.31 31.16 8.09
C LEU A 253 -29.11 32.32 7.53
N ASN A 254 -29.30 33.35 8.33
CA ASN A 254 -30.06 34.52 7.89
C ASN A 254 -29.40 35.19 6.69
N GLU A 255 -28.06 35.22 6.69
CA GLU A 255 -27.34 35.84 5.58
C GLU A 255 -27.52 35.02 4.31
N PHE A 256 -27.55 33.69 4.46
CA PHE A 256 -27.75 32.80 3.31
C PHE A 256 -29.14 33.11 2.78
N LYS A 257 -30.09 33.21 3.70
CA LYS A 257 -31.48 33.48 3.37
C LYS A 257 -31.67 34.88 2.79
N THR A 258 -30.81 35.81 3.22
CA THR A 258 -30.86 37.19 2.76
C THR A 258 -30.32 37.35 1.35
N VAL A 259 -29.03 37.06 1.18
CA VAL A 259 -28.38 37.20 -0.13
C VAL A 259 -29.11 36.42 -1.23
N ARG A 260 -29.77 35.33 -0.84
CA ARG A 260 -30.50 34.50 -1.80
C ARG A 260 -31.72 35.27 -2.31
N GLU A 261 -32.19 36.21 -1.49
CA GLU A 261 -33.34 37.02 -1.84
C GLU A 261 -32.91 38.11 -2.81
N ILE A 262 -31.72 38.66 -2.58
CA ILE A 262 -31.21 39.71 -3.46
C ILE A 262 -31.11 39.19 -4.88
N ILE A 263 -30.82 37.89 -5.02
CA ILE A 263 -30.69 37.29 -6.35
C ILE A 263 -32.04 37.06 -6.99
N LYS A 264 -33.01 36.55 -6.23
CA LYS A 264 -34.33 36.31 -6.77
C LYS A 264 -35.03 37.63 -7.07
N ASN A 265 -34.46 38.72 -6.55
CA ASN A 265 -35.02 40.05 -6.78
C ASN A 265 -34.28 40.80 -7.87
N SER A 266 -33.15 40.24 -8.31
CA SER A 266 -32.35 40.88 -9.35
C SER A 266 -32.75 40.45 -10.76
N HIS A 267 -31.96 40.89 -11.73
CA HIS A 267 -32.19 40.56 -13.13
C HIS A 267 -31.87 39.10 -13.39
N PHE A 268 -30.98 38.54 -12.57
CA PHE A 268 -30.59 37.14 -12.69
C PHE A 268 -31.18 36.39 -11.50
N PRO A 269 -32.50 36.20 -11.49
CA PRO A 269 -33.24 35.51 -10.42
C PRO A 269 -33.01 34.02 -10.29
N ASN A 270 -32.48 33.39 -11.33
CA ASN A 270 -32.25 31.95 -11.26
C ASN A 270 -30.81 31.53 -11.13
N LEU A 271 -29.94 32.47 -10.81
CA LEU A 271 -28.52 32.17 -10.64
C LEU A 271 -28.28 31.30 -9.42
N PRO A 272 -27.35 30.35 -9.53
CA PRO A 272 -27.07 29.49 -8.38
C PRO A 272 -26.29 30.31 -7.36
N PHE A 273 -26.42 29.96 -6.09
CA PHE A 273 -25.73 30.69 -5.03
C PHE A 273 -24.73 29.77 -4.37
N HIS A 274 -23.46 30.19 -4.36
CA HIS A 274 -22.40 29.39 -3.76
C HIS A 274 -21.67 30.08 -2.62
N ILE A 275 -21.68 29.45 -1.46
CA ILE A 275 -20.96 29.97 -0.29
C ILE A 275 -19.61 29.26 -0.39
N THR A 276 -18.70 29.87 -1.14
CA THR A 276 -17.38 29.31 -1.37
C THR A 276 -16.40 29.34 -0.21
N GLU A 277 -16.84 29.82 0.95
CA GLU A 277 -15.94 29.88 2.09
C GLU A 277 -16.66 30.26 3.38
N TYR A 278 -16.69 29.33 4.33
CA TYR A 278 -17.36 29.60 5.60
C TYR A 278 -16.80 28.77 6.75
N ASN A 279 -17.09 29.24 7.97
CA ASN A 279 -16.66 28.59 9.22
C ASN A 279 -17.09 29.57 10.31
N THR A 280 -16.85 29.23 11.57
CA THR A 280 -17.21 30.11 12.66
C THR A 280 -16.27 31.32 12.61
N SER A 281 -15.00 31.09 12.90
CA SER A 281 -14.01 32.15 12.88
C SER A 281 -13.28 32.18 11.55
N TYR A 282 -13.01 33.38 11.05
CA TYR A 282 -12.32 33.54 9.78
C TYR A 282 -10.80 33.63 9.99
N SER A 283 -10.35 33.21 11.15
CA SER A 283 -8.92 33.26 11.47
C SER A 283 -8.29 31.87 11.57
N PRO A 284 -7.09 31.69 10.99
CA PRO A 284 -6.39 30.40 11.03
C PRO A 284 -5.67 30.14 12.36
N GLN A 285 -5.97 30.97 13.36
CA GLN A 285 -5.36 30.82 14.68
C GLN A 285 -6.36 31.03 15.81
N ASN A 286 -7.61 30.66 15.57
CA ASN A 286 -8.60 30.80 16.60
C ASN A 286 -8.94 29.41 17.13
N PRO A 287 -8.45 29.09 18.33
CA PRO A 287 -8.65 27.80 19.01
C PRO A 287 -10.06 27.21 18.86
N VAL A 288 -11.05 28.06 18.66
CA VAL A 288 -12.42 27.57 18.54
C VAL A 288 -12.59 26.48 17.45
N HIS A 289 -11.82 26.56 16.38
CA HIS A 289 -11.91 25.58 15.30
C HIS A 289 -11.57 24.16 15.76
N ASP A 290 -10.59 24.06 16.68
CA ASP A 290 -10.14 22.76 17.20
C ASP A 290 -11.07 22.13 18.23
N THR A 291 -12.11 22.85 18.62
CA THR A 291 -13.00 22.39 19.68
C THR A 291 -14.28 21.60 19.40
N PRO A 292 -14.81 20.91 20.43
CA PRO A 292 -16.04 20.13 20.32
C PRO A 292 -17.19 21.11 20.06
N PHE A 293 -17.02 22.33 20.54
CA PHE A 293 -18.04 23.37 20.34
C PHE A 293 -18.21 23.65 18.85
N ASN A 294 -17.09 23.93 18.19
CA ASN A 294 -17.12 24.24 16.77
C ASN A 294 -17.85 23.17 15.97
N ALA A 295 -17.88 21.95 16.50
CA ALA A 295 -18.53 20.83 15.82
C ALA A 295 -20.03 20.76 16.03
N ALA A 296 -20.47 21.05 17.25
CA ALA A 296 -21.90 21.03 17.56
C ALA A 296 -22.54 22.27 16.95
N TYR A 297 -21.72 23.29 16.73
CA TYR A 297 -22.18 24.55 16.15
C TYR A 297 -22.45 24.40 14.66
N ILE A 298 -21.49 23.81 13.96
CA ILE A 298 -21.59 23.60 12.52
C ILE A 298 -22.64 22.56 12.15
N ALA A 299 -23.04 21.74 13.12
CA ALA A 299 -24.04 20.72 12.86
C ALA A 299 -25.30 21.32 12.25
N ARG A 300 -25.85 22.35 12.89
CA ARG A 300 -27.08 22.97 12.41
C ARG A 300 -26.96 23.56 11.00
N ILE A 301 -25.79 24.07 10.66
CA ILE A 301 -25.60 24.65 9.33
C ILE A 301 -25.61 23.56 8.25
N LEU A 302 -24.89 22.46 8.49
CA LEU A 302 -24.89 21.38 7.51
C LEU A 302 -26.33 20.94 7.34
N SER A 303 -27.10 21.10 8.41
CA SER A 303 -28.51 20.73 8.44
C SER A 303 -29.48 21.67 7.73
N GLU A 304 -29.17 22.97 7.71
CA GLU A 304 -30.06 23.96 7.10
C GLU A 304 -29.48 24.76 5.93
N GLY A 305 -28.17 24.90 5.90
CA GLY A 305 -27.55 25.66 4.82
C GLY A 305 -28.11 25.31 3.45
N GLY A 306 -28.27 24.01 3.20
CA GLY A 306 -28.78 23.53 1.92
C GLY A 306 -30.10 24.14 1.46
N ASP A 307 -30.87 24.67 2.40
CA ASP A 307 -32.16 25.27 2.07
C ASP A 307 -32.06 26.60 1.35
N TYR A 308 -30.87 27.20 1.35
CA TYR A 308 -30.69 28.52 0.74
C TYR A 308 -29.60 28.64 -0.31
N VAL A 309 -28.62 27.75 -0.27
CA VAL A 309 -27.53 27.83 -1.23
C VAL A 309 -27.33 26.53 -2.01
N ASP A 310 -26.66 26.65 -3.15
CA ASP A 310 -26.38 25.48 -3.98
C ASP A 310 -25.17 24.75 -3.43
N SER A 311 -24.49 25.39 -2.47
CA SER A 311 -23.32 24.80 -1.83
C SER A 311 -22.72 25.77 -0.83
N PHE A 312 -22.02 25.21 0.16
CA PHE A 312 -21.34 25.98 1.18
C PHE A 312 -20.10 25.19 1.59
N SER A 313 -18.94 25.75 1.23
CA SER A 313 -17.65 25.12 1.46
C SER A 313 -16.91 25.42 2.77
N TYR A 314 -16.82 24.41 3.62
CA TYR A 314 -16.13 24.56 4.90
C TYR A 314 -14.65 24.90 4.70
N TRP A 315 -14.26 26.05 5.21
CA TRP A 315 -12.88 26.52 5.10
C TRP A 315 -12.19 26.17 6.43
N THR A 316 -11.33 25.15 6.47
CA THR A 316 -10.95 24.31 5.33
C THR A 316 -11.02 22.81 5.65
N PHE A 317 -10.43 21.97 4.78
CA PHE A 317 -10.44 20.53 5.03
C PHE A 317 -9.26 20.09 5.90
N SER A 318 -8.19 20.89 5.90
CA SER A 318 -7.00 20.53 6.67
C SER A 318 -6.22 21.71 7.23
N ASP A 319 -5.47 21.45 8.29
CA ASP A 319 -4.64 22.47 8.91
C ASP A 319 -3.38 22.76 8.08
N VAL A 320 -3.21 22.08 6.95
CA VAL A 320 -2.06 22.35 6.10
C VAL A 320 -2.42 23.73 5.53
N PHE A 321 -1.87 24.77 6.16
CA PHE A 321 -2.15 26.16 5.83
C PHE A 321 -0.90 27.01 6.12
N GLU A 322 -0.84 28.21 5.56
CA GLU A 322 0.32 29.09 5.76
C GLU A 322 0.00 30.58 5.72
N GLU A 323 -1.28 30.94 5.64
CA GLU A 323 -1.63 32.35 5.57
C GLU A 323 -0.94 33.16 6.66
N ARG A 324 -0.84 32.59 7.85
CA ARG A 324 -0.17 33.28 8.94
C ARG A 324 1.06 32.50 9.40
N ASP A 325 1.83 32.06 8.41
CA ASP A 325 3.07 31.31 8.61
C ASP A 325 2.82 29.84 8.92
N VAL A 326 3.91 29.11 9.08
CA VAL A 326 3.83 27.69 9.38
C VAL A 326 3.24 27.50 10.78
N PRO A 327 2.27 26.59 10.93
CA PRO A 327 1.70 26.40 12.27
C PRO A 327 2.80 26.09 13.28
N ARG A 328 2.59 26.49 14.52
CA ARG A 328 3.58 26.30 15.56
C ARG A 328 3.23 25.24 16.61
N SER A 329 2.13 24.52 16.40
CA SER A 329 1.74 23.47 17.33
C SER A 329 0.67 22.55 16.78
N GLN A 330 0.61 21.34 17.33
CA GLN A 330 -0.35 20.31 16.94
C GLN A 330 -1.78 20.88 16.86
N PHE A 331 -2.12 21.75 17.78
CA PHE A 331 -3.43 22.42 17.76
C PHE A 331 -3.13 23.90 17.86
N HIS A 332 -3.59 24.67 16.88
CA HIS A 332 -3.30 26.09 16.84
C HIS A 332 -4.48 26.89 16.30
N GLY A 333 -5.67 26.30 16.36
CA GLY A 333 -6.85 26.98 15.86
C GLY A 333 -6.91 27.13 14.36
N GLY A 334 -6.32 26.16 13.64
CA GLY A 334 -6.34 26.21 12.19
C GLY A 334 -7.75 25.92 11.69
N PHE A 335 -8.02 26.29 10.44
CA PHE A 335 -9.34 26.10 9.81
C PHE A 335 -9.72 24.64 9.58
N GLY A 336 -8.71 23.78 9.51
CA GLY A 336 -8.93 22.37 9.21
C GLY A 336 -9.95 21.54 9.96
N LEU A 337 -10.49 20.54 9.29
CA LEU A 337 -11.45 19.59 9.86
C LEU A 337 -10.56 18.51 10.43
N VAL A 338 -9.36 18.45 9.86
CA VAL A 338 -8.36 17.49 10.24
C VAL A 338 -7.08 18.23 10.62
N ALA A 339 -6.61 17.97 11.83
CA ALA A 339 -5.39 18.56 12.34
C ALA A 339 -4.20 17.83 11.72
N LEU A 340 -3.03 18.45 11.74
CA LEU A 340 -1.84 17.83 11.19
C LEU A 340 -1.66 16.41 11.72
N ASN A 341 -0.87 15.62 11.01
CA ASN A 341 -0.63 14.21 11.35
C ASN A 341 -1.95 13.46 11.26
N MET A 342 -2.81 13.94 10.36
CA MET A 342 -4.13 13.36 10.11
C MET A 342 -4.93 13.04 11.36
N ILE A 343 -5.03 14.00 12.25
CA ILE A 343 -5.80 13.81 13.46
C ILE A 343 -7.11 14.56 13.24
N PRO A 344 -8.21 13.84 13.10
CA PRO A 344 -9.51 14.50 12.88
C PRO A 344 -10.01 15.30 14.09
N LYS A 345 -10.51 16.50 13.84
CA LYS A 345 -11.03 17.34 14.91
C LYS A 345 -12.49 16.92 15.05
N PRO A 346 -13.15 17.31 16.14
CA PRO A 346 -14.56 16.90 16.27
C PRO A 346 -15.46 17.38 15.12
N THR A 347 -15.11 18.50 14.48
CA THR A 347 -15.95 18.96 13.37
C THR A 347 -15.92 17.94 12.24
N PHE A 348 -14.76 17.32 12.03
CA PHE A 348 -14.63 16.31 10.99
C PHE A 348 -15.75 15.28 11.11
N TYR A 349 -16.04 14.84 12.33
CA TYR A 349 -17.09 13.83 12.51
C TYR A 349 -18.50 14.35 12.37
N THR A 350 -18.67 15.67 12.34
CA THR A 350 -20.00 16.22 12.15
C THR A 350 -20.36 15.99 10.70
N PHE A 351 -19.40 16.26 9.81
CA PHE A 351 -19.60 16.05 8.38
C PHE A 351 -19.75 14.53 8.16
N LYS A 352 -18.85 13.77 8.77
CA LYS A 352 -18.87 12.32 8.64
C LYS A 352 -20.24 11.77 9.01
N PHE A 353 -20.79 12.25 10.12
CA PHE A 353 -22.10 11.80 10.59
C PHE A 353 -23.21 12.06 9.59
N PHE A 354 -23.11 13.16 8.86
CA PHE A 354 -24.15 13.49 7.90
C PHE A 354 -24.27 12.53 6.71
N ASN A 355 -23.25 11.68 6.50
CA ASN A 355 -23.31 10.72 5.41
C ASN A 355 -24.48 9.77 5.65
N ALA A 356 -24.74 9.48 6.92
CA ALA A 356 -25.82 8.59 7.31
C ALA A 356 -27.20 9.16 6.96
N MET A 357 -27.25 10.42 6.53
CA MET A 357 -28.52 11.06 6.20
C MET A 357 -29.12 10.63 4.88
N GLY A 358 -30.43 10.40 4.88
CA GLY A 358 -31.13 10.04 3.66
C GLY A 358 -31.60 11.34 3.01
N GLU A 359 -32.46 11.25 2.01
CA GLU A 359 -32.96 12.44 1.33
C GLU A 359 -34.37 12.77 1.78
N GLU A 360 -35.01 11.80 2.41
CA GLU A 360 -36.37 11.95 2.93
C GLU A 360 -36.34 12.54 4.32
N MET A 361 -36.43 13.87 4.42
CA MET A 361 -36.41 14.54 5.72
C MET A 361 -37.74 14.42 6.44
N LEU A 362 -37.75 13.64 7.53
CA LEU A 362 -38.96 13.44 8.32
C LEU A 362 -39.17 14.53 9.37
N TYR A 363 -38.09 15.06 9.91
CA TYR A 363 -38.18 16.10 10.93
C TYR A 363 -36.90 16.91 11.07
N ARG A 364 -37.04 18.08 11.67
CA ARG A 364 -35.91 18.95 11.89
C ARG A 364 -36.25 20.19 12.70
N ASP A 365 -35.36 20.54 13.62
CA ASP A 365 -35.52 21.75 14.41
C ASP A 365 -34.12 22.34 14.54
N GLU A 366 -33.95 23.32 15.40
CA GLU A 366 -32.64 23.96 15.55
C GLU A 366 -31.55 23.10 16.15
N HIS A 367 -31.92 21.94 16.69
CA HIS A 367 -30.94 21.06 17.30
C HIS A 367 -31.09 19.59 16.92
N MET A 368 -31.86 19.32 15.86
CA MET A 368 -32.07 17.94 15.44
C MET A 368 -32.48 17.78 13.96
N LEU A 369 -32.16 16.64 13.39
CA LEU A 369 -32.49 16.35 12.00
C LEU A 369 -32.71 14.85 11.86
N VAL A 370 -33.87 14.47 11.35
CA VAL A 370 -34.16 13.06 11.17
C VAL A 370 -34.53 12.77 9.72
N THR A 371 -33.82 11.84 9.11
CA THR A 371 -34.10 11.47 7.72
C THR A 371 -34.25 9.96 7.59
N ARG A 372 -34.93 9.54 6.53
CA ARG A 372 -35.14 8.12 6.27
C ARG A 372 -34.45 7.79 4.95
N ARG A 373 -33.65 6.73 4.95
CA ARG A 373 -32.94 6.33 3.73
C ARG A 373 -33.82 5.44 2.86
N ASP A 374 -33.39 5.27 1.62
CA ASP A 374 -34.12 4.44 0.65
C ASP A 374 -34.55 3.08 1.17
N ASP A 375 -33.61 2.33 1.75
CA ASP A 375 -33.91 1.00 2.25
C ASP A 375 -34.92 0.97 3.40
N GLY A 376 -35.35 2.14 3.82
CA GLY A 376 -36.32 2.21 4.90
C GLY A 376 -35.75 2.62 6.25
N SER A 377 -34.50 2.23 6.52
CA SER A 377 -33.86 2.56 7.79
C SER A 377 -33.91 4.06 8.03
N VAL A 378 -33.88 4.46 9.31
CA VAL A 378 -33.93 5.87 9.67
C VAL A 378 -32.66 6.33 10.39
N ALA A 379 -32.27 7.58 10.17
CA ALA A 379 -31.08 8.13 10.80
C ALA A 379 -31.39 9.46 11.49
N LEU A 380 -30.77 9.67 12.64
CA LEU A 380 -31.00 10.90 13.39
C LEU A 380 -29.72 11.55 13.88
N ILE A 381 -29.66 12.87 13.77
CA ILE A 381 -28.52 13.64 14.25
C ILE A 381 -29.04 14.78 15.11
N ALA A 382 -28.54 14.85 16.34
CA ALA A 382 -28.93 15.89 17.28
C ALA A 382 -27.65 16.49 17.82
N TRP A 383 -27.61 17.81 17.96
CA TRP A 383 -26.43 18.50 18.46
C TRP A 383 -26.79 19.46 19.59
N ASN A 384 -25.85 19.67 20.52
CA ASN A 384 -26.09 20.53 21.66
C ASN A 384 -24.93 21.48 21.89
N GLU A 385 -24.84 22.54 21.09
CA GLU A 385 -23.75 23.49 21.26
C GLU A 385 -24.03 24.38 22.47
N VAL A 386 -22.99 24.68 23.24
CA VAL A 386 -23.12 25.54 24.41
C VAL A 386 -22.53 26.90 24.04
N MET A 387 -23.41 27.77 23.56
CA MET A 387 -23.04 29.11 23.11
C MET A 387 -22.35 30.01 24.13
N ASP A 388 -22.92 30.09 25.32
CA ASP A 388 -22.37 30.93 26.38
C ASP A 388 -22.06 30.11 27.61
N LYS A 389 -21.76 30.80 28.70
CA LYS A 389 -21.46 30.12 29.94
C LYS A 389 -22.74 29.92 30.72
N THR A 390 -23.02 28.66 31.02
CA THR A 390 -24.21 28.27 31.77
C THR A 390 -23.78 27.17 32.73
N GLU A 391 -24.66 26.83 33.66
CA GLU A 391 -24.36 25.79 34.63
C GLU A 391 -25.21 24.56 34.41
N ASN A 392 -26.01 24.60 33.35
CA ASN A 392 -26.86 23.50 32.97
C ASN A 392 -26.66 23.30 31.46
N PRO A 393 -25.47 22.83 31.06
CA PRO A 393 -25.12 22.61 29.66
C PRO A 393 -25.84 21.41 29.02
N ASP A 394 -26.01 20.34 29.80
CA ASP A 394 -26.67 19.13 29.31
C ASP A 394 -28.08 19.32 28.78
N GLU A 395 -28.48 18.42 27.90
CA GLU A 395 -29.82 18.47 27.31
C GLU A 395 -30.40 17.07 27.21
N ASP A 396 -31.66 16.92 27.62
CA ASP A 396 -32.34 15.63 27.59
C ASP A 396 -33.25 15.54 26.37
N TYR A 397 -33.40 14.33 25.86
CA TYR A 397 -34.23 14.09 24.69
C TYR A 397 -35.12 12.88 24.84
N GLU A 398 -36.22 12.89 24.08
CA GLU A 398 -37.17 11.81 24.03
C GLU A 398 -37.82 11.96 22.67
N VAL A 399 -37.44 11.10 21.73
CA VAL A 399 -37.95 11.16 20.36
C VAL A 399 -38.58 9.86 19.90
N GLU A 400 -39.82 9.94 19.44
CA GLU A 400 -40.52 8.77 18.93
C GLU A 400 -40.28 8.78 17.42
N ILE A 401 -39.52 7.82 16.93
CA ILE A 401 -39.21 7.74 15.51
C ILE A 401 -40.03 6.66 14.82
N PRO A 402 -40.65 7.00 13.68
CA PRO A 402 -41.44 6.02 12.94
C PRO A 402 -40.53 4.97 12.30
N VAL A 403 -40.74 3.71 12.66
CA VAL A 403 -39.92 2.62 12.14
C VAL A 403 -40.73 1.61 11.34
N ARG A 404 -40.38 1.52 10.07
CA ARG A 404 -41.01 0.61 9.11
C ARG A 404 -41.03 -0.85 9.58
N PHE A 405 -39.89 -1.32 10.07
CA PHE A 405 -39.77 -2.71 10.53
C PHE A 405 -40.15 -2.91 11.99
N ARG A 406 -40.21 -4.18 12.39
CA ARG A 406 -40.58 -4.55 13.75
C ARG A 406 -39.41 -4.83 14.68
N ASP A 407 -38.27 -5.22 14.11
CA ASP A 407 -37.07 -5.49 14.91
C ASP A 407 -35.99 -4.52 14.48
N VAL A 408 -35.51 -3.72 15.43
CA VAL A 408 -34.52 -2.70 15.13
C VAL A 408 -33.12 -2.93 15.69
N PHE A 409 -32.13 -2.56 14.89
CA PHE A 409 -30.74 -2.64 15.33
C PHE A 409 -30.35 -1.17 15.45
N ILE A 410 -29.79 -0.80 16.60
CA ILE A 410 -29.40 0.58 16.83
C ILE A 410 -27.91 0.79 16.95
N LYS A 411 -27.38 1.64 16.08
CA LYS A 411 -25.96 1.97 16.07
C LYS A 411 -25.86 3.44 16.44
N ARG A 412 -25.29 3.72 17.62
CA ARG A 412 -25.15 5.07 18.12
C ARG A 412 -23.70 5.54 18.10
N GLN A 413 -23.47 6.74 17.55
CA GLN A 413 -22.13 7.31 17.50
C GLN A 413 -22.21 8.66 18.19
N LEU A 414 -21.22 8.98 19.01
CA LEU A 414 -21.26 10.23 19.75
C LEU A 414 -19.92 10.91 19.92
N ILE A 415 -19.95 12.24 19.85
CA ILE A 415 -18.74 13.04 20.05
C ILE A 415 -19.11 14.15 21.00
N ASP A 416 -18.21 14.46 21.94
CA ASP A 416 -18.43 15.53 22.89
C ASP A 416 -17.11 15.85 23.57
N GLU A 417 -17.15 16.54 24.70
CA GLU A 417 -15.94 16.92 25.40
C GLU A 417 -15.10 15.73 25.84
N GLU A 418 -15.74 14.60 26.10
CA GLU A 418 -15.03 13.39 26.54
C GLU A 418 -14.82 12.35 25.42
N HIS A 419 -15.56 12.47 24.32
CA HIS A 419 -15.43 11.52 23.21
C HIS A 419 -15.14 12.20 21.86
N GLY A 420 -14.00 11.84 21.26
CA GLY A 420 -13.61 12.42 19.99
C GLY A 420 -13.06 13.83 20.13
N ASN A 421 -12.48 14.11 21.30
CA ASN A 421 -11.93 15.43 21.60
C ASN A 421 -10.40 15.39 21.77
N PRO A 422 -9.65 15.22 20.67
CA PRO A 422 -8.18 15.16 20.77
C PRO A 422 -7.57 16.44 21.35
N TRP A 423 -8.28 17.55 21.23
CA TRP A 423 -7.82 18.82 21.78
C TRP A 423 -7.70 18.74 23.31
N GLY A 424 -8.73 18.19 23.95
CA GLY A 424 -8.70 18.06 25.40
C GLY A 424 -7.54 17.20 25.88
N THR A 425 -7.30 16.10 25.16
CA THR A 425 -6.21 15.20 25.50
C THR A 425 -4.87 15.94 25.30
N TRP A 426 -4.81 16.72 24.23
CA TRP A 426 -3.62 17.51 23.93
C TRP A 426 -3.34 18.40 25.15
N ILE A 427 -4.40 18.91 25.77
CA ILE A 427 -4.26 19.76 26.95
C ILE A 427 -3.73 18.92 28.13
N HIS A 428 -4.24 17.70 28.25
CA HIS A 428 -3.82 16.77 29.32
C HIS A 428 -2.33 16.43 29.21
N MET A 429 -1.79 16.49 27.99
CA MET A 429 -0.37 16.17 27.78
C MET A 429 0.51 17.38 28.00
N GLY A 430 -0.11 18.54 28.20
CA GLY A 430 0.66 19.75 28.41
C GLY A 430 0.78 20.59 27.14
N ARG A 431 -0.20 20.45 26.24
CA ARG A 431 -0.22 21.20 24.99
C ARG A 431 1.12 21.16 24.28
N PRO A 432 1.68 19.95 24.06
CA PRO A 432 2.97 19.87 23.38
C PRO A 432 2.92 20.48 21.98
N ARG A 433 3.93 21.28 21.64
CA ARG A 433 3.98 21.91 20.33
C ARG A 433 4.40 20.92 19.24
N TYR A 434 5.34 20.04 19.59
CA TYR A 434 5.87 19.06 18.67
C TYR A 434 5.81 17.66 19.29
N PRO A 435 4.59 17.14 19.50
CA PRO A 435 4.42 15.82 20.10
C PRO A 435 5.24 14.69 19.46
N SER A 436 5.64 13.73 20.28
CA SER A 436 6.40 12.58 19.81
C SER A 436 5.48 11.65 19.04
N LYS A 437 6.03 10.62 18.41
CA LYS A 437 5.22 9.68 17.67
C LYS A 437 4.16 9.05 18.58
N GLU A 438 4.56 8.69 19.79
CA GLU A 438 3.63 8.07 20.73
C GLU A 438 2.49 8.99 21.10
N GLN A 439 2.78 10.27 21.29
CA GLN A 439 1.72 11.22 21.63
C GLN A 439 0.76 11.38 20.46
N VAL A 440 1.28 11.51 19.24
CA VAL A 440 0.40 11.64 18.09
C VAL A 440 -0.49 10.40 17.96
N ASN A 441 0.07 9.22 18.28
CA ASN A 441 -0.69 7.97 18.22
C ASN A 441 -1.83 8.01 19.23
N THR A 442 -1.54 8.48 20.43
CA THR A 442 -2.57 8.58 21.46
C THR A 442 -3.66 9.55 21.00
N LEU A 443 -3.25 10.65 20.37
CA LEU A 443 -4.23 11.60 19.87
C LEU A 443 -5.12 10.96 18.81
N ARG A 444 -4.53 10.11 17.98
CA ARG A 444 -5.27 9.43 16.92
C ARG A 444 -6.26 8.41 17.50
N GLU A 445 -5.84 7.68 18.52
CA GLU A 445 -6.70 6.69 19.16
C GLU A 445 -7.90 7.40 19.80
N VAL A 446 -7.62 8.55 20.41
CA VAL A 446 -8.64 9.35 21.06
C VAL A 446 -9.62 10.03 20.08
N ALA A 447 -9.10 10.46 18.92
CA ALA A 447 -9.90 11.15 17.91
C ALA A 447 -10.93 10.32 17.17
N LYS A 448 -11.86 9.72 17.91
CA LYS A 448 -12.91 8.90 17.32
C LYS A 448 -14.19 9.00 18.14
N PRO A 449 -15.35 8.86 17.48
CA PRO A 449 -16.61 8.95 18.21
C PRO A 449 -16.83 7.71 19.05
N GLU A 450 -17.58 7.85 20.14
CA GLU A 450 -17.89 6.70 20.97
C GLU A 450 -18.93 5.97 20.15
N ILE A 451 -18.92 4.65 20.23
CA ILE A 451 -19.87 3.85 19.48
C ILE A 451 -20.61 2.90 20.41
N MET A 452 -21.93 2.90 20.30
CA MET A 452 -22.76 2.03 21.11
C MET A 452 -23.82 1.40 20.25
N THR A 453 -24.07 0.12 20.47
CA THR A 453 -25.09 -0.58 19.72
C THR A 453 -26.07 -1.19 20.71
N SER A 454 -27.25 -1.56 20.21
CA SER A 454 -28.28 -2.15 21.04
C SER A 454 -29.37 -2.64 20.12
N GLN A 455 -30.45 -3.16 20.70
CA GLN A 455 -31.55 -3.65 19.90
C GLN A 455 -32.88 -3.50 20.62
N PRO A 456 -33.89 -2.96 19.91
CA PRO A 456 -35.23 -2.74 20.45
C PRO A 456 -36.29 -3.28 19.48
N VAL A 457 -37.48 -3.56 20.02
CA VAL A 457 -38.58 -4.05 19.20
C VAL A 457 -39.53 -2.88 18.98
N ALA A 458 -39.61 -2.40 17.75
CA ALA A 458 -40.49 -1.28 17.44
C ALA A 458 -41.93 -1.68 17.68
N ASN A 459 -42.70 -0.79 18.30
CA ASN A 459 -44.11 -1.06 18.56
C ASN A 459 -44.99 -0.01 17.90
N ASP A 460 -45.98 -0.46 17.15
CA ASP A 460 -46.90 0.43 16.45
C ASP A 460 -46.16 1.29 15.42
N GLY A 461 -45.12 0.72 14.83
CA GLY A 461 -44.35 1.43 13.84
C GLY A 461 -43.53 2.57 14.41
N TYR A 462 -43.41 2.61 15.72
CA TYR A 462 -42.63 3.66 16.36
C TYR A 462 -41.66 3.14 17.41
N LEU A 463 -40.54 3.83 17.53
CA LEU A 463 -39.50 3.45 18.48
C LEU A 463 -39.25 4.67 19.36
N ASN A 464 -39.15 4.45 20.66
CA ASN A 464 -38.92 5.53 21.60
C ASN A 464 -37.44 5.61 21.97
N LEU A 465 -36.82 6.76 21.68
CA LEU A 465 -35.40 6.99 21.99
C LEU A 465 -35.19 8.05 23.05
N LYS A 466 -34.63 7.65 24.19
CA LYS A 466 -34.37 8.59 25.27
C LYS A 466 -32.85 8.71 25.44
N PHE A 467 -32.29 9.87 25.09
CA PHE A 467 -30.86 10.07 25.21
C PHE A 467 -30.54 11.42 25.82
N LYS A 468 -29.32 11.57 26.32
CA LYS A 468 -28.88 12.82 26.93
C LYS A 468 -27.63 13.36 26.25
N LEU A 469 -27.69 14.61 25.80
CA LEU A 469 -26.53 15.22 25.17
C LEU A 469 -25.79 16.09 26.16
N GLY A 470 -24.50 15.86 26.29
CA GLY A 470 -23.69 16.65 27.20
C GLY A 470 -23.27 17.92 26.51
N LYS A 471 -22.35 18.64 27.14
CA LYS A 471 -21.87 19.89 26.59
C LYS A 471 -21.24 19.67 25.21
N ASN A 472 -21.65 20.49 24.26
CA ASN A 472 -21.14 20.44 22.89
C ASN A 472 -21.17 19.07 22.21
N ALA A 473 -22.15 18.25 22.53
CA ALA A 473 -22.24 16.93 21.92
C ALA A 473 -22.97 16.92 20.59
N VAL A 474 -22.64 15.94 19.76
CA VAL A 474 -23.29 15.72 18.47
C VAL A 474 -23.42 14.21 18.42
N VAL A 475 -24.64 13.71 18.25
CA VAL A 475 -24.86 12.28 18.23
C VAL A 475 -25.49 11.79 16.93
N LEU A 476 -25.22 10.53 16.57
CA LEU A 476 -25.78 9.93 15.37
C LEU A 476 -26.45 8.60 15.71
N TYR A 477 -27.71 8.48 15.31
CA TYR A 477 -28.45 7.25 15.54
C TYR A 477 -28.89 6.67 14.21
N GLU A 478 -28.48 5.43 13.96
CA GLU A 478 -28.88 4.74 12.75
C GLU A 478 -29.77 3.58 13.19
N LEU A 479 -30.95 3.51 12.59
CA LEU A 479 -31.92 2.46 12.94
C LEU A 479 -32.23 1.56 11.73
N THR A 480 -31.52 0.44 11.64
CA THR A 480 -31.69 -0.51 10.54
C THR A 480 -32.49 -1.74 11.00
N GLU A 481 -33.06 -2.47 10.04
CA GLU A 481 -33.86 -3.64 10.39
C GLU A 481 -33.01 -4.77 10.94
N ARG A 482 -33.49 -5.40 12.01
CA ARG A 482 -32.79 -6.52 12.64
C ARG A 482 -33.45 -7.84 12.27
N ILE A 483 -32.74 -8.64 11.48
CA ILE A 483 -33.23 -9.95 11.08
C ILE A 483 -32.50 -11.02 11.87
N ASP A 484 -33.09 -11.42 13.00
CA ASP A 484 -32.48 -12.40 13.90
C ASP A 484 -32.25 -13.81 13.34
N GLU A 485 -31.00 -14.26 13.42
CA GLU A 485 -30.61 -15.58 12.91
C GLU A 485 -30.34 -16.54 14.06
N SER A 486 -30.34 -16.01 15.27
CA SER A 486 -30.06 -16.79 16.48
C SER A 486 -30.66 -18.19 16.48
N SER A 487 -31.85 -18.34 15.90
CA SER A 487 -32.52 -19.62 15.89
C SER A 487 -31.81 -20.67 15.06
N THR A 488 -31.00 -20.25 14.08
CA THR A 488 -30.30 -21.21 13.24
C THR A 488 -29.07 -21.83 13.92
N TYR A 489 -28.85 -21.50 15.19
CA TYR A 489 -27.72 -22.07 15.93
C TYR A 489 -28.21 -23.15 16.89
N ILE A 490 -27.92 -24.40 16.56
CA ILE A 490 -28.34 -25.54 17.37
C ILE A 490 -27.61 -25.64 18.72
N GLY A 491 -28.36 -25.44 19.80
CA GLY A 491 -27.78 -25.52 21.13
C GLY A 491 -27.42 -24.15 21.69
N LEU A 492 -27.64 -23.11 20.90
CA LEU A 492 -27.32 -21.74 21.30
C LEU A 492 -27.90 -21.38 22.66
N ASP A 493 -27.03 -20.91 23.55
CA ASP A 493 -27.44 -20.52 24.89
C ASP A 493 -26.26 -19.93 25.67
N ASP A 494 -26.12 -18.62 25.61
CA ASP A 494 -25.03 -17.92 26.28
C ASP A 494 -24.96 -18.14 27.80
N SER A 495 -26.09 -18.46 28.42
CA SER A 495 -26.11 -18.66 29.87
C SER A 495 -25.23 -19.84 30.28
N LYS A 496 -24.92 -20.70 29.32
CA LYS A 496 -24.08 -21.86 29.60
C LYS A 496 -22.60 -21.48 29.55
N ILE A 497 -22.34 -20.18 29.51
CA ILE A 497 -20.96 -19.69 29.51
C ILE A 497 -20.73 -19.10 30.89
N ASN A 498 -19.54 -19.29 31.43
CA ASN A 498 -19.21 -18.78 32.75
C ASN A 498 -19.70 -17.36 32.99
N GLY A 499 -20.57 -17.22 33.99
CA GLY A 499 -21.09 -15.91 34.37
C GLY A 499 -22.14 -15.25 33.50
N TYR A 500 -22.54 -15.88 32.41
CA TYR A 500 -23.57 -15.27 31.57
C TYR A 500 -24.91 -15.95 31.77
N MET B 1 41.51 -3.26 -29.59
CA MET B 1 40.51 -3.36 -28.50
C MET B 1 41.17 -3.32 -27.11
N ILE B 2 40.68 -4.16 -26.21
CA ILE B 2 41.21 -4.20 -24.85
C ILE B 2 41.17 -5.62 -24.28
N LYS B 3 42.27 -6.36 -24.41
CA LYS B 3 42.32 -7.71 -23.87
C LYS B 3 42.78 -7.62 -22.42
N VAL B 4 42.05 -8.28 -21.52
CA VAL B 4 42.40 -8.24 -20.11
C VAL B 4 42.21 -9.57 -19.40
N ARG B 5 43.23 -9.95 -18.64
CA ARG B 5 43.21 -11.18 -17.88
C ARG B 5 43.19 -10.76 -16.40
N VAL B 6 42.00 -10.79 -15.82
CA VAL B 6 41.81 -10.40 -14.41
C VAL B 6 42.51 -11.33 -13.44
N PRO B 7 43.38 -10.77 -12.56
CA PRO B 7 44.10 -11.57 -11.57
C PRO B 7 43.13 -12.37 -10.72
N ASP B 8 43.58 -13.52 -10.25
CA ASP B 8 42.74 -14.36 -9.41
C ASP B 8 42.80 -13.89 -7.96
N PHE B 9 43.81 -13.08 -7.65
CA PHE B 9 44.00 -12.57 -6.31
C PHE B 9 44.26 -11.07 -6.38
N SER B 10 44.14 -10.40 -5.25
CA SER B 10 44.40 -8.96 -5.19
C SER B 10 44.36 -8.43 -3.77
N ASP B 11 45.19 -7.42 -3.51
CA ASP B 11 45.27 -6.80 -2.20
C ASP B 11 44.68 -5.40 -2.22
N LYS B 12 43.80 -5.16 -3.19
CA LYS B 12 43.14 -3.87 -3.33
C LYS B 12 41.70 -4.06 -2.88
N LYS B 13 41.14 -3.02 -2.27
CA LYS B 13 39.77 -3.10 -1.79
C LYS B 13 38.93 -2.01 -2.40
N PHE B 14 37.69 -2.33 -2.70
CA PHE B 14 36.76 -1.34 -3.24
C PHE B 14 35.78 -1.09 -2.10
N SER B 15 35.68 0.17 -1.66
CA SER B 15 34.79 0.52 -0.57
C SER B 15 33.49 1.07 -1.13
N ASP B 16 32.56 1.42 -0.25
CA ASP B 16 31.31 1.99 -0.70
C ASP B 16 31.21 3.48 -0.39
N ARG B 17 32.33 4.17 -0.41
CA ARG B 17 32.35 5.62 -0.15
C ARG B 17 31.50 6.32 -1.19
N TRP B 18 31.36 5.68 -2.36
CA TRP B 18 30.57 6.23 -3.46
C TRP B 18 29.09 6.34 -3.10
N ARG B 19 28.63 5.48 -2.20
CA ARG B 19 27.24 5.50 -1.79
C ARG B 19 27.04 6.07 -0.39
N TYR B 20 28.08 6.73 0.14
CA TYR B 20 27.98 7.31 1.48
C TYR B 20 26.92 8.41 1.58
N CYS B 21 26.96 9.33 0.62
CA CYS B 21 26.03 10.45 0.64
C CYS B 21 25.53 10.83 -0.76
N VAL B 22 24.35 11.43 -0.81
CA VAL B 22 23.78 11.90 -2.07
C VAL B 22 23.21 13.28 -1.78
N GLY B 23 23.27 14.16 -2.77
CA GLY B 23 22.77 15.51 -2.60
C GLY B 23 21.28 15.66 -2.89
N THR B 24 20.74 16.84 -2.56
CA THR B 24 19.32 17.11 -2.78
C THR B 24 19.03 18.61 -2.88
N GLY B 25 17.88 18.94 -3.46
CA GLY B 25 17.46 20.33 -3.55
C GLY B 25 17.23 20.79 -2.12
N ARG B 26 16.96 22.08 -1.92
CA ARG B 26 16.77 22.61 -0.56
C ARG B 26 15.80 21.77 0.27
N LEU B 27 16.05 21.70 1.58
CA LEU B 27 15.24 20.91 2.52
C LEU B 27 13.74 21.17 2.45
N GLY B 28 13.38 22.42 2.15
CA GLY B 28 11.99 22.77 2.06
C GLY B 28 11.23 21.88 1.09
N LEU B 29 11.84 21.59 -0.05
CA LEU B 29 11.21 20.76 -1.08
C LEU B 29 10.89 19.33 -0.59
N ALA B 30 11.62 18.89 0.44
CA ALA B 30 11.44 17.57 1.02
C ALA B 30 10.03 17.36 1.59
N LEU B 31 9.25 18.43 1.66
CA LEU B 31 7.88 18.34 2.16
C LEU B 31 6.97 17.92 1.02
N GLN B 32 7.53 17.83 -0.18
CA GLN B 32 6.75 17.45 -1.37
C GLN B 32 6.48 15.96 -1.51
N LYS B 33 5.30 15.62 -2.01
CA LYS B 33 4.90 14.23 -2.22
C LYS B 33 5.84 13.63 -3.27
N GLU B 34 6.07 14.37 -4.34
CA GLU B 34 6.96 13.97 -5.42
C GLU B 34 8.36 13.68 -4.87
N TYR B 35 8.87 14.59 -4.05
CA TYR B 35 10.20 14.46 -3.45
C TYR B 35 10.32 13.13 -2.69
N ILE B 36 9.42 12.93 -1.73
CA ILE B 36 9.44 11.72 -0.90
C ILE B 36 9.25 10.39 -1.65
N GLU B 37 8.32 10.33 -2.61
CA GLU B 37 8.11 9.09 -3.34
C GLU B 37 9.41 8.74 -4.06
N THR B 38 10.05 9.76 -4.61
CA THR B 38 11.29 9.57 -5.35
C THR B 38 12.47 9.19 -4.47
N LEU B 39 12.51 9.73 -3.26
CA LEU B 39 13.59 9.43 -2.34
C LEU B 39 13.45 7.96 -1.93
N LYS B 40 12.23 7.56 -1.55
CA LYS B 40 11.99 6.17 -1.17
C LYS B 40 12.39 5.26 -2.32
N TYR B 41 12.00 5.64 -3.53
CA TYR B 41 12.30 4.87 -4.74
C TYR B 41 13.81 4.71 -4.96
N VAL B 42 14.56 5.77 -4.70
CA VAL B 42 16.00 5.69 -4.88
C VAL B 42 16.61 4.78 -3.82
N LYS B 43 16.11 4.88 -2.60
CA LYS B 43 16.61 4.08 -1.49
C LYS B 43 16.28 2.60 -1.58
N GLU B 44 15.34 2.25 -2.44
CA GLU B 44 14.99 0.85 -2.61
C GLU B 44 16.00 0.23 -3.57
N ASN B 45 16.83 1.07 -4.19
CA ASN B 45 17.79 0.59 -5.17
C ASN B 45 19.25 0.94 -4.86
N ILE B 46 19.49 2.09 -4.24
CA ILE B 46 20.84 2.52 -3.89
C ILE B 46 20.83 2.85 -2.40
N ASP B 47 21.71 2.21 -1.64
CA ASP B 47 21.73 2.42 -0.20
C ASP B 47 22.54 3.63 0.31
N PHE B 48 22.15 4.83 -0.13
CA PHE B 48 22.83 6.03 0.32
C PHE B 48 22.63 6.13 1.83
N LYS B 49 23.67 6.50 2.56
CA LYS B 49 23.57 6.62 4.01
C LYS B 49 23.14 8.02 4.42
N TYR B 50 23.58 9.01 3.65
CA TYR B 50 23.25 10.39 3.95
C TYR B 50 22.68 11.15 2.77
N ILE B 51 22.17 12.34 3.06
CA ILE B 51 21.61 13.21 2.04
C ILE B 51 21.93 14.63 2.45
N ARG B 52 22.59 15.36 1.56
CA ARG B 52 23.05 16.72 1.82
C ARG B 52 22.43 17.79 0.93
N GLY B 53 21.83 18.80 1.57
CA GLY B 53 21.21 19.89 0.85
C GLY B 53 21.23 21.18 1.64
N HIS B 54 20.92 22.30 0.98
CA HIS B 54 20.90 23.60 1.64
C HIS B 54 19.51 23.86 2.19
N GLY B 55 19.36 25.01 2.85
CA GLY B 55 18.06 25.43 3.37
C GLY B 55 17.54 25.07 4.74
N LEU B 56 18.36 24.42 5.57
CA LEU B 56 17.90 24.06 6.91
C LEU B 56 17.37 25.27 7.67
N LEU B 57 18.10 26.39 7.58
CA LEU B 57 17.69 27.59 8.28
C LEU B 57 16.90 28.57 7.44
N CYS B 58 16.67 28.25 6.18
CA CYS B 58 15.91 29.16 5.35
C CYS B 58 14.48 29.23 5.86
N ASP B 59 13.82 30.33 5.52
CA ASP B 59 12.48 30.59 6.02
C ASP B 59 11.29 29.76 5.54
N ASP B 60 11.45 28.94 4.51
CA ASP B 60 10.33 28.11 4.10
C ASP B 60 10.22 27.00 5.13
N VAL B 61 11.38 26.50 5.59
CA VAL B 61 11.40 25.46 6.63
C VAL B 61 10.81 26.20 7.83
N GLY B 62 11.07 27.50 7.88
CA GLY B 62 10.54 28.39 8.90
C GLY B 62 10.92 28.22 10.36
N ILE B 63 12.17 27.86 10.63
CA ILE B 63 12.58 27.68 12.01
C ILE B 63 12.70 28.98 12.80
N TYR B 64 13.49 29.92 12.31
CA TYR B 64 13.69 31.17 13.03
C TYR B 64 12.64 32.26 12.83
N ARG B 65 11.98 32.59 13.93
CA ARG B 65 10.96 33.62 13.94
C ARG B 65 11.22 34.53 15.15
N GLU B 66 10.40 35.57 15.28
CA GLU B 66 10.53 36.49 16.40
C GLU B 66 9.17 37.01 16.74
N ASP B 67 8.80 36.91 18.01
CA ASP B 67 7.51 37.38 18.46
C ASP B 67 7.71 38.74 19.10
N VAL B 68 6.93 39.72 18.66
CA VAL B 68 7.06 41.05 19.22
C VAL B 68 5.85 41.45 20.05
N VAL B 69 6.14 41.82 21.29
CA VAL B 69 5.12 42.28 22.21
C VAL B 69 5.57 43.68 22.61
N GLY B 70 4.65 44.54 23.03
CA GLY B 70 5.02 45.89 23.39
C GLY B 70 6.24 45.97 24.30
N ASP B 71 6.35 44.99 25.18
CA ASP B 71 7.42 44.91 26.17
C ASP B 71 8.76 44.34 25.69
N GLU B 72 8.74 43.43 24.73
CA GLU B 72 9.98 42.83 24.26
C GLU B 72 9.88 42.14 22.91
N VAL B 73 11.01 41.60 22.47
CA VAL B 73 11.11 40.87 21.23
C VAL B 73 11.91 39.63 21.58
N LYS B 74 11.30 38.47 21.43
CA LYS B 74 11.98 37.22 21.76
C LYS B 74 11.90 36.23 20.59
N PRO B 75 12.98 35.46 20.38
CA PRO B 75 12.97 34.50 19.27
C PRO B 75 12.04 33.33 19.53
N PHE B 76 11.55 32.74 18.44
CA PHE B 76 10.69 31.58 18.51
C PHE B 76 11.21 30.59 17.49
N TYR B 77 11.66 29.43 17.94
CA TYR B 77 12.18 28.39 17.05
C TYR B 77 11.04 27.41 16.76
N ASN B 78 10.55 27.45 15.53
CA ASN B 78 9.43 26.60 15.10
C ASN B 78 9.91 25.35 14.37
N PHE B 79 9.65 24.19 14.97
CA PHE B 79 10.10 22.93 14.39
C PHE B 79 9.09 22.08 13.64
N THR B 80 7.91 22.61 13.36
CA THR B 80 6.90 21.82 12.67
C THR B 80 7.35 21.23 11.32
N TYR B 81 8.09 22.00 10.53
CA TYR B 81 8.53 21.48 9.23
C TYR B 81 9.76 20.56 9.26
N ILE B 82 10.83 20.91 9.97
CA ILE B 82 11.98 20.01 9.95
C ILE B 82 11.66 18.72 10.67
N ASP B 83 10.81 18.76 11.69
CA ASP B 83 10.46 17.53 12.37
C ASP B 83 9.91 16.57 11.33
N ARG B 84 9.01 17.07 10.49
CA ARG B 84 8.39 16.27 9.43
C ARG B 84 9.43 15.82 8.41
N ILE B 85 10.29 16.74 7.99
CA ILE B 85 11.32 16.41 7.01
C ILE B 85 12.30 15.37 7.55
N PHE B 86 12.83 15.61 8.73
CA PHE B 86 13.78 14.67 9.31
C PHE B 86 13.09 13.38 9.78
N ASP B 87 11.82 13.45 10.10
CA ASP B 87 11.10 12.24 10.50
C ASP B 87 11.00 11.32 9.28
N SER B 88 10.72 11.89 8.11
CA SER B 88 10.59 11.07 6.91
C SER B 88 11.94 10.54 6.43
N PHE B 89 13.01 11.30 6.66
CA PHE B 89 14.34 10.84 6.27
C PHE B 89 14.69 9.60 7.10
N LEU B 90 14.56 9.69 8.42
CA LEU B 90 14.86 8.57 9.29
C LEU B 90 13.95 7.38 9.01
N GLU B 91 12.72 7.64 8.62
CA GLU B 91 11.82 6.56 8.30
C GLU B 91 12.34 5.82 7.08
N ILE B 92 12.80 6.58 6.08
CA ILE B 92 13.32 5.99 4.86
C ILE B 92 14.67 5.32 5.09
N GLY B 93 15.33 5.60 6.22
CA GLY B 93 16.60 4.99 6.49
C GLY B 93 17.78 5.80 5.95
N ILE B 94 17.60 7.09 5.82
CA ILE B 94 18.70 7.94 5.36
C ILE B 94 18.85 9.06 6.38
N ARG B 95 20.10 9.48 6.61
CA ARG B 95 20.39 10.51 7.58
C ARG B 95 20.87 11.81 6.93
N PRO B 96 20.61 12.94 7.59
CA PRO B 96 21.02 14.22 7.03
C PRO B 96 22.48 14.60 7.18
N PHE B 97 23.11 14.98 6.08
CA PHE B 97 24.47 15.46 6.16
C PHE B 97 24.13 16.95 6.28
N VAL B 98 23.76 17.34 7.49
CA VAL B 98 23.34 18.69 7.77
C VAL B 98 24.27 19.81 7.28
N GLU B 99 23.67 20.77 6.60
CA GLU B 99 24.41 21.94 6.14
C GLU B 99 23.78 23.11 6.87
N ILE B 100 24.58 23.84 7.66
CA ILE B 100 24.06 24.96 8.42
C ILE B 100 23.94 26.20 7.55
N GLY B 101 22.71 26.58 7.23
CA GLY B 101 22.47 27.74 6.39
C GLY B 101 21.12 27.63 5.70
N PHE B 102 20.69 28.70 5.02
CA PHE B 102 21.45 29.94 4.95
C PHE B 102 21.01 30.85 6.09
N MET B 103 21.07 32.17 5.89
CA MET B 103 20.69 33.10 6.94
C MET B 103 19.21 33.45 7.04
N PRO B 104 18.53 33.04 8.11
CA PRO B 104 17.12 33.40 8.18
C PRO B 104 17.02 34.93 8.14
N LYS B 105 15.97 35.46 7.53
CA LYS B 105 15.78 36.90 7.38
C LYS B 105 15.75 37.75 8.63
N LYS B 106 15.12 37.26 9.70
CA LYS B 106 15.04 38.01 10.94
C LYS B 106 16.40 38.16 11.61
N LEU B 107 17.42 37.50 11.09
CA LEU B 107 18.77 37.59 11.65
C LEU B 107 19.75 38.20 10.66
N ALA B 108 19.30 38.41 9.44
CA ALA B 108 20.15 38.95 8.38
C ALA B 108 20.73 40.33 8.66
N SER B 109 22.00 40.52 8.28
CA SER B 109 22.65 41.80 8.45
C SER B 109 22.53 42.57 7.14
N GLY B 110 22.23 41.83 6.08
CA GLY B 110 22.08 42.44 4.77
C GLY B 110 20.82 41.98 4.04
N THR B 111 20.75 42.28 2.75
CA THR B 111 19.59 41.89 1.96
C THR B 111 19.95 41.01 0.77
N GLN B 112 21.23 40.73 0.59
CA GLN B 112 21.65 39.90 -0.54
C GLN B 112 21.10 38.48 -0.43
N THR B 113 20.53 37.98 -1.53
CA THR B 113 19.99 36.64 -1.57
C THR B 113 20.56 35.88 -2.75
N VAL B 114 20.29 34.57 -2.79
CA VAL B 114 20.75 33.72 -3.88
C VAL B 114 19.63 32.80 -4.36
N PHE B 115 19.68 32.43 -5.63
CA PHE B 115 18.69 31.54 -6.23
C PHE B 115 17.30 32.14 -6.40
N TYR B 116 16.43 31.35 -7.00
CA TYR B 116 15.03 31.70 -7.23
C TYR B 116 14.30 31.83 -5.90
N TRP B 117 14.63 30.95 -4.96
CA TRP B 117 13.95 30.98 -3.67
C TRP B 117 14.53 31.97 -2.66
N GLU B 118 15.52 32.73 -3.11
CA GLU B 118 16.15 33.80 -2.32
C GLU B 118 16.65 33.58 -0.90
N GLY B 119 17.61 32.67 -0.73
CA GLY B 119 18.15 32.45 0.60
C GLY B 119 19.09 33.60 0.89
N ASN B 120 19.03 34.12 2.11
CA ASN B 120 19.89 35.24 2.51
C ASN B 120 21.31 34.73 2.72
N VAL B 121 22.27 35.41 2.09
CA VAL B 121 23.67 35.02 2.18
C VAL B 121 24.59 36.04 2.89
N THR B 122 24.03 36.77 3.85
CA THR B 122 24.81 37.75 4.58
C THR B 122 25.00 37.27 6.02
N PRO B 123 26.04 37.74 6.72
CA PRO B 123 26.19 37.28 8.10
C PRO B 123 25.07 37.76 9.02
N PRO B 124 24.93 37.13 10.19
CA PRO B 124 23.88 37.54 11.13
C PRO B 124 24.18 38.90 11.75
N LYS B 125 23.14 39.67 12.04
CA LYS B 125 23.31 40.97 12.64
C LYS B 125 24.01 40.80 13.98
N ASP B 126 23.53 39.81 14.75
CA ASP B 126 24.05 39.49 16.07
C ASP B 126 24.52 38.03 16.14
N TYR B 127 25.83 37.80 16.21
CA TYR B 127 26.36 36.45 16.27
C TYR B 127 25.87 35.61 17.45
N GLU B 128 25.57 36.25 18.57
CA GLU B 128 25.07 35.50 19.72
C GLU B 128 23.69 34.92 19.41
N LYS B 129 22.86 35.72 18.76
CA LYS B 129 21.51 35.27 18.39
C LYS B 129 21.62 34.09 17.44
N TRP B 130 22.62 34.13 16.57
CA TRP B 130 22.84 33.05 15.61
C TRP B 130 23.32 31.81 16.36
N SER B 131 24.14 32.03 17.38
CA SER B 131 24.68 30.95 18.20
C SER B 131 23.58 30.25 19.01
N ASP B 132 22.60 31.02 19.47
CA ASP B 132 21.51 30.45 20.25
C ASP B 132 20.53 29.71 19.34
N LEU B 133 20.44 30.12 18.09
CA LEU B 133 19.53 29.46 17.15
C LEU B 133 20.10 28.07 16.91
N VAL B 134 21.39 28.03 16.57
CA VAL B 134 22.09 26.78 16.31
C VAL B 134 21.97 25.81 17.49
N LYS B 135 22.10 26.34 18.71
CA LYS B 135 22.00 25.50 19.89
C LYS B 135 20.55 25.06 20.13
N ALA B 136 19.61 25.95 19.87
CA ALA B 136 18.20 25.64 20.04
C ALA B 136 17.79 24.48 19.14
N VAL B 137 18.27 24.52 17.90
CA VAL B 137 17.97 23.48 16.91
C VAL B 137 18.65 22.17 17.31
N LEU B 138 19.93 22.25 17.68
CA LEU B 138 20.65 21.06 18.09
C LEU B 138 19.96 20.39 19.26
N HIS B 139 19.57 21.17 20.27
CA HIS B 139 18.89 20.61 21.43
C HIS B 139 17.54 20.00 21.06
N HIS B 140 16.87 20.57 20.05
CA HIS B 140 15.59 20.02 19.63
C HIS B 140 15.81 18.69 18.94
N PHE B 141 16.86 18.62 18.13
CA PHE B 141 17.20 17.39 17.44
C PHE B 141 17.48 16.29 18.48
N ILE B 142 18.25 16.63 19.51
CA ILE B 142 18.58 15.67 20.56
C ILE B 142 17.32 15.23 21.27
N SER B 143 16.47 16.19 21.59
CA SER B 143 15.22 15.91 22.28
C SER B 143 14.32 14.94 21.51
N ARG B 144 14.13 15.21 20.22
CA ARG B 144 13.26 14.35 19.41
C ARG B 144 13.85 13.03 18.95
N TYR B 145 15.12 12.99 18.57
CA TYR B 145 15.71 11.75 18.07
C TYR B 145 16.73 11.06 18.97
N GLY B 146 17.12 11.70 20.07
CA GLY B 146 18.08 11.08 20.96
C GLY B 146 19.49 11.45 20.53
N ILE B 147 20.40 11.60 21.49
CA ILE B 147 21.77 11.98 21.20
C ILE B 147 22.54 10.91 20.41
N GLU B 148 22.22 9.64 20.63
CA GLU B 148 22.93 8.59 19.89
C GLU B 148 22.77 8.79 18.38
N GLU B 149 21.54 9.09 17.98
CA GLU B 149 21.22 9.32 16.58
C GLU B 149 21.91 10.57 16.03
N VAL B 150 21.64 11.73 16.65
CA VAL B 150 22.22 13.00 16.20
C VAL B 150 23.75 13.01 16.10
N LEU B 151 24.42 12.27 16.99
CA LEU B 151 25.87 12.21 16.95
C LEU B 151 26.40 11.65 15.62
N LYS B 152 25.54 10.97 14.87
CA LYS B 152 25.94 10.41 13.59
C LYS B 152 25.81 11.42 12.45
N TRP B 153 25.22 12.57 12.74
CA TRP B 153 25.01 13.61 11.74
C TRP B 153 26.17 14.61 11.69
N PRO B 154 26.87 14.68 10.55
CA PRO B 154 27.97 15.65 10.46
C PRO B 154 27.35 17.01 10.15
N PHE B 155 27.96 18.09 10.64
CA PHE B 155 27.42 19.42 10.38
C PHE B 155 28.43 20.25 9.60
N GLU B 156 28.05 20.58 8.36
CA GLU B 156 28.88 21.37 7.45
C GLU B 156 28.48 22.84 7.55
N ILE B 157 29.43 23.72 7.81
CA ILE B 157 29.09 25.13 7.96
C ILE B 157 29.06 25.91 6.65
N TRP B 158 27.85 26.28 6.25
CA TRP B 158 27.58 27.07 5.05
C TRP B 158 27.89 26.37 3.74
N ASN B 159 27.84 27.12 2.63
CA ASN B 159 28.09 26.58 1.30
C ASN B 159 28.90 27.57 0.45
N GLU B 160 29.92 27.06 -0.23
CA GLU B 160 30.79 27.86 -1.11
C GLU B 160 30.94 29.32 -0.69
N PRO B 161 31.48 29.56 0.53
CA PRO B 161 31.67 30.92 1.03
C PRO B 161 32.68 31.73 0.21
N ASN B 162 33.40 31.04 -0.66
CA ASN B 162 34.40 31.67 -1.51
C ASN B 162 33.78 32.41 -2.69
N LEU B 163 32.49 32.19 -2.93
CA LEU B 163 31.78 32.83 -4.04
C LEU B 163 30.88 33.95 -3.52
N LYS B 164 31.01 35.12 -4.11
CA LYS B 164 30.21 36.29 -3.73
C LYS B 164 28.70 36.06 -3.77
N GLU B 165 28.29 35.00 -4.46
CA GLU B 165 26.87 34.70 -4.58
C GLU B 165 26.30 34.00 -3.34
N PHE B 166 27.12 33.20 -2.67
CA PHE B 166 26.66 32.48 -1.48
C PHE B 166 27.07 33.12 -0.16
N TRP B 167 28.08 33.99 -0.21
CA TRP B 167 28.59 34.64 0.99
C TRP B 167 28.96 36.08 0.64
N LYS B 168 28.24 37.02 1.21
CA LYS B 168 28.47 38.45 0.95
C LYS B 168 29.94 38.85 0.86
N ASP B 169 30.32 39.33 -0.32
CA ASP B 169 31.68 39.79 -0.58
C ASP B 169 32.75 38.71 -0.54
N ALA B 170 32.35 37.45 -0.44
CA ALA B 170 33.32 36.36 -0.36
C ALA B 170 34.33 36.68 0.73
N ASP B 171 33.83 37.24 1.83
CA ASP B 171 34.65 37.64 2.97
C ASP B 171 35.19 36.41 3.69
N GLU B 172 36.40 36.00 3.32
CA GLU B 172 37.05 34.83 3.90
C GLU B 172 37.11 34.89 5.43
N LYS B 173 37.55 36.02 5.98
CA LYS B 173 37.63 36.15 7.42
C LYS B 173 36.28 36.10 8.13
N GLU B 174 35.27 36.77 7.58
CA GLU B 174 33.95 36.72 8.21
C GLU B 174 33.44 35.29 8.20
N TYR B 175 33.87 34.51 7.21
CA TYR B 175 33.45 33.13 7.13
C TYR B 175 34.08 32.34 8.28
N PHE B 176 35.39 32.52 8.43
CA PHE B 176 36.12 31.86 9.50
C PHE B 176 35.47 32.19 10.84
N LYS B 177 35.02 33.43 11.00
CA LYS B 177 34.37 33.83 12.24
C LYS B 177 33.04 33.09 12.40
N LEU B 178 32.25 33.06 11.34
CA LEU B 178 30.96 32.35 11.38
C LEU B 178 31.24 30.91 11.78
N TYR B 179 32.25 30.31 11.16
CA TYR B 179 32.63 28.94 11.47
C TYR B 179 32.97 28.83 12.95
N LYS B 180 33.82 29.73 13.44
CA LYS B 180 34.21 29.71 14.84
C LYS B 180 33.03 29.72 15.79
N VAL B 181 32.13 30.71 15.59
CA VAL B 181 30.95 30.87 16.42
C VAL B 181 30.04 29.65 16.38
N THR B 182 29.87 29.10 15.19
CA THR B 182 29.02 27.95 15.00
C THR B 182 29.63 26.68 15.59
N ALA B 183 30.89 26.44 15.27
CA ALA B 183 31.58 25.27 15.79
C ALA B 183 31.52 25.28 17.31
N LYS B 184 31.70 26.44 17.91
CA LYS B 184 31.67 26.55 19.37
C LYS B 184 30.28 26.28 19.93
N ALA B 185 29.25 26.70 19.20
CA ALA B 185 27.88 26.50 19.64
C ALA B 185 27.54 25.02 19.60
N ILE B 186 27.98 24.34 18.54
CA ILE B 186 27.71 22.93 18.38
C ILE B 186 28.44 22.15 19.47
N LYS B 187 29.73 22.41 19.60
CA LYS B 187 30.56 21.73 20.61
C LYS B 187 29.98 21.94 22.00
N GLU B 188 29.48 23.15 22.27
CA GLU B 188 28.89 23.43 23.57
C GLU B 188 27.76 22.43 23.85
N VAL B 189 26.95 22.15 22.84
CA VAL B 189 25.85 21.22 23.00
C VAL B 189 26.41 19.84 23.32
N ASN B 190 27.38 19.39 22.52
CA ASN B 190 28.03 18.11 22.72
C ASN B 190 29.36 18.11 21.96
N GLU B 191 30.44 17.91 22.70
CA GLU B 191 31.80 17.91 22.16
C GLU B 191 32.11 16.84 21.11
N ASN B 192 31.22 15.88 20.93
CA ASN B 192 31.44 14.81 19.96
C ASN B 192 30.76 15.03 18.62
N LEU B 193 29.87 16.02 18.56
CA LEU B 193 29.19 16.34 17.31
C LEU B 193 30.27 16.77 16.32
N LYS B 194 30.16 16.31 15.08
CA LYS B 194 31.13 16.61 14.04
C LYS B 194 30.87 17.90 13.26
N VAL B 195 31.85 18.79 13.18
CA VAL B 195 31.69 20.05 12.46
C VAL B 195 32.81 20.21 11.42
N GLY B 196 32.52 20.87 10.31
CA GLY B 196 33.53 21.03 9.27
C GLY B 196 33.21 22.02 8.16
N GLY B 197 34.14 22.12 7.22
CA GLY B 197 33.99 23.03 6.11
C GLY B 197 35.22 22.93 5.23
N PRO B 198 35.52 23.92 4.38
CA PRO B 198 34.79 25.17 4.18
C PRO B 198 33.72 25.10 3.08
N ALA B 199 33.48 23.90 2.56
CA ALA B 199 32.46 23.69 1.51
C ALA B 199 32.63 24.59 0.29
N ILE B 200 33.86 24.82 -0.10
CA ILE B 200 34.14 25.69 -1.24
C ILE B 200 34.07 24.92 -2.55
N CYS B 201 33.97 25.67 -3.65
CA CYS B 201 33.93 25.06 -4.97
C CYS B 201 35.37 25.07 -5.45
N GLY B 202 35.64 24.39 -6.56
CA GLY B 202 37.00 24.34 -7.08
C GLY B 202 37.59 25.69 -7.44
N GLY B 203 38.88 25.70 -7.73
CA GLY B 203 39.56 26.93 -8.11
C GLY B 203 39.92 27.87 -6.98
N ALA B 204 39.70 27.45 -5.73
CA ALA B 204 40.03 28.30 -4.58
C ALA B 204 40.54 27.49 -3.40
N ASP B 205 41.40 26.50 -3.67
CA ASP B 205 41.94 25.66 -2.61
C ASP B 205 42.79 26.38 -1.59
N TYR B 206 43.16 27.63 -1.86
CA TYR B 206 43.96 28.37 -0.89
C TYR B 206 43.05 28.61 0.33
N TRP B 207 41.75 28.43 0.12
CA TRP B 207 40.75 28.60 1.18
C TRP B 207 40.86 27.46 2.18
N ILE B 208 41.11 26.26 1.68
CA ILE B 208 41.23 25.08 2.54
C ILE B 208 42.51 25.18 3.36
N GLU B 209 43.58 25.64 2.73
CA GLU B 209 44.85 25.80 3.43
C GLU B 209 44.68 26.87 4.51
N ASP B 210 43.98 27.94 4.17
CA ASP B 210 43.76 29.01 5.13
C ASP B 210 42.82 28.55 6.22
N PHE B 211 41.74 27.88 5.82
CA PHE B 211 40.74 27.39 6.77
C PHE B 211 41.38 26.55 7.86
N LEU B 212 42.19 25.58 7.44
CA LEU B 212 42.83 24.70 8.39
C LEU B 212 43.83 25.44 9.29
N ASN B 213 44.56 26.39 8.72
CA ASN B 213 45.53 27.17 9.50
C ASN B 213 44.80 28.05 10.50
N PHE B 214 43.61 28.51 10.12
CA PHE B 214 42.82 29.35 11.01
C PHE B 214 42.36 28.53 12.22
N CYS B 215 41.86 27.32 11.97
CA CYS B 215 41.41 26.48 13.07
C CYS B 215 42.59 26.14 13.99
N TYR B 216 43.78 26.02 13.41
CA TYR B 216 44.96 25.70 14.18
C TYR B 216 45.42 26.87 15.05
N GLU B 217 45.62 28.03 14.41
CA GLU B 217 46.06 29.23 15.12
C GLU B 217 45.04 29.77 16.09
N GLU B 218 43.75 29.58 15.78
CA GLU B 218 42.72 30.08 16.67
C GLU B 218 42.18 29.00 17.60
N ASN B 219 42.76 27.81 17.54
CA ASN B 219 42.32 26.71 18.40
C ASN B 219 40.81 26.48 18.23
N VAL B 220 40.38 26.34 16.99
CA VAL B 220 38.98 26.10 16.68
C VAL B 220 38.92 24.68 16.12
N PRO B 221 38.03 23.86 16.70
CA PRO B 221 37.83 22.46 16.31
C PRO B 221 37.31 22.25 14.89
N VAL B 222 37.82 21.19 14.26
CA VAL B 222 37.44 20.78 12.92
C VAL B 222 37.46 19.27 12.89
N ASP B 223 36.38 18.67 12.42
CA ASP B 223 36.32 17.23 12.36
C ASP B 223 36.37 16.69 10.93
N PHE B 224 36.26 17.58 9.95
CA PHE B 224 36.32 17.18 8.54
C PHE B 224 36.44 18.36 7.59
N VAL B 225 36.94 18.10 6.39
CA VAL B 225 37.08 19.14 5.38
C VAL B 225 36.07 18.80 4.29
N SER B 226 35.40 19.81 3.77
CA SER B 226 34.42 19.59 2.70
C SER B 226 34.81 20.46 1.51
N ARG B 227 34.37 20.06 0.32
CA ARG B 227 34.67 20.79 -0.90
C ARG B 227 33.78 20.22 -1.99
N HIS B 228 33.66 20.96 -3.09
CA HIS B 228 32.81 20.55 -4.19
C HIS B 228 33.66 20.29 -5.44
N ALA B 229 33.10 19.55 -6.40
CA ALA B 229 33.82 19.26 -7.63
C ALA B 229 32.92 19.18 -8.85
N TYR B 230 33.32 19.88 -9.91
CA TYR B 230 32.60 19.89 -11.17
C TYR B 230 33.60 19.89 -12.32
N THR B 231 33.21 19.33 -13.45
CA THR B 231 34.11 19.29 -14.60
C THR B 231 33.55 20.00 -15.84
N SER B 232 32.60 20.91 -15.63
CA SER B 232 31.99 21.66 -16.71
C SER B 232 32.64 23.02 -16.88
N LYS B 233 32.99 23.37 -18.11
CA LYS B 233 33.62 24.66 -18.40
C LYS B 233 32.55 25.74 -18.38
N GLN B 234 33.00 26.98 -18.50
CA GLN B 234 32.10 28.14 -18.50
C GLN B 234 31.12 28.02 -19.66
N GLY B 235 29.88 28.45 -19.43
CA GLY B 235 28.88 28.38 -20.47
C GLY B 235 28.03 29.64 -20.56
N GLU B 236 27.04 29.64 -21.45
CA GLU B 236 26.18 30.79 -21.62
C GLU B 236 24.71 30.39 -21.54
N TYR B 237 24.02 30.92 -20.53
CA TYR B 237 22.61 30.62 -20.34
C TYR B 237 21.68 31.21 -21.38
N THR B 238 20.60 30.49 -21.65
CA THR B 238 19.55 30.95 -22.55
C THR B 238 18.46 31.08 -21.48
N PRO B 239 17.28 31.60 -21.83
CA PRO B 239 16.30 31.68 -20.74
C PRO B 239 15.72 30.31 -20.35
N HIS B 240 16.17 29.27 -21.03
CA HIS B 240 15.68 27.93 -20.76
C HIS B 240 16.76 26.95 -20.33
N LEU B 241 17.94 27.06 -20.92
CA LEU B 241 19.02 26.13 -20.59
C LEU B 241 20.42 26.65 -20.81
N ILE B 242 21.39 25.74 -20.72
CA ILE B 242 22.79 26.08 -20.94
C ILE B 242 23.62 24.84 -21.28
N TYR B 243 24.63 25.03 -22.12
CA TYR B 243 25.50 23.94 -22.53
C TYR B 243 26.93 24.26 -22.10
N GLN B 244 27.63 23.26 -21.60
CA GLN B 244 28.99 23.44 -21.15
C GLN B 244 29.78 22.20 -21.50
N GLU B 245 31.00 22.39 -21.99
CA GLU B 245 31.86 21.28 -22.34
C GLU B 245 32.33 20.63 -21.07
N ILE B 246 32.16 19.32 -20.95
CA ILE B 246 32.61 18.61 -19.77
C ILE B 246 34.01 18.09 -20.02
N MET B 247 34.93 18.43 -19.11
CA MET B 247 36.31 17.98 -19.23
C MET B 247 36.36 16.54 -18.75
N PRO B 248 37.38 15.78 -19.16
CA PRO B 248 37.48 14.37 -18.72
C PRO B 248 37.41 14.18 -17.21
N SER B 249 36.95 13.00 -16.79
CA SER B 249 36.83 12.70 -15.37
C SER B 249 38.18 12.81 -14.67
N GLU B 250 39.25 12.78 -15.47
CA GLU B 250 40.61 12.88 -14.97
C GLU B 250 40.87 14.14 -14.18
N TYR B 251 40.28 15.25 -14.60
CA TYR B 251 40.47 16.50 -13.91
C TYR B 251 39.87 16.50 -12.51
N MET B 252 38.76 15.80 -12.35
CA MET B 252 38.11 15.73 -11.05
C MET B 252 38.84 14.82 -10.09
N LEU B 253 39.27 13.65 -10.57
CA LEU B 253 40.00 12.73 -9.71
C LEU B 253 41.30 13.41 -9.29
N ASN B 254 41.86 14.23 -10.17
CA ASN B 254 43.09 14.93 -9.85
C ASN B 254 42.86 16.00 -8.80
N GLU B 255 41.72 16.68 -8.88
CA GLU B 255 41.41 17.70 -7.89
C GLU B 255 41.23 17.02 -6.54
N PHE B 256 40.67 15.82 -6.54
CA PHE B 256 40.48 15.06 -5.31
C PHE B 256 41.84 14.81 -4.72
N LYS B 257 42.68 14.16 -5.51
CA LYS B 257 44.03 13.79 -5.15
C LYS B 257 44.85 14.98 -4.69
N THR B 258 44.60 16.14 -5.30
CA THR B 258 45.34 17.34 -4.93
C THR B 258 44.94 17.89 -3.56
N VAL B 259 43.65 18.06 -3.32
CA VAL B 259 43.20 18.59 -2.05
C VAL B 259 43.46 17.60 -0.92
N ARG B 260 43.50 16.31 -1.24
CA ARG B 260 43.77 15.29 -0.22
C ARG B 260 45.17 15.57 0.32
N GLU B 261 46.10 15.86 -0.58
CA GLU B 261 47.48 16.14 -0.20
C GLU B 261 47.55 17.37 0.68
N ILE B 262 46.80 18.42 0.34
CA ILE B 262 46.80 19.64 1.14
C ILE B 262 46.42 19.34 2.60
N ILE B 263 45.45 18.45 2.79
CA ILE B 263 45.01 18.09 4.13
C ILE B 263 46.08 17.30 4.87
N LYS B 264 46.82 16.47 4.15
CA LYS B 264 47.87 15.67 4.77
C LYS B 264 49.13 16.45 5.07
N ASN B 265 49.28 17.62 4.45
CA ASN B 265 50.45 18.47 4.69
C ASN B 265 50.06 19.56 5.69
N SER B 266 48.82 19.51 6.16
CA SER B 266 48.32 20.52 7.09
C SER B 266 48.46 20.11 8.56
N HIS B 267 47.98 20.99 9.44
CA HIS B 267 48.03 20.77 10.87
C HIS B 267 47.06 19.70 11.35
N PHE B 268 46.17 19.26 10.46
CA PHE B 268 45.19 18.22 10.79
C PHE B 268 45.25 17.19 9.66
N PRO B 269 46.36 16.45 9.57
CA PRO B 269 46.60 15.43 8.55
C PRO B 269 45.63 14.28 8.40
N ASN B 270 44.91 13.91 9.45
CA ASN B 270 44.01 12.77 9.34
C ASN B 270 42.54 13.08 9.25
N LEU B 271 42.20 14.32 8.91
CA LEU B 271 40.81 14.74 8.80
C LEU B 271 40.07 14.02 7.69
N PRO B 272 38.86 13.51 7.98
CA PRO B 272 38.16 12.85 6.88
C PRO B 272 37.83 13.96 5.87
N PHE B 273 37.76 13.60 4.59
CA PHE B 273 37.49 14.57 3.53
C PHE B 273 36.28 14.21 2.66
N HIS B 274 35.28 15.09 2.67
CA HIS B 274 34.04 14.88 1.95
C HIS B 274 33.82 15.82 0.78
N ILE B 275 33.43 15.26 -0.35
CA ILE B 275 33.11 16.07 -1.52
C ILE B 275 31.59 16.07 -1.39
N THR B 276 31.09 17.11 -0.71
CA THR B 276 29.67 17.22 -0.43
C THR B 276 28.77 17.56 -1.61
N GLU B 277 29.36 17.63 -2.80
CA GLU B 277 28.59 17.91 -4.00
C GLU B 277 29.45 17.84 -5.24
N TYR B 278 28.99 17.07 -6.23
CA TYR B 278 29.72 16.93 -7.49
C TYR B 278 28.81 16.42 -8.60
N ASN B 279 29.23 16.66 -9.84
CA ASN B 279 28.51 16.23 -11.03
C ASN B 279 29.35 16.71 -12.22
N THR B 280 28.83 16.59 -13.44
CA THR B 280 29.58 17.05 -14.60
C THR B 280 29.40 18.56 -14.63
N SER B 281 28.18 18.98 -14.95
CA SER B 281 27.86 20.40 -15.00
C SER B 281 27.33 20.81 -13.64
N TYR B 282 27.56 22.08 -13.29
CA TYR B 282 27.11 22.64 -12.02
C TYR B 282 25.81 23.43 -12.21
N SER B 283 25.22 23.32 -13.39
CA SER B 283 23.98 24.01 -13.71
C SER B 283 22.77 23.07 -13.65
N PRO B 284 21.65 23.55 -13.10
CA PRO B 284 20.44 22.71 -12.99
C PRO B 284 19.61 22.71 -14.27
N GLN B 285 20.15 23.30 -15.33
CA GLN B 285 19.46 23.36 -16.60
C GLN B 285 20.37 22.97 -17.76
N ASN B 286 21.31 22.06 -17.49
CA ASN B 286 22.22 21.61 -18.53
C ASN B 286 21.83 20.20 -18.98
N PRO B 287 21.32 20.06 -20.22
CA PRO B 287 20.89 18.81 -20.81
C PRO B 287 21.78 17.58 -20.58
N VAL B 288 23.10 17.78 -20.59
CA VAL B 288 24.02 16.65 -20.41
C VAL B 288 23.66 15.72 -19.25
N HIS B 289 23.01 16.26 -18.22
CA HIS B 289 22.65 15.45 -17.05
C HIS B 289 21.67 14.31 -17.33
N ASP B 290 20.82 14.50 -18.34
CA ASP B 290 19.81 13.51 -18.69
C ASP B 290 20.23 12.49 -19.72
N THR B 291 21.49 12.58 -20.15
CA THR B 291 21.99 11.69 -21.19
C THR B 291 22.78 10.47 -20.74
N PRO B 292 22.94 9.50 -21.65
CA PRO B 292 23.69 8.26 -21.40
C PRO B 292 25.17 8.61 -21.23
N PHE B 293 25.60 9.71 -21.84
CA PHE B 293 26.99 10.14 -21.71
C PHE B 293 27.32 10.41 -20.24
N ASN B 294 26.41 11.10 -19.57
CA ASN B 294 26.59 11.46 -18.16
C ASN B 294 26.79 10.19 -17.33
N ALA B 295 26.02 9.14 -17.62
CA ALA B 295 26.12 7.88 -16.88
C ALA B 295 27.43 7.10 -17.10
N ALA B 296 27.93 7.15 -18.33
CA ALA B 296 29.17 6.46 -18.68
C ALA B 296 30.33 7.19 -18.04
N TYR B 297 30.21 8.52 -18.00
CA TYR B 297 31.21 9.40 -17.43
C TYR B 297 31.33 9.21 -15.90
N ILE B 298 30.21 9.35 -15.20
CA ILE B 298 30.22 9.20 -13.74
C ILE B 298 30.75 7.85 -13.29
N ALA B 299 30.60 6.85 -14.14
CA ALA B 299 31.05 5.50 -13.84
C ALA B 299 32.48 5.46 -13.27
N ARG B 300 33.41 6.16 -13.91
CA ARG B 300 34.77 6.11 -13.42
C ARG B 300 34.97 6.75 -12.05
N ILE B 301 34.32 7.87 -11.83
CA ILE B 301 34.41 8.55 -10.54
C ILE B 301 33.89 7.67 -9.40
N LEU B 302 32.84 6.90 -9.65
CA LEU B 302 32.32 6.01 -8.62
C LEU B 302 33.32 4.87 -8.44
N SER B 303 34.08 4.63 -9.50
CA SER B 303 35.09 3.58 -9.55
C SER B 303 36.40 3.91 -8.83
N GLU B 304 36.88 5.15 -9.00
CA GLU B 304 38.13 5.60 -8.42
C GLU B 304 38.04 6.70 -7.36
N GLY B 305 36.94 7.43 -7.35
CA GLY B 305 36.78 8.50 -6.39
C GLY B 305 37.10 8.17 -4.95
N GLY B 306 36.64 7.02 -4.48
CA GLY B 306 36.86 6.60 -3.11
C GLY B 306 38.29 6.34 -2.70
N ASP B 307 39.22 6.36 -3.65
CA ASP B 307 40.61 6.13 -3.31
C ASP B 307 41.18 7.37 -2.65
N TYR B 308 40.65 8.54 -3.00
CA TYR B 308 41.17 9.79 -2.46
C TYR B 308 40.31 10.53 -1.44
N VAL B 309 39.01 10.23 -1.41
CA VAL B 309 38.13 10.91 -0.48
C VAL B 309 37.34 9.95 0.40
N ASP B 310 36.71 10.47 1.45
CA ASP B 310 35.93 9.64 2.35
C ASP B 310 34.51 9.50 1.83
N SER B 311 34.11 10.46 1.00
CA SER B 311 32.79 10.42 0.40
C SER B 311 32.69 11.47 -0.68
N PHE B 312 31.72 11.30 -1.57
CA PHE B 312 31.48 12.24 -2.66
C PHE B 312 30.02 12.09 -3.04
N SER B 313 29.24 13.09 -2.63
CA SER B 313 27.80 13.14 -2.84
C SER B 313 27.37 13.70 -4.21
N TYR B 314 26.71 12.85 -4.99
CA TYR B 314 26.22 13.20 -6.31
C TYR B 314 25.07 14.19 -6.18
N TRP B 315 25.20 15.33 -6.82
CA TRP B 315 24.21 16.39 -6.78
C TRP B 315 23.44 16.35 -8.13
N THR B 316 22.19 15.89 -8.13
CA THR B 316 21.47 15.42 -6.94
C THR B 316 20.79 14.06 -7.22
N PHE B 317 19.96 13.62 -6.30
CA PHE B 317 19.26 12.35 -6.44
C PHE B 317 17.96 12.53 -7.22
N SER B 318 17.47 13.76 -7.27
CA SER B 318 16.20 14.04 -7.94
C SER B 318 16.14 15.38 -8.67
N ASP B 319 15.21 15.50 -9.60
CA ASP B 319 15.03 16.74 -10.34
C ASP B 319 14.15 17.71 -9.54
N VAL B 320 13.63 17.25 -8.40
CA VAL B 320 12.83 18.14 -7.55
C VAL B 320 13.83 19.20 -7.12
N PHE B 321 13.85 20.30 -7.86
CA PHE B 321 14.81 21.37 -7.62
C PHE B 321 14.17 22.71 -7.93
N GLU B 322 14.80 23.81 -7.51
CA GLU B 322 14.24 25.14 -7.74
C GLU B 322 15.22 26.31 -7.81
N GLU B 323 16.51 26.07 -7.64
CA GLU B 323 17.47 27.17 -7.68
C GLU B 323 17.25 28.08 -8.88
N ARG B 324 16.72 27.54 -9.96
CA ARG B 324 16.45 28.32 -11.15
C ARG B 324 15.00 28.18 -11.58
N ASP B 325 14.11 28.34 -10.60
CA ASP B 325 12.69 28.27 -10.81
C ASP B 325 12.20 26.83 -11.00
N VAL B 326 10.89 26.69 -11.13
CA VAL B 326 10.26 25.38 -11.32
C VAL B 326 10.61 24.81 -12.69
N PRO B 327 11.00 23.53 -12.76
CA PRO B 327 11.35 22.91 -14.03
C PRO B 327 10.21 23.10 -15.03
N ARG B 328 10.57 23.23 -16.30
CA ARG B 328 9.57 23.47 -17.32
C ARG B 328 9.35 22.36 -18.36
N SER B 329 9.90 21.17 -18.10
CA SER B 329 9.74 20.03 -19.02
C SER B 329 10.20 18.72 -18.39
N GLN B 330 9.66 17.62 -18.91
CA GLN B 330 10.00 16.28 -18.42
C GLN B 330 11.52 16.12 -18.34
N PHE B 331 12.25 16.74 -19.27
CA PHE B 331 13.71 16.71 -19.26
C PHE B 331 14.20 18.12 -19.50
N HIS B 332 15.01 18.63 -18.57
CA HIS B 332 15.50 20.00 -18.62
C HIS B 332 16.95 20.20 -18.16
N GLY B 333 17.72 19.12 -18.05
CA GLY B 333 19.10 19.25 -17.62
C GLY B 333 19.27 19.33 -16.11
N GLY B 334 18.25 18.86 -15.38
CA GLY B 334 18.30 18.89 -13.92
C GLY B 334 19.45 18.05 -13.40
N PHE B 335 19.82 18.25 -12.14
CA PHE B 335 20.91 17.51 -11.53
C PHE B 335 20.48 16.08 -11.19
N GLY B 336 19.18 15.88 -11.03
CA GLY B 336 18.65 14.59 -10.65
C GLY B 336 19.09 13.28 -11.28
N LEU B 337 19.28 12.28 -10.43
CA LEU B 337 19.62 10.95 -10.90
C LEU B 337 18.31 10.46 -11.49
N VAL B 338 17.22 10.90 -10.88
CA VAL B 338 15.87 10.53 -11.31
C VAL B 338 15.07 11.75 -11.71
N ALA B 339 14.58 11.76 -12.95
CA ALA B 339 13.77 12.87 -13.46
C ALA B 339 12.37 12.82 -12.86
N LEU B 340 11.64 13.93 -12.95
CA LEU B 340 10.27 14.01 -12.41
C LEU B 340 9.45 12.82 -12.86
N ASN B 341 8.43 12.48 -12.07
CA ASN B 341 7.57 11.33 -12.34
C ASN B 341 8.31 10.03 -12.10
N MET B 342 9.37 10.10 -11.29
CA MET B 342 10.19 8.94 -10.97
C MET B 342 10.68 8.17 -12.19
N ILE B 343 11.26 8.89 -13.15
CA ILE B 343 11.80 8.29 -14.35
C ILE B 343 13.31 8.30 -14.22
N PRO B 344 13.91 7.16 -13.92
CA PRO B 344 15.37 7.13 -13.76
C PRO B 344 16.15 7.45 -15.03
N LYS B 345 17.15 8.31 -14.89
CA LYS B 345 18.00 8.68 -16.00
C LYS B 345 19.09 7.61 -16.03
N PRO B 346 19.81 7.49 -17.15
CA PRO B 346 20.87 6.47 -17.19
C PRO B 346 21.82 6.53 -16.00
N THR B 347 22.19 7.73 -15.58
CA THR B 347 23.09 7.87 -14.42
C THR B 347 22.56 7.09 -13.20
N PHE B 348 21.25 7.06 -13.03
CA PHE B 348 20.65 6.32 -11.93
C PHE B 348 21.14 4.88 -12.00
N TYR B 349 21.10 4.29 -13.19
CA TYR B 349 21.53 2.92 -13.31
C TYR B 349 23.01 2.66 -13.09
N THR B 350 23.85 3.68 -13.28
CA THR B 350 25.27 3.52 -13.01
C THR B 350 25.41 3.28 -11.50
N PHE B 351 24.71 4.07 -10.70
CA PHE B 351 24.77 3.90 -9.25
C PHE B 351 24.16 2.55 -8.91
N LYS B 352 23.02 2.25 -9.52
CA LYS B 352 22.35 0.98 -9.30
C LYS B 352 23.30 -0.20 -9.58
N PHE B 353 24.05 -0.11 -10.68
CA PHE B 353 25.00 -1.16 -11.03
C PHE B 353 26.09 -1.35 -9.98
N PHE B 354 26.64 -0.25 -9.46
CA PHE B 354 27.69 -0.35 -8.47
C PHE B 354 27.21 -1.03 -7.17
N ASN B 355 25.91 -1.16 -7.02
CA ASN B 355 25.35 -1.83 -5.84
C ASN B 355 25.69 -3.30 -5.88
N ALA B 356 26.13 -3.76 -7.03
CA ALA B 356 26.47 -5.17 -7.18
C ALA B 356 27.93 -5.47 -6.87
N MET B 357 28.74 -4.43 -6.77
CA MET B 357 30.16 -4.61 -6.49
C MET B 357 30.48 -5.13 -5.10
N GLY B 358 31.55 -5.92 -5.01
CA GLY B 358 32.00 -6.46 -3.75
C GLY B 358 33.20 -5.65 -3.29
N GLU B 359 33.81 -6.04 -2.18
CA GLU B 359 34.97 -5.31 -1.64
C GLU B 359 36.29 -5.71 -2.28
N GLU B 360 36.38 -6.96 -2.70
CA GLU B 360 37.60 -7.47 -3.34
C GLU B 360 37.76 -6.91 -4.74
N MET B 361 38.71 -5.99 -4.92
CA MET B 361 38.92 -5.41 -6.24
C MET B 361 39.98 -6.18 -7.00
N LEU B 362 39.54 -7.09 -7.87
CA LEU B 362 40.45 -7.91 -8.65
C LEU B 362 41.18 -7.16 -9.76
N TYR B 363 40.49 -6.23 -10.39
CA TYR B 363 41.10 -5.47 -11.48
C TYR B 363 40.43 -4.13 -11.68
N ARG B 364 41.20 -3.16 -12.16
CA ARG B 364 40.65 -1.85 -12.43
C ARG B 364 41.52 -1.04 -13.36
N ASP B 365 40.89 -0.38 -14.33
CA ASP B 365 41.57 0.52 -15.24
C ASP B 365 40.59 1.65 -15.55
N GLU B 366 41.02 2.62 -16.36
CA GLU B 366 40.16 3.76 -16.67
C GLU B 366 38.77 3.50 -17.24
N HIS B 367 38.46 2.27 -17.62
CA HIS B 367 37.13 1.99 -18.17
C HIS B 367 36.50 0.69 -17.71
N MET B 368 37.02 0.12 -16.62
CA MET B 368 36.47 -1.14 -16.15
C MET B 368 36.84 -1.42 -14.71
N LEU B 369 35.89 -1.99 -13.97
CA LEU B 369 36.10 -2.35 -12.58
C LEU B 369 35.69 -3.80 -12.44
N VAL B 370 36.46 -4.60 -11.70
CA VAL B 370 36.12 -6.00 -11.50
C VAL B 370 36.33 -6.40 -10.04
N THR B 371 35.24 -6.81 -9.40
CA THR B 371 35.30 -7.20 -7.99
C THR B 371 34.69 -8.56 -7.74
N ARG B 372 34.89 -9.06 -6.52
CA ARG B 372 34.35 -10.35 -6.11
C ARG B 372 33.63 -10.16 -4.79
N ARG B 373 32.41 -10.68 -4.68
CA ARG B 373 31.62 -10.55 -3.47
C ARG B 373 31.96 -11.60 -2.43
N ASP B 374 31.32 -11.49 -1.27
CA ASP B 374 31.52 -12.43 -0.18
C ASP B 374 31.35 -13.88 -0.57
N ASP B 375 30.20 -14.19 -1.19
CA ASP B 375 29.87 -15.57 -1.58
C ASP B 375 30.76 -16.15 -2.67
N GLY B 376 31.60 -15.31 -3.27
CA GLY B 376 32.47 -15.81 -4.31
C GLY B 376 32.07 -15.43 -5.73
N SER B 377 30.89 -14.87 -5.90
CA SER B 377 30.45 -14.47 -7.24
C SER B 377 31.29 -13.28 -7.71
N VAL B 378 31.31 -13.04 -9.01
CA VAL B 378 32.10 -11.94 -9.55
C VAL B 378 31.24 -10.97 -10.32
N ALA B 379 31.46 -9.69 -10.10
CA ALA B 379 30.70 -8.67 -10.80
C ALA B 379 31.71 -7.81 -11.57
N LEU B 380 31.29 -7.33 -12.72
CA LEU B 380 32.14 -6.51 -13.57
C LEU B 380 31.36 -5.36 -14.18
N ILE B 381 31.97 -4.18 -14.21
CA ILE B 381 31.34 -3.01 -14.81
C ILE B 381 32.36 -2.36 -15.74
N ALA B 382 31.91 -2.03 -16.94
CA ALA B 382 32.73 -1.39 -17.95
C ALA B 382 31.88 -0.26 -18.55
N TRP B 383 32.54 0.83 -18.93
CA TRP B 383 31.85 1.99 -19.51
C TRP B 383 32.63 2.51 -20.70
N ASN B 384 31.92 3.15 -21.62
CA ASN B 384 32.53 3.69 -22.83
C ASN B 384 31.93 5.08 -23.11
N GLU B 385 32.42 6.09 -22.40
CA GLU B 385 31.94 7.45 -22.59
C GLU B 385 32.57 8.07 -23.83
N VAL B 386 31.77 8.82 -24.59
CA VAL B 386 32.27 9.47 -25.78
C VAL B 386 32.41 10.95 -25.52
N MET B 387 33.64 11.37 -25.23
CA MET B 387 33.94 12.77 -24.92
C MET B 387 33.64 13.74 -26.05
N ASP B 388 34.06 13.39 -27.27
CA ASP B 388 33.81 14.22 -28.42
C ASP B 388 33.23 13.33 -29.50
N LYS B 389 32.68 13.94 -30.55
CA LYS B 389 32.09 13.16 -31.62
C LYS B 389 33.14 12.43 -32.45
N THR B 390 32.83 11.20 -32.85
CA THR B 390 33.72 10.38 -33.67
C THR B 390 32.87 9.39 -34.47
N GLU B 391 33.52 8.66 -35.37
CA GLU B 391 32.82 7.65 -36.17
C GLU B 391 33.08 6.25 -35.63
N ASN B 392 34.00 6.13 -34.69
CA ASN B 392 34.30 4.84 -34.08
C ASN B 392 34.15 4.93 -32.56
N PRO B 393 32.89 5.04 -32.09
CA PRO B 393 32.60 5.14 -30.66
C PRO B 393 32.54 3.78 -29.98
N ASP B 394 32.61 2.70 -30.76
CA ASP B 394 32.55 1.35 -30.22
C ASP B 394 33.86 0.86 -29.62
N GLU B 395 33.75 -0.02 -28.64
CA GLU B 395 34.91 -0.59 -27.98
C GLU B 395 34.67 -2.06 -27.66
N ASP B 396 35.51 -2.94 -28.20
CA ASP B 396 35.37 -4.36 -27.95
C ASP B 396 36.16 -4.81 -26.73
N TYR B 397 35.58 -5.78 -26.02
CA TYR B 397 36.22 -6.30 -24.81
C TYR B 397 36.36 -7.80 -24.80
N GLU B 398 37.45 -8.25 -24.21
CA GLU B 398 37.72 -9.66 -24.05
C GLU B 398 38.37 -9.73 -22.69
N VAL B 399 37.67 -10.32 -21.73
CA VAL B 399 38.19 -10.40 -20.38
C VAL B 399 38.16 -11.83 -19.86
N GLU B 400 39.24 -12.24 -19.22
CA GLU B 400 39.31 -13.58 -18.64
C GLU B 400 39.09 -13.39 -17.15
N ILE B 401 37.94 -13.85 -16.67
CA ILE B 401 37.58 -13.69 -15.26
C ILE B 401 37.72 -14.98 -14.46
N PRO B 402 38.42 -14.91 -13.31
CA PRO B 402 38.63 -16.06 -12.44
C PRO B 402 37.36 -16.40 -11.67
N VAL B 403 37.00 -17.67 -11.67
CA VAL B 403 35.81 -18.11 -10.98
C VAL B 403 36.04 -19.41 -10.20
N ARG B 404 35.63 -19.42 -8.94
CA ARG B 404 35.78 -20.59 -8.09
C ARG B 404 35.06 -21.79 -8.68
N PHE B 405 33.74 -21.65 -8.88
CA PHE B 405 32.92 -22.71 -9.43
C PHE B 405 33.19 -23.05 -10.89
N ARG B 406 32.55 -24.12 -11.37
CA ARG B 406 32.72 -24.60 -12.74
C ARG B 406 31.57 -24.17 -13.65
N ASP B 407 30.36 -24.30 -13.13
CA ASP B 407 29.15 -23.93 -13.86
C ASP B 407 28.80 -22.50 -13.47
N VAL B 408 28.63 -21.63 -14.45
CA VAL B 408 28.35 -20.23 -14.17
C VAL B 408 27.03 -19.71 -14.74
N PHE B 409 26.34 -18.89 -13.96
CA PHE B 409 25.12 -18.28 -14.43
C PHE B 409 25.52 -16.83 -14.67
N ILE B 410 25.18 -16.31 -15.84
CA ILE B 410 25.55 -14.94 -16.17
C ILE B 410 24.34 -14.03 -16.33
N LYS B 411 24.39 -12.88 -15.67
CA LYS B 411 23.33 -11.88 -15.75
C LYS B 411 23.99 -10.60 -16.22
N ARG B 412 23.57 -10.11 -17.38
CA ARG B 412 24.14 -8.90 -17.98
C ARG B 412 23.10 -7.78 -18.07
N GLN B 413 23.46 -6.61 -17.56
CA GLN B 413 22.57 -5.45 -17.62
C GLN B 413 23.31 -4.39 -18.42
N LEU B 414 22.58 -3.67 -19.24
CA LEU B 414 23.20 -2.68 -20.09
C LEU B 414 22.34 -1.45 -20.36
N ILE B 415 23.00 -0.30 -20.47
CA ILE B 415 22.36 0.95 -20.79
C ILE B 415 23.27 1.66 -21.79
N ASP B 416 22.67 2.28 -22.79
CA ASP B 416 23.40 3.03 -23.80
C ASP B 416 22.39 3.89 -24.55
N GLU B 417 22.76 4.39 -25.73
CA GLU B 417 21.87 5.26 -26.49
C GLU B 417 20.51 4.64 -26.82
N GLU B 418 20.44 3.32 -26.88
CA GLU B 418 19.19 2.63 -27.20
C GLU B 418 18.57 1.86 -26.05
N HIS B 419 19.22 1.84 -24.90
CA HIS B 419 18.69 1.09 -23.76
C HIS B 419 18.74 1.88 -22.47
N GLY B 420 17.57 2.07 -21.86
CA GLY B 420 17.49 2.82 -20.62
C GLY B 420 17.86 4.28 -20.88
N ASN B 421 17.35 4.82 -21.98
CA ASN B 421 17.63 6.20 -22.37
C ASN B 421 16.31 6.93 -22.60
N PRO B 422 15.51 7.09 -21.53
CA PRO B 422 14.22 7.79 -21.64
C PRO B 422 14.32 9.11 -22.38
N TRP B 423 15.46 9.76 -22.27
CA TRP B 423 15.71 11.03 -22.94
C TRP B 423 15.56 10.91 -24.45
N GLY B 424 16.22 9.92 -25.05
CA GLY B 424 16.13 9.73 -26.48
C GLY B 424 14.69 9.55 -26.94
N THR B 425 13.94 8.79 -26.17
CA THR B 425 12.54 8.53 -26.46
C THR B 425 11.72 9.80 -26.39
N TRP B 426 11.94 10.57 -25.33
CA TRP B 426 11.25 11.82 -25.13
C TRP B 426 11.51 12.69 -26.37
N ILE B 427 12.65 12.47 -27.00
CA ILE B 427 13.00 13.21 -28.19
C ILE B 427 12.18 12.63 -29.35
N HIS B 428 11.91 11.34 -29.31
CA HIS B 428 11.10 10.70 -30.34
C HIS B 428 9.68 11.26 -30.24
N MET B 429 9.23 11.51 -29.01
CA MET B 429 7.88 12.03 -28.76
C MET B 429 7.69 13.49 -29.12
N GLY B 430 8.77 14.18 -29.45
CA GLY B 430 8.65 15.58 -29.79
C GLY B 430 8.93 16.46 -28.59
N ARG B 431 9.72 15.94 -27.66
CA ARG B 431 10.11 16.67 -26.46
C ARG B 431 8.96 17.33 -25.73
N PRO B 432 7.89 16.58 -25.44
CA PRO B 432 6.78 17.22 -24.72
C PRO B 432 7.22 17.80 -23.39
N ARG B 433 6.76 19.01 -23.08
CA ARG B 433 7.10 19.65 -21.82
C ARG B 433 6.27 19.06 -20.69
N TYR B 434 5.00 18.81 -20.99
CA TYR B 434 4.06 18.27 -20.00
C TYR B 434 3.37 17.04 -20.57
N PRO B 435 4.12 15.94 -20.73
CA PRO B 435 3.56 14.70 -21.27
C PRO B 435 2.32 14.19 -20.54
N SER B 436 1.56 13.35 -21.24
CA SER B 436 0.35 12.74 -20.69
C SER B 436 0.79 11.60 -19.76
N LYS B 437 -0.17 10.91 -19.17
CA LYS B 437 0.15 9.81 -18.28
C LYS B 437 0.57 8.59 -19.11
N GLU B 438 0.02 8.51 -20.31
CA GLU B 438 0.35 7.43 -21.23
C GLU B 438 1.79 7.60 -21.70
N GLN B 439 2.20 8.83 -21.92
CA GLN B 439 3.54 9.14 -22.37
C GLN B 439 4.55 8.92 -21.25
N VAL B 440 4.19 9.34 -20.03
CA VAL B 440 5.08 9.14 -18.90
C VAL B 440 5.24 7.64 -18.65
N ASN B 441 4.17 6.88 -18.90
CA ASN B 441 4.23 5.44 -18.72
C ASN B 441 5.22 4.81 -19.69
N THR B 442 5.22 5.29 -20.93
CA THR B 442 6.13 4.78 -21.94
C THR B 442 7.56 5.14 -21.58
N LEU B 443 7.73 6.29 -20.95
CA LEU B 443 9.06 6.71 -20.54
C LEU B 443 9.57 5.82 -19.41
N ARG B 444 8.67 5.35 -18.55
CA ARG B 444 9.07 4.51 -17.44
C ARG B 444 9.46 3.13 -17.95
N GLU B 445 8.68 2.60 -18.88
CA GLU B 445 8.94 1.30 -19.49
C GLU B 445 10.30 1.30 -20.19
N VAL B 446 10.63 2.41 -20.83
CA VAL B 446 11.90 2.55 -21.54
C VAL B 446 13.10 2.72 -20.59
N ALA B 447 12.90 3.47 -19.52
CA ALA B 447 13.97 3.75 -18.56
C ALA B 447 14.39 2.56 -17.71
N LYS B 448 14.85 1.52 -18.38
CA LYS B 448 15.31 0.32 -17.72
C LYS B 448 16.45 -0.28 -18.52
N PRO B 449 17.41 -0.91 -17.84
CA PRO B 449 18.53 -1.50 -18.57
C PRO B 449 18.11 -2.76 -19.31
N GLU B 450 18.87 -3.13 -20.32
CA GLU B 450 18.55 -4.35 -21.04
C GLU B 450 19.12 -5.49 -20.22
N ILE B 451 18.34 -6.55 -20.05
CA ILE B 451 18.80 -7.70 -19.29
C ILE B 451 18.95 -8.92 -20.16
N MET B 452 20.13 -9.54 -20.09
CA MET B 452 20.42 -10.74 -20.85
C MET B 452 21.06 -11.77 -19.93
N THR B 453 20.54 -12.98 -19.96
CA THR B 453 21.07 -14.06 -19.15
C THR B 453 21.73 -15.12 -20.04
N SER B 454 22.65 -15.87 -19.47
CA SER B 454 23.34 -16.90 -20.22
C SER B 454 24.09 -17.79 -19.25
N GLN B 455 24.70 -18.84 -19.78
CA GLN B 455 25.45 -19.78 -18.97
C GLN B 455 26.66 -20.28 -19.76
N PRO B 456 27.83 -20.38 -19.11
CA PRO B 456 29.06 -20.86 -19.74
C PRO B 456 29.68 -21.91 -18.84
N VAL B 457 30.81 -22.46 -19.29
CA VAL B 457 31.51 -23.48 -18.53
C VAL B 457 32.89 -22.93 -18.20
N ALA B 458 33.11 -22.61 -16.93
CA ALA B 458 34.40 -22.09 -16.49
C ALA B 458 35.36 -23.26 -16.58
N ASN B 459 36.49 -23.07 -17.25
CA ASN B 459 37.44 -24.17 -17.40
C ASN B 459 38.39 -24.37 -16.23
N ASP B 460 39.64 -23.96 -16.40
CA ASP B 460 40.62 -24.13 -15.34
C ASP B 460 40.55 -22.96 -14.35
N GLY B 461 39.36 -22.72 -13.81
CA GLY B 461 39.18 -21.64 -12.87
C GLY B 461 38.96 -20.30 -13.54
N TYR B 462 38.77 -20.31 -14.85
CA TYR B 462 38.56 -19.07 -15.60
C TYR B 462 37.43 -19.13 -16.61
N LEU B 463 36.86 -17.96 -16.89
CA LEU B 463 35.78 -17.81 -17.84
C LEU B 463 36.17 -16.66 -18.75
N ASN B 464 36.02 -16.84 -20.06
CA ASN B 464 36.38 -15.79 -21.01
C ASN B 464 35.13 -15.04 -21.47
N LEU B 465 35.14 -13.72 -21.29
CA LEU B 465 34.00 -12.88 -21.71
C LEU B 465 34.38 -11.95 -22.84
N LYS B 466 33.55 -11.94 -23.88
CA LYS B 466 33.77 -11.07 -25.02
C LYS B 466 32.50 -10.26 -25.23
N PHE B 467 32.65 -8.95 -25.32
CA PHE B 467 31.50 -8.08 -25.55
C PHE B 467 31.92 -6.77 -26.19
N LYS B 468 30.95 -6.07 -26.76
CA LYS B 468 31.21 -4.79 -27.42
C LYS B 468 30.41 -3.67 -26.74
N LEU B 469 31.06 -2.54 -26.48
CA LEU B 469 30.36 -1.43 -25.85
C LEU B 469 30.06 -0.31 -26.81
N GLY B 470 28.78 -0.12 -27.09
CA GLY B 470 28.36 0.94 -27.99
C GLY B 470 28.64 2.30 -27.39
N LYS B 471 28.21 3.35 -28.08
CA LYS B 471 28.39 4.73 -27.65
C LYS B 471 27.77 5.02 -26.27
N ASN B 472 28.58 5.57 -25.38
CA ASN B 472 28.16 5.92 -24.03
C ASN B 472 27.48 4.78 -23.27
N ALA B 473 27.98 3.57 -23.47
CA ALA B 473 27.40 2.41 -22.82
C ALA B 473 28.04 2.10 -21.47
N VAL B 474 27.24 1.52 -20.59
CA VAL B 474 27.69 1.10 -19.28
C VAL B 474 27.08 -0.29 -19.15
N VAL B 475 27.90 -1.28 -18.81
CA VAL B 475 27.38 -2.64 -18.69
C VAL B 475 27.79 -3.26 -17.36
N LEU B 476 26.93 -4.13 -16.85
CA LEU B 476 27.17 -4.83 -15.59
C LEU B 476 27.03 -6.34 -15.77
N TYR B 477 28.13 -7.05 -15.55
CA TYR B 477 28.09 -8.51 -15.63
C TYR B 477 28.17 -9.08 -14.22
N GLU B 478 27.39 -10.12 -13.96
CA GLU B 478 27.41 -10.80 -12.69
C GLU B 478 27.59 -12.27 -12.99
N LEU B 479 28.59 -12.89 -12.39
CA LEU B 479 28.87 -14.30 -12.60
C LEU B 479 28.72 -15.05 -11.29
N THR B 480 27.62 -15.78 -11.15
CA THR B 480 27.31 -16.54 -9.96
C THR B 480 27.36 -18.04 -10.26
N GLU B 481 27.44 -18.86 -9.21
CA GLU B 481 27.51 -20.30 -9.40
C GLU B 481 26.20 -20.95 -9.78
N ARG B 482 26.23 -21.70 -10.88
CA ARG B 482 25.07 -22.41 -11.36
C ARG B 482 25.06 -23.83 -10.78
N ILE B 483 23.92 -24.24 -10.24
CA ILE B 483 23.78 -25.58 -9.69
C ILE B 483 22.60 -26.20 -10.40
N ASP B 484 22.88 -26.85 -11.53
CA ASP B 484 21.87 -27.46 -12.37
C ASP B 484 21.00 -28.52 -11.70
N GLU B 485 19.68 -28.36 -11.82
CA GLU B 485 18.72 -29.29 -11.22
C GLU B 485 17.94 -30.06 -12.29
N SER B 486 18.33 -29.87 -13.55
CA SER B 486 17.67 -30.52 -14.66
C SER B 486 17.51 -32.05 -14.57
N SER B 487 18.47 -32.72 -13.94
CA SER B 487 18.42 -34.18 -13.82
C SER B 487 17.26 -34.65 -12.95
N THR B 488 16.73 -33.75 -12.12
CA THR B 488 15.62 -34.12 -11.24
C THR B 488 14.28 -34.13 -11.96
N TYR B 489 14.26 -33.61 -13.20
CA TYR B 489 13.01 -33.58 -13.95
C TYR B 489 12.86 -34.84 -14.80
N ILE B 490 12.10 -35.81 -14.30
CA ILE B 490 11.90 -37.06 -15.00
C ILE B 490 11.28 -36.90 -16.36
N GLY B 491 12.03 -37.27 -17.40
CA GLY B 491 11.54 -37.19 -18.76
C GLY B 491 11.73 -35.84 -19.44
N LEU B 492 12.53 -34.97 -18.82
CA LEU B 492 12.77 -33.64 -19.37
C LEU B 492 13.42 -33.71 -20.75
N ASP B 493 12.78 -33.07 -21.71
CA ASP B 493 13.28 -33.06 -23.07
C ASP B 493 12.57 -31.97 -23.86
N ASP B 494 13.15 -30.77 -23.84
CA ASP B 494 12.59 -29.61 -24.53
C ASP B 494 12.36 -29.85 -26.03
N SER B 495 13.13 -30.77 -26.62
CA SER B 495 13.00 -31.06 -28.03
C SER B 495 11.64 -31.66 -28.36
N LYS B 496 10.89 -32.04 -27.33
CA LYS B 496 9.59 -32.61 -27.56
C LYS B 496 8.50 -31.55 -27.56
N ILE B 497 8.91 -30.29 -27.57
CA ILE B 497 7.95 -29.20 -27.62
C ILE B 497 8.01 -28.67 -29.06
N ASN B 498 6.86 -28.33 -29.63
CA ASN B 498 6.80 -27.83 -30.99
C ASN B 498 7.91 -26.82 -31.30
N GLY B 499 8.87 -27.25 -32.11
CA GLY B 499 9.96 -26.37 -32.51
C GLY B 499 11.22 -26.27 -31.67
N TYR B 500 11.27 -26.91 -30.50
CA TYR B 500 12.48 -26.82 -29.68
C TYR B 500 13.28 -28.12 -29.70
N MET C 1 -14.75 -2.62 48.74
CA MET C 1 -13.82 -2.43 47.59
C MET C 1 -12.43 -2.98 47.93
N ILE C 2 -11.45 -2.61 47.12
CA ILE C 2 -10.08 -3.06 47.32
C ILE C 2 -9.14 -1.87 47.35
N LYS C 3 -8.37 -1.75 48.43
CA LYS C 3 -7.44 -0.65 48.59
C LYS C 3 -6.00 -1.14 48.59
N VAL C 4 -5.22 -0.66 47.62
CA VAL C 4 -3.83 -1.09 47.51
C VAL C 4 -2.79 0.03 47.46
N ARG C 5 -1.75 -0.13 48.26
CA ARG C 5 -0.67 0.84 48.24
C ARG C 5 0.50 0.14 47.57
N VAL C 6 0.82 0.55 46.35
CA VAL C 6 1.92 -0.05 45.62
C VAL C 6 3.24 0.42 46.21
N PRO C 7 4.10 -0.51 46.64
CA PRO C 7 5.38 -0.12 47.23
C PRO C 7 6.32 0.47 46.19
N ASP C 8 7.07 1.47 46.58
CA ASP C 8 8.04 2.08 45.69
C ASP C 8 9.27 1.18 45.91
N PHE C 9 9.15 -0.06 45.45
CA PHE C 9 10.20 -1.06 45.62
C PHE C 9 9.95 -2.22 44.66
N SER C 10 11.01 -2.91 44.27
CA SER C 10 10.88 -4.04 43.36
C SER C 10 11.99 -5.07 43.56
N ASP C 11 11.60 -6.30 43.91
CA ASP C 11 12.57 -7.37 44.11
C ASP C 11 12.37 -8.44 43.04
N LYS C 12 11.37 -8.25 42.19
CA LYS C 12 11.08 -9.22 41.14
C LYS C 12 10.86 -8.56 39.77
N LYS C 13 11.22 -9.29 38.72
CA LYS C 13 11.07 -8.77 37.37
C LYS C 13 9.88 -9.37 36.65
N PHE C 14 9.37 -8.65 35.67
CA PHE C 14 8.28 -9.13 34.85
C PHE C 14 8.85 -9.26 33.44
N SER C 15 8.94 -10.49 32.95
CA SER C 15 9.51 -10.74 31.62
C SER C 15 8.47 -10.74 30.51
N ASP C 16 8.93 -10.86 29.27
CA ASP C 16 7.98 -10.87 28.17
C ASP C 16 7.85 -12.28 27.62
N ARG C 17 7.99 -13.26 28.51
CA ARG C 17 7.85 -14.64 28.10
C ARG C 17 6.41 -14.86 27.63
N TRP C 18 5.50 -14.00 28.06
CA TRP C 18 4.09 -14.09 27.68
C TRP C 18 3.88 -13.86 26.18
N ARG C 19 4.80 -13.15 25.53
CA ARG C 19 4.65 -12.89 24.11
C ARG C 19 5.71 -13.59 23.26
N TYR C 20 6.30 -14.64 23.81
CA TYR C 20 7.33 -15.42 23.11
C TYR C 20 6.73 -16.16 21.91
N CYS C 21 5.60 -16.82 22.13
CA CYS C 21 4.97 -17.63 21.09
C CYS C 21 3.44 -17.51 21.10
N VAL C 22 2.83 -17.74 19.93
CA VAL C 22 1.38 -17.68 19.76
C VAL C 22 0.99 -18.88 18.89
N GLY C 23 -0.25 -19.35 19.03
CA GLY C 23 -0.70 -20.51 18.26
C GLY C 23 -1.30 -20.22 16.89
N THR C 24 -1.43 -21.26 16.07
CA THR C 24 -2.01 -21.13 14.73
C THR C 24 -2.73 -22.39 14.25
N GLY C 25 -3.59 -22.23 13.25
CA GLY C 25 -4.26 -23.39 12.68
C GLY C 25 -3.21 -24.12 11.88
N ARG C 26 -3.53 -25.25 11.23
CA ARG C 26 -2.52 -25.97 10.47
C ARG C 26 -1.81 -25.08 9.45
N LEU C 27 -0.50 -25.30 9.29
CA LEU C 27 0.31 -24.49 8.38
C LEU C 27 -0.31 -24.26 7.01
N GLY C 28 -0.96 -25.26 6.45
CA GLY C 28 -1.57 -25.10 5.14
C GLY C 28 -2.53 -23.94 5.00
N LEU C 29 -3.00 -23.40 6.11
CA LEU C 29 -3.93 -22.28 6.05
C LEU C 29 -3.17 -20.98 5.91
N ALA C 30 -1.88 -21.01 6.24
CA ALA C 30 -1.04 -19.82 6.14
C ALA C 30 -0.95 -19.38 4.68
N LEU C 31 -1.51 -20.18 3.79
CA LEU C 31 -1.53 -19.86 2.36
C LEU C 31 -2.71 -18.95 2.03
N GLN C 32 -3.66 -18.84 2.96
CA GLN C 32 -4.83 -18.00 2.73
C GLN C 32 -4.51 -16.51 2.91
N LYS C 33 -5.20 -15.70 2.12
CA LYS C 33 -5.03 -14.25 2.18
C LYS C 33 -5.50 -13.80 3.56
N GLU C 34 -6.68 -14.27 3.95
CA GLU C 34 -7.25 -13.95 5.25
C GLU C 34 -6.21 -14.19 6.34
N TYR C 35 -5.59 -15.37 6.31
CA TYR C 35 -4.59 -15.73 7.29
C TYR C 35 -3.48 -14.67 7.37
N ILE C 36 -2.74 -14.52 6.28
CA ILE C 36 -1.63 -13.57 6.25
C ILE C 36 -1.95 -12.13 6.66
N GLU C 37 -3.05 -11.58 6.16
CA GLU C 37 -3.41 -10.20 6.52
C GLU C 37 -3.58 -10.14 8.03
N THR C 38 -4.17 -11.19 8.60
CA THR C 38 -4.42 -11.24 10.04
C THR C 38 -3.15 -11.44 10.86
N LEU C 39 -2.23 -12.22 10.34
CA LEU C 39 -0.98 -12.45 11.05
C LEU C 39 -0.23 -11.11 11.05
N LYS C 40 -0.26 -10.40 9.92
CA LYS C 40 0.41 -9.10 9.85
C LYS C 40 -0.24 -8.13 10.83
N TYR C 41 -1.57 -8.19 10.89
CA TYR C 41 -2.35 -7.33 11.78
C TYR C 41 -1.94 -7.54 13.24
N VAL C 42 -1.96 -8.79 13.67
CA VAL C 42 -1.59 -9.14 15.03
C VAL C 42 -0.16 -8.72 15.36
N LYS C 43 0.76 -9.00 14.44
CA LYS C 43 2.17 -8.66 14.67
C LYS C 43 2.42 -7.16 14.81
N GLU C 44 1.61 -6.35 14.15
CA GLU C 44 1.75 -4.90 14.24
C GLU C 44 1.32 -4.44 15.62
N ASN C 45 0.59 -5.30 16.32
CA ASN C 45 0.08 -4.95 17.63
C ASN C 45 0.69 -5.73 18.78
N ILE C 46 1.28 -6.86 18.47
CA ILE C 46 1.91 -7.69 19.48
C ILE C 46 3.13 -8.33 18.85
N ASP C 47 4.28 -8.12 19.46
CA ASP C 47 5.54 -8.66 18.95
C ASP C 47 5.78 -10.12 19.29
N PHE C 48 4.93 -11.01 18.80
CA PHE C 48 5.13 -12.43 19.04
C PHE C 48 6.41 -12.83 18.29
N LYS C 49 7.27 -13.58 18.96
CA LYS C 49 8.54 -14.03 18.39
C LYS C 49 8.36 -15.31 17.57
N TYR C 50 7.48 -16.19 18.02
CA TYR C 50 7.23 -17.47 17.34
C TYR C 50 5.76 -17.80 17.16
N ILE C 51 5.50 -18.73 16.25
CA ILE C 51 4.14 -19.16 15.97
C ILE C 51 4.15 -20.70 15.87
N ARG C 52 3.26 -21.36 16.60
CA ARG C 52 3.23 -22.82 16.64
C ARG C 52 1.91 -23.47 16.21
N GLY C 53 1.98 -24.34 15.22
CA GLY C 53 0.79 -25.02 14.73
C GLY C 53 1.10 -26.38 14.10
N HIS C 54 0.06 -27.17 13.83
CA HIS C 54 0.23 -28.50 13.25
C HIS C 54 0.34 -28.50 11.72
N GLY C 55 0.58 -29.69 11.17
CA GLY C 55 0.60 -29.89 9.73
C GLY C 55 1.78 -29.63 8.82
N LEU C 56 2.99 -29.49 9.37
CA LEU C 56 4.16 -29.24 8.53
C LEU C 56 4.30 -30.31 7.44
N LEU C 57 4.12 -31.55 7.85
CA LEU C 57 4.28 -32.67 6.94
C LEU C 57 2.97 -33.18 6.35
N CYS C 58 1.86 -32.59 6.75
CA CYS C 58 0.59 -33.03 6.21
C CYS C 58 0.57 -32.84 4.71
N ASP C 59 -0.32 -33.58 4.07
CA ASP C 59 -0.38 -33.56 2.62
C ASP C 59 -0.97 -32.36 1.89
N ASP C 60 -1.55 -31.41 2.61
CA ASP C 60 -2.07 -30.25 1.92
C ASP C 60 -0.86 -29.37 1.60
N VAL C 61 0.12 -29.34 2.50
CA VAL C 61 1.35 -28.58 2.26
C VAL C 61 2.10 -29.38 1.21
N GLY C 62 1.88 -30.69 1.25
CA GLY C 62 2.44 -31.62 0.29
C GLY C 62 3.92 -31.90 0.03
N ILE C 63 4.77 -31.79 1.04
CA ILE C 63 6.20 -32.03 0.84
C ILE C 63 6.54 -33.47 0.42
N TYR C 64 5.94 -34.44 1.10
CA TYR C 64 6.27 -35.82 0.79
C TYR C 64 5.47 -36.50 -0.30
N ARG C 65 6.17 -36.85 -1.37
CA ARG C 65 5.58 -37.54 -2.52
C ARG C 65 6.47 -38.71 -2.93
N GLU C 66 5.98 -39.52 -3.86
CA GLU C 66 6.74 -40.65 -4.36
C GLU C 66 6.47 -40.81 -5.84
N ASP C 67 7.54 -40.81 -6.63
CA ASP C 67 7.45 -40.96 -8.07
C ASP C 67 7.63 -42.43 -8.42
N VAL C 68 6.78 -42.94 -9.30
CA VAL C 68 6.88 -44.35 -9.67
C VAL C 68 7.41 -44.51 -11.09
N VAL C 69 8.71 -44.74 -11.20
CA VAL C 69 9.34 -44.96 -12.50
C VAL C 69 9.46 -46.48 -12.69
N GLY C 70 8.64 -47.01 -13.59
CA GLY C 70 8.66 -48.44 -13.83
C GLY C 70 8.30 -49.14 -12.53
N ASP C 71 9.30 -49.76 -11.90
CA ASP C 71 9.09 -50.45 -10.64
C ASP C 71 9.62 -49.57 -9.52
N GLU C 72 10.87 -49.14 -9.66
CA GLU C 72 11.53 -48.31 -8.68
C GLU C 72 10.62 -47.16 -8.23
N VAL C 73 10.51 -46.97 -6.93
CA VAL C 73 9.69 -45.90 -6.37
C VAL C 73 10.64 -44.95 -5.65
N LYS C 74 10.70 -43.70 -6.13
CA LYS C 74 11.58 -42.72 -5.52
C LYS C 74 10.83 -41.59 -4.82
N PRO C 75 11.21 -41.29 -3.58
CA PRO C 75 10.53 -40.21 -2.88
C PRO C 75 10.87 -38.85 -3.50
N PHE C 76 9.94 -37.91 -3.40
CA PHE C 76 10.16 -36.57 -3.92
C PHE C 76 9.66 -35.61 -2.86
N TYR C 77 10.50 -34.64 -2.50
CA TYR C 77 10.13 -33.65 -1.50
C TYR C 77 9.81 -32.33 -2.18
N ASN C 78 8.53 -31.93 -2.16
CA ASN C 78 8.08 -30.70 -2.79
C ASN C 78 8.02 -29.56 -1.77
N PHE C 79 8.87 -28.56 -1.94
CA PHE C 79 8.90 -27.45 -1.01
C PHE C 79 8.12 -26.21 -1.43
N THR C 80 7.50 -26.26 -2.60
CA THR C 80 6.75 -25.11 -3.13
C THR C 80 5.92 -24.36 -2.09
N TYR C 81 5.15 -25.09 -1.30
CA TYR C 81 4.31 -24.48 -0.28
C TYR C 81 4.98 -24.03 1.02
N ILE C 82 5.74 -24.87 1.72
CA ILE C 82 6.36 -24.36 2.96
C ILE C 82 7.29 -23.21 2.65
N ASP C 83 7.95 -23.26 1.50
CA ASP C 83 8.85 -22.18 1.12
C ASP C 83 8.05 -20.88 1.15
N ARG C 84 6.85 -20.92 0.58
CA ARG C 84 5.99 -19.75 0.52
C ARG C 84 5.51 -19.35 1.91
N ILE C 85 5.13 -20.35 2.70
CA ILE C 85 4.65 -20.13 4.06
C ILE C 85 5.73 -19.55 4.96
N PHE C 86 6.87 -20.21 5.05
CA PHE C 86 7.95 -19.71 5.89
C PHE C 86 8.56 -18.42 5.33
N ASP C 87 8.44 -18.18 4.03
CA ASP C 87 8.96 -16.94 3.46
C ASP C 87 8.08 -15.83 4.03
N SER C 88 6.78 -16.07 4.03
CA SER C 88 5.83 -15.09 4.51
C SER C 88 6.02 -14.84 6.01
N PHE C 89 6.32 -15.90 6.77
CA PHE C 89 6.56 -15.76 8.21
C PHE C 89 7.79 -14.88 8.50
N LEU C 90 8.91 -15.18 7.84
CA LEU C 90 10.13 -14.39 8.05
C LEU C 90 9.98 -12.97 7.54
N GLU C 91 9.23 -12.82 6.45
CA GLU C 91 9.00 -11.49 5.91
C GLU C 91 8.29 -10.66 6.98
N ILE C 92 7.32 -11.27 7.65
CA ILE C 92 6.55 -10.60 8.69
C ILE C 92 7.38 -10.40 9.96
N GLY C 93 8.39 -11.25 10.15
CA GLY C 93 9.23 -11.12 11.34
C GLY C 93 8.86 -12.05 12.49
N ILE C 94 8.27 -13.19 12.17
CA ILE C 94 7.90 -14.16 13.20
C ILE C 94 8.46 -15.51 12.76
N ARG C 95 9.14 -16.20 13.67
CA ARG C 95 9.74 -17.48 13.34
C ARG C 95 8.86 -18.67 13.72
N PRO C 96 9.01 -19.79 13.02
CA PRO C 96 8.20 -20.96 13.32
C PRO C 96 8.74 -21.77 14.48
N PHE C 97 7.84 -22.13 15.39
CA PHE C 97 8.18 -22.99 16.52
C PHE C 97 7.72 -24.27 15.85
N VAL C 98 8.60 -24.85 15.04
CA VAL C 98 8.27 -26.04 14.27
C VAL C 98 7.75 -27.24 15.04
N GLU C 99 6.63 -27.78 14.59
CA GLU C 99 6.05 -28.97 15.20
C GLU C 99 6.12 -30.04 14.12
N ILE C 100 7.04 -30.99 14.26
CA ILE C 100 7.18 -32.05 13.28
C ILE C 100 5.98 -32.99 13.33
N GLY C 101 5.21 -33.02 12.25
CA GLY C 101 4.02 -33.85 12.14
C GLY C 101 3.04 -33.25 11.15
N PHE C 102 1.98 -33.96 10.77
CA PHE C 102 1.72 -35.32 11.23
C PHE C 102 2.32 -36.30 10.24
N MET C 103 1.67 -37.43 10.01
CA MET C 103 2.22 -38.43 9.09
C MET C 103 1.74 -38.33 7.66
N PRO C 104 2.64 -38.01 6.72
CA PRO C 104 2.23 -37.91 5.32
C PRO C 104 1.58 -39.22 4.89
N LYS C 105 0.55 -39.13 4.06
CA LYS C 105 -0.17 -40.31 3.58
C LYS C 105 0.67 -41.47 3.05
N LYS C 106 1.54 -41.20 2.08
CA LYS C 106 2.36 -42.25 1.51
C LYS C 106 3.36 -42.91 2.46
N LEU C 107 3.60 -42.32 3.62
CA LEU C 107 4.52 -42.92 4.58
C LEU C 107 3.78 -43.57 5.75
N ALA C 108 2.46 -43.41 5.80
CA ALA C 108 1.66 -43.96 6.90
C ALA C 108 1.70 -45.48 6.98
N SER C 109 1.53 -46.00 8.19
CA SER C 109 1.51 -47.44 8.44
C SER C 109 0.08 -47.87 8.69
N GLY C 110 -0.77 -46.92 9.06
CA GLY C 110 -2.17 -47.21 9.32
C GLY C 110 -3.09 -46.22 8.62
N THR C 111 -4.38 -46.30 8.94
CA THR C 111 -5.37 -45.43 8.32
C THR C 111 -5.99 -44.40 9.25
N GLN C 112 -5.67 -44.46 10.53
CA GLN C 112 -6.27 -43.52 11.46
C GLN C 112 -5.89 -42.07 11.18
N THR C 113 -6.88 -41.19 11.18
CA THR C 113 -6.65 -39.77 10.94
C THR C 113 -7.36 -38.99 12.03
N VAL C 114 -7.10 -37.70 12.09
CA VAL C 114 -7.72 -36.83 13.09
C VAL C 114 -8.17 -35.54 12.41
N PHE C 115 -9.26 -34.95 12.91
CA PHE C 115 -9.80 -33.70 12.37
C PHE C 115 -10.43 -33.79 11.00
N TYR C 116 -11.17 -32.74 10.67
CA TYR C 116 -11.85 -32.57 9.40
C TYR C 116 -10.87 -32.69 8.23
N TRP C 117 -9.66 -32.13 8.39
CA TRP C 117 -8.68 -32.19 7.31
C TRP C 117 -7.89 -33.49 7.31
N GLU C 118 -8.32 -34.43 8.14
CA GLU C 118 -7.73 -35.76 8.20
C GLU C 118 -6.21 -35.92 8.16
N GLY C 119 -5.53 -35.49 9.23
CA GLY C 119 -4.09 -35.66 9.27
C GLY C 119 -3.85 -37.08 9.77
N ASN C 120 -2.91 -37.80 9.16
CA ASN C 120 -2.64 -39.17 9.56
C ASN C 120 -1.87 -39.28 10.89
N VAL C 121 -2.48 -40.04 11.80
CA VAL C 121 -1.99 -40.21 13.15
C VAL C 121 -1.24 -41.51 13.50
N THR C 122 -0.86 -42.29 12.49
CA THR C 122 -0.15 -43.53 12.75
C THR C 122 1.36 -43.44 12.51
N PRO C 123 2.15 -44.30 13.19
CA PRO C 123 3.61 -44.28 13.02
C PRO C 123 3.98 -44.60 11.57
N PRO C 124 5.19 -44.20 11.14
CA PRO C 124 5.58 -44.50 9.75
C PRO C 124 5.83 -45.99 9.51
N LYS C 125 5.55 -46.44 8.29
CA LYS C 125 5.75 -47.83 7.91
C LYS C 125 7.25 -48.13 7.97
N ASP C 126 8.06 -47.14 7.60
CA ASP C 126 9.52 -47.29 7.57
C ASP C 126 10.15 -46.07 8.26
N TYR C 127 10.73 -46.28 9.44
CA TYR C 127 11.34 -45.18 10.16
C TYR C 127 12.52 -44.57 9.44
N GLU C 128 13.14 -45.33 8.54
CA GLU C 128 14.28 -44.81 7.80
C GLU C 128 13.82 -43.82 6.74
N LYS C 129 12.66 -44.09 6.15
CA LYS C 129 12.14 -43.18 5.13
C LYS C 129 11.69 -41.90 5.80
N TRP C 130 11.15 -42.03 7.02
CA TRP C 130 10.70 -40.87 7.79
C TRP C 130 11.92 -40.03 8.17
N SER C 131 12.98 -40.72 8.56
CA SER C 131 14.25 -40.09 8.96
C SER C 131 14.85 -39.31 7.79
N ASP C 132 14.75 -39.89 6.59
CA ASP C 132 15.27 -39.23 5.41
C ASP C 132 14.45 -37.99 5.09
N LEU C 133 13.15 -38.05 5.37
CA LEU C 133 12.24 -36.94 5.12
C LEU C 133 12.66 -35.78 6.02
N VAL C 134 12.76 -36.07 7.30
CA VAL C 134 13.16 -35.04 8.25
C VAL C 134 14.43 -34.35 7.80
N LYS C 135 15.44 -35.14 7.43
CA LYS C 135 16.71 -34.59 6.98
C LYS C 135 16.56 -33.72 5.72
N ALA C 136 15.87 -34.24 4.71
CA ALA C 136 15.66 -33.50 3.48
C ALA C 136 15.04 -32.13 3.74
N VAL C 137 14.02 -32.12 4.59
CA VAL C 137 13.32 -30.90 4.97
C VAL C 137 14.26 -29.91 5.65
N LEU C 138 14.97 -30.38 6.67
CA LEU C 138 15.90 -29.52 7.37
C LEU C 138 16.98 -29.00 6.42
N HIS C 139 17.55 -29.89 5.62
CA HIS C 139 18.59 -29.46 4.69
C HIS C 139 18.09 -28.39 3.74
N HIS C 140 16.81 -28.46 3.38
CA HIS C 140 16.24 -27.46 2.49
C HIS C 140 16.11 -26.13 3.23
N PHE C 141 15.67 -26.18 4.48
CA PHE C 141 15.53 -24.98 5.29
C PHE C 141 16.86 -24.26 5.37
N ILE C 142 17.93 -25.03 5.59
CA ILE C 142 19.27 -24.46 5.71
C ILE C 142 19.64 -23.83 4.37
N SER C 143 19.38 -24.57 3.30
CA SER C 143 19.67 -24.11 1.95
C SER C 143 18.98 -22.79 1.61
N ARG C 144 17.69 -22.67 1.95
CA ARG C 144 16.97 -21.45 1.63
C ARG C 144 17.15 -20.31 2.64
N TYR C 145 17.05 -20.62 3.93
CA TYR C 145 17.16 -19.59 4.95
C TYR C 145 18.53 -19.38 5.62
N GLY C 146 19.44 -20.32 5.41
CA GLY C 146 20.75 -20.19 6.01
C GLY C 146 20.75 -20.81 7.40
N ILE C 147 21.87 -21.44 7.77
CA ILE C 147 22.00 -22.10 9.06
C ILE C 147 21.77 -21.20 10.26
N GLU C 148 22.35 -20.01 10.24
CA GLU C 148 22.21 -19.08 11.35
C GLU C 148 20.73 -18.83 11.68
N GLU C 149 19.92 -18.73 10.65
CA GLU C 149 18.49 -18.49 10.85
C GLU C 149 17.74 -19.73 11.37
N VAL C 150 18.00 -20.88 10.75
CA VAL C 150 17.30 -22.11 11.13
C VAL C 150 17.65 -22.60 12.54
N LEU C 151 18.82 -22.22 13.04
CA LEU C 151 19.25 -22.61 14.37
C LEU C 151 18.42 -21.94 15.45
N LYS C 152 17.63 -20.94 15.08
CA LYS C 152 16.80 -20.25 16.06
C LYS C 152 15.39 -20.87 16.11
N TRP C 153 15.15 -21.89 15.30
CA TRP C 153 13.85 -22.55 15.26
C TRP C 153 13.88 -23.82 16.08
N PRO C 154 13.00 -23.92 17.08
CA PRO C 154 12.91 -25.10 17.94
C PRO C 154 12.10 -26.16 17.22
N PHE C 155 12.40 -27.43 17.45
CA PHE C 155 11.66 -28.52 16.81
C PHE C 155 10.92 -29.43 17.79
N GLU C 156 9.61 -29.23 17.86
CA GLU C 156 8.78 -30.04 18.75
C GLU C 156 8.36 -31.28 17.98
N ILE C 157 8.52 -32.45 18.60
CA ILE C 157 8.18 -33.72 17.97
C ILE C 157 6.75 -34.19 18.22
N TRP C 158 5.92 -34.12 17.17
CA TRP C 158 4.52 -34.55 17.22
C TRP C 158 3.61 -33.67 18.07
N ASN C 159 2.45 -34.22 18.45
CA ASN C 159 1.47 -33.50 19.23
C ASN C 159 0.60 -34.42 20.10
N GLU C 160 0.56 -34.14 21.40
CA GLU C 160 -0.22 -34.90 22.36
C GLU C 160 -0.29 -36.39 22.04
N PRO C 161 0.89 -37.05 22.01
CA PRO C 161 0.92 -38.47 21.70
C PRO C 161 0.23 -39.29 22.81
N ASN C 162 -0.02 -38.65 23.95
CA ASN C 162 -0.66 -39.31 25.07
C ASN C 162 -2.15 -39.53 24.81
N LEU C 163 -2.66 -38.90 23.74
CA LEU C 163 -4.06 -39.04 23.37
C LEU C 163 -4.21 -39.93 22.15
N LYS C 164 -5.13 -40.89 22.24
CA LYS C 164 -5.40 -41.84 21.15
C LYS C 164 -5.78 -41.17 19.84
N GLU C 165 -6.34 -39.97 19.94
CA GLU C 165 -6.77 -39.23 18.77
C GLU C 165 -5.62 -38.69 17.90
N PHE C 166 -4.50 -38.35 18.52
CA PHE C 166 -3.37 -37.80 17.79
C PHE C 166 -2.22 -38.77 17.53
N TRP C 167 -2.23 -39.89 18.24
CA TRP C 167 -1.19 -40.90 18.10
C TRP C 167 -1.82 -42.29 18.31
N LYS C 168 -1.82 -43.11 17.27
CA LYS C 168 -2.42 -44.44 17.34
C LYS C 168 -2.17 -45.20 18.63
N ASP C 169 -3.24 -45.49 19.34
CA ASP C 169 -3.20 -46.25 20.60
C ASP C 169 -2.46 -45.57 21.74
N ALA C 170 -2.12 -44.28 21.58
CA ALA C 170 -1.39 -43.56 22.60
C ALA C 170 -0.21 -44.44 23.05
N ASP C 171 0.43 -45.08 22.08
CA ASP C 171 1.57 -45.95 22.34
C ASP C 171 2.76 -45.13 22.81
N GLU C 172 2.95 -45.07 24.13
CA GLU C 172 4.04 -44.31 24.72
C GLU C 172 5.39 -44.77 24.22
N LYS C 173 5.60 -46.08 24.20
CA LYS C 173 6.87 -46.64 23.75
C LYS C 173 7.13 -46.35 22.28
N GLU C 174 6.08 -46.41 21.45
CA GLU C 174 6.25 -46.13 20.03
C GLU C 174 6.58 -44.65 19.84
N TYR C 175 6.04 -43.78 20.69
CA TYR C 175 6.33 -42.35 20.58
C TYR C 175 7.79 -42.06 20.94
N PHE C 176 8.31 -42.74 21.96
CA PHE C 176 9.69 -42.55 22.36
C PHE C 176 10.59 -43.00 21.21
N LYS C 177 10.14 -44.01 20.46
CA LYS C 177 10.94 -44.46 19.32
C LYS C 177 10.88 -43.41 18.21
N LEU C 178 9.71 -42.82 18.04
CA LEU C 178 9.50 -41.80 17.03
C LEU C 178 10.37 -40.59 17.36
N TYR C 179 10.45 -40.25 18.64
CA TYR C 179 11.24 -39.10 19.09
C TYR C 179 12.73 -39.32 18.84
N LYS C 180 13.19 -40.53 19.13
CA LYS C 180 14.60 -40.86 18.95
C LYS C 180 15.00 -40.79 17.49
N VAL C 181 14.20 -41.41 16.62
CA VAL C 181 14.53 -41.40 15.20
C VAL C 181 14.58 -39.99 14.68
N THR C 182 13.58 -39.20 15.03
CA THR C 182 13.48 -37.81 14.59
C THR C 182 14.61 -36.95 15.16
N ALA C 183 14.77 -36.95 16.48
CA ALA C 183 15.81 -36.17 17.13
C ALA C 183 17.20 -36.49 16.55
N LYS C 184 17.48 -37.77 16.35
CA LYS C 184 18.77 -38.19 15.80
C LYS C 184 18.96 -37.69 14.38
N ALA C 185 17.88 -37.65 13.60
CA ALA C 185 17.96 -37.17 12.23
C ALA C 185 18.26 -35.67 12.26
N ILE C 186 17.60 -34.97 13.17
CA ILE C 186 17.78 -33.54 13.35
C ILE C 186 19.22 -33.26 13.75
N LYS C 187 19.69 -33.90 14.82
CA LYS C 187 21.06 -33.70 15.29
C LYS C 187 22.10 -34.11 14.24
N GLU C 188 21.75 -35.03 13.34
CA GLU C 188 22.67 -35.43 12.28
C GLU C 188 22.91 -34.22 11.39
N VAL C 189 21.82 -33.56 11.02
CA VAL C 189 21.89 -32.38 10.17
C VAL C 189 22.74 -31.34 10.87
N ASN C 190 22.34 -30.96 12.09
CA ASN C 190 23.10 -30.00 12.88
C ASN C 190 22.92 -30.24 14.37
N GLU C 191 24.04 -30.60 14.97
CA GLU C 191 24.20 -30.90 16.37
C GLU C 191 23.52 -29.91 17.33
N ASN C 192 23.50 -28.63 16.97
CA ASN C 192 22.90 -27.62 17.86
C ASN C 192 21.44 -27.23 17.59
N LEU C 193 20.78 -27.88 16.64
CA LEU C 193 19.39 -27.58 16.38
C LEU C 193 18.64 -28.06 17.62
N LYS C 194 17.73 -27.22 18.12
CA LYS C 194 16.96 -27.51 19.32
C LYS C 194 15.81 -28.50 19.07
N VAL C 195 15.80 -29.60 19.81
CA VAL C 195 14.74 -30.60 19.65
C VAL C 195 14.13 -30.90 21.02
N GLY C 196 12.84 -31.20 21.04
CA GLY C 196 12.17 -31.48 22.30
C GLY C 196 10.80 -32.12 22.16
N GLY C 197 10.19 -32.40 23.31
CA GLY C 197 8.88 -33.03 23.37
C GLY C 197 8.46 -33.03 24.82
N PRO C 198 7.46 -33.82 25.24
CA PRO C 198 6.60 -34.76 24.51
C PRO C 198 5.32 -34.12 23.96
N ALA C 199 5.16 -32.82 24.19
CA ALA C 199 3.99 -32.10 23.68
C ALA C 199 2.64 -32.71 24.09
N ILE C 200 2.60 -33.28 25.30
CA ILE C 200 1.40 -33.92 25.84
C ILE C 200 0.44 -32.91 26.46
N CYS C 201 -0.83 -33.27 26.56
CA CYS C 201 -1.80 -32.38 27.18
C CYS C 201 -1.82 -32.81 28.63
N GLY C 202 -2.54 -32.07 29.47
CA GLY C 202 -2.60 -32.38 30.89
C GLY C 202 -3.16 -33.74 31.24
N GLY C 203 -3.06 -34.09 32.52
CA GLY C 203 -3.59 -35.36 33.00
C GLY C 203 -2.70 -36.57 32.91
N ALA C 204 -1.59 -36.47 32.17
CA ALA C 204 -0.66 -37.58 32.02
C ALA C 204 0.78 -37.12 32.09
N ASP C 205 1.11 -36.38 33.15
CA ASP C 205 2.45 -35.85 33.33
C ASP C 205 3.53 -36.92 33.48
N TYR C 206 3.11 -38.16 33.72
CA TYR C 206 4.05 -39.26 33.87
C TYR C 206 4.72 -39.51 32.52
N TRP C 207 4.07 -39.08 31.44
CA TRP C 207 4.63 -39.22 30.10
C TRP C 207 5.90 -38.40 30.10
N ILE C 208 5.88 -37.31 30.86
CA ILE C 208 7.02 -36.42 30.96
C ILE C 208 8.14 -37.04 31.81
N GLU C 209 7.80 -37.68 32.92
CA GLU C 209 8.81 -38.30 33.75
C GLU C 209 9.43 -39.44 32.94
N ASP C 210 8.60 -40.15 32.19
CA ASP C 210 9.08 -41.26 31.37
C ASP C 210 9.92 -40.73 30.21
N PHE C 211 9.49 -39.63 29.62
CA PHE C 211 10.18 -39.03 28.49
C PHE C 211 11.63 -38.70 28.83
N LEU C 212 11.84 -37.88 29.85
CA LEU C 212 13.19 -37.49 30.24
C LEU C 212 14.02 -38.71 30.63
N ASN C 213 13.38 -39.70 31.24
CA ASN C 213 14.09 -40.92 31.63
C ASN C 213 14.51 -41.75 30.41
N PHE C 214 13.70 -41.68 29.36
CA PHE C 214 14.00 -42.41 28.14
C PHE C 214 15.22 -41.76 27.46
N CYS C 215 15.19 -40.43 27.34
CA CYS C 215 16.28 -39.71 26.70
C CYS C 215 17.58 -39.98 27.46
N TYR C 216 17.49 -40.08 28.79
CA TYR C 216 18.67 -40.35 29.60
C TYR C 216 19.23 -41.74 29.33
N GLU C 217 18.39 -42.76 29.47
CA GLU C 217 18.82 -44.13 29.24
C GLU C 217 19.34 -44.40 27.83
N GLU C 218 18.64 -43.90 26.82
CA GLU C 218 19.04 -44.10 25.43
C GLU C 218 20.04 -43.04 24.97
N ASN C 219 20.37 -42.12 25.86
CA ASN C 219 21.29 -41.02 25.55
C ASN C 219 20.76 -40.22 24.34
N VAL C 220 19.44 -40.08 24.26
CA VAL C 220 18.82 -39.33 23.18
C VAL C 220 18.78 -37.87 23.59
N PRO C 221 19.45 -37.00 22.82
CA PRO C 221 19.47 -35.57 23.14
C PRO C 221 18.10 -34.91 23.26
N VAL C 222 18.01 -33.96 24.18
CA VAL C 222 16.79 -33.20 24.41
C VAL C 222 17.15 -31.81 24.85
N ASP C 223 16.47 -30.83 24.26
CA ASP C 223 16.74 -29.44 24.57
C ASP C 223 15.61 -28.73 25.30
N PHE C 224 14.41 -29.29 25.27
CA PHE C 224 13.29 -28.68 25.97
C PHE C 224 12.11 -29.61 26.19
N VAL C 225 11.25 -29.24 27.13
CA VAL C 225 10.06 -30.01 27.44
C VAL C 225 8.88 -29.17 27.02
N SER C 226 7.92 -29.76 26.32
CA SER C 226 6.73 -29.03 25.91
C SER C 226 5.51 -29.71 26.52
N ARG C 227 4.44 -28.95 26.70
CA ARG C 227 3.21 -29.47 27.30
C ARG C 227 2.10 -28.48 27.02
N HIS C 228 0.86 -28.94 27.14
CA HIS C 228 -0.31 -28.10 26.90
C HIS C 228 -1.13 -27.95 28.16
N ALA C 229 -2.00 -26.94 28.19
CA ALA C 229 -2.83 -26.73 29.37
C ALA C 229 -4.13 -26.02 29.02
N TYR C 230 -5.22 -26.58 29.54
CA TYR C 230 -6.55 -26.03 29.36
C TYR C 230 -7.28 -26.13 30.69
N THR C 231 -8.33 -25.33 30.86
CA THR C 231 -9.10 -25.35 32.10
C THR C 231 -10.59 -25.56 31.86
N SER C 232 -10.92 -26.09 30.69
CA SER C 232 -12.31 -26.35 30.34
C SER C 232 -12.68 -27.78 30.73
N LYS C 233 -13.86 -27.96 31.31
CA LYS C 233 -14.30 -29.28 31.68
C LYS C 233 -14.98 -29.95 30.50
N GLN C 234 -15.42 -31.18 30.73
CA GLN C 234 -16.11 -31.97 29.71
C GLN C 234 -17.37 -31.26 29.24
N GLY C 235 -17.64 -31.35 27.95
CA GLY C 235 -18.82 -30.72 27.40
C GLY C 235 -19.52 -31.70 26.47
N GLU C 236 -20.68 -31.30 25.95
CA GLU C 236 -21.44 -32.14 25.05
C GLU C 236 -21.73 -31.41 23.74
N TYR C 237 -20.93 -31.71 22.72
CA TYR C 237 -21.09 -31.09 21.41
C TYR C 237 -22.49 -31.16 20.81
N THR C 238 -22.80 -30.14 20.02
CA THR C 238 -24.06 -30.07 19.28
C THR C 238 -23.48 -29.97 17.88
N PRO C 239 -24.29 -30.22 16.84
CA PRO C 239 -23.67 -30.10 15.52
C PRO C 239 -23.06 -28.71 15.24
N HIS C 240 -23.34 -27.74 16.09
CA HIS C 240 -22.84 -26.38 15.88
C HIS C 240 -21.81 -25.84 16.87
N LEU C 241 -22.00 -26.10 18.15
CA LEU C 241 -21.09 -25.58 19.16
C LEU C 241 -20.99 -26.46 20.40
N ILE C 242 -20.29 -25.96 21.42
CA ILE C 242 -20.13 -26.70 22.66
C ILE C 242 -19.91 -25.74 23.82
N TYR C 243 -20.44 -26.11 24.98
CA TYR C 243 -20.29 -25.32 26.19
C TYR C 243 -19.55 -26.13 27.23
N GLN C 244 -18.67 -25.47 27.97
CA GLN C 244 -17.89 -26.15 28.99
C GLN C 244 -17.59 -25.16 30.10
N GLU C 245 -17.56 -25.66 31.34
CA GLU C 245 -17.26 -24.77 32.44
C GLU C 245 -15.76 -24.58 32.50
N ILE C 246 -15.34 -23.33 32.69
CA ILE C 246 -13.92 -23.02 32.78
C ILE C 246 -13.58 -22.96 34.26
N MET C 247 -12.55 -23.69 34.66
CA MET C 247 -12.12 -23.69 36.06
C MET C 247 -11.22 -22.46 36.30
N PRO C 248 -11.00 -22.08 37.56
CA PRO C 248 -10.15 -20.91 37.83
C PRO C 248 -8.73 -20.97 37.26
N SER C 249 -8.14 -19.81 36.98
CA SER C 249 -6.79 -19.76 36.42
C SER C 249 -5.78 -20.44 37.32
N GLU C 250 -6.11 -20.55 38.60
CA GLU C 250 -5.22 -21.20 39.56
C GLU C 250 -4.85 -22.61 39.12
N TYR C 251 -5.83 -23.34 38.59
CA TYR C 251 -5.58 -24.70 38.13
C TYR C 251 -4.46 -24.76 37.11
N MET C 252 -4.51 -23.89 36.12
CA MET C 252 -3.48 -23.87 35.09
C MET C 252 -2.11 -23.46 35.64
N LEU C 253 -2.09 -22.39 36.44
CA LEU C 253 -0.83 -21.92 37.00
C LEU C 253 -0.19 -23.01 37.87
N ASN C 254 -1.01 -23.84 38.51
CA ASN C 254 -0.49 -24.91 39.34
C ASN C 254 0.01 -26.09 38.53
N GLU C 255 -0.46 -26.20 37.29
CA GLU C 255 -0.01 -27.29 36.43
C GLU C 255 1.37 -26.91 35.91
N PHE C 256 1.54 -25.62 35.60
CA PHE C 256 2.82 -25.11 35.10
C PHE C 256 3.89 -25.35 36.14
N LYS C 257 3.50 -25.07 37.38
CA LYS C 257 4.34 -25.22 38.55
C LYS C 257 4.65 -26.67 38.86
N THR C 258 3.64 -27.53 38.77
CA THR C 258 3.82 -28.95 39.06
C THR C 258 4.79 -29.60 38.07
N VAL C 259 4.61 -29.29 36.79
CA VAL C 259 5.47 -29.86 35.76
C VAL C 259 6.88 -29.29 35.82
N ARG C 260 6.99 -28.01 36.15
CA ARG C 260 8.30 -27.36 36.26
C ARG C 260 9.11 -28.12 37.31
N GLU C 261 8.44 -28.45 38.42
CA GLU C 261 9.09 -29.17 39.51
C GLU C 261 9.50 -30.56 39.07
N ILE C 262 8.71 -31.18 38.20
CA ILE C 262 9.01 -32.51 37.70
C ILE C 262 10.30 -32.47 36.89
N ILE C 263 10.46 -31.42 36.09
CA ILE C 263 11.66 -31.29 35.26
C ILE C 263 12.87 -31.06 36.15
N LYS C 264 12.69 -30.31 37.23
CA LYS C 264 13.79 -30.02 38.13
C LYS C 264 14.28 -31.27 38.85
N ASN C 265 13.40 -32.25 39.05
CA ASN C 265 13.77 -33.48 39.72
C ASN C 265 14.17 -34.58 38.74
N SER C 266 14.34 -34.21 37.48
CA SER C 266 14.71 -35.19 36.46
C SER C 266 16.21 -35.18 36.23
N HIS C 267 16.64 -35.92 35.20
CA HIS C 267 18.03 -36.00 34.85
C HIS C 267 18.49 -34.71 34.17
N PHE C 268 17.53 -33.95 33.63
CA PHE C 268 17.82 -32.69 32.95
C PHE C 268 17.09 -31.54 33.66
N PRO C 269 17.54 -31.20 34.89
CA PRO C 269 16.94 -30.13 35.69
C PRO C 269 16.86 -28.72 35.11
N ASN C 270 17.74 -28.40 34.17
CA ASN C 270 17.73 -27.06 33.62
C ASN C 270 17.07 -26.89 32.27
N LEU C 271 16.40 -27.93 31.79
CA LEU C 271 15.72 -27.84 30.49
C LEU C 271 14.67 -26.75 30.48
N PRO C 272 14.61 -25.96 29.39
CA PRO C 272 13.59 -24.91 29.34
C PRO C 272 12.23 -25.60 29.17
N PHE C 273 11.18 -24.96 29.65
CA PHE C 273 9.84 -25.53 29.62
C PHE C 273 8.89 -24.64 28.82
N HIS C 274 8.32 -25.20 27.77
CA HIS C 274 7.42 -24.46 26.90
C HIS C 274 5.99 -25.00 26.91
N ILE C 275 5.02 -24.12 27.15
CA ILE C 275 3.63 -24.50 27.10
C ILE C 275 3.29 -24.15 25.65
N THR C 276 3.43 -25.11 24.75
CA THR C 276 3.21 -24.86 23.33
C THR C 276 1.74 -24.77 22.91
N GLU C 277 0.84 -24.74 23.88
CA GLU C 277 -0.59 -24.66 23.60
C GLU C 277 -1.41 -24.45 24.87
N TYR C 278 -2.19 -23.37 24.90
CA TYR C 278 -3.02 -23.08 26.06
C TYR C 278 -4.19 -22.16 25.74
N ASN C 279 -5.23 -22.25 26.55
CA ASN C 279 -6.43 -21.43 26.43
C ASN C 279 -7.41 -21.92 27.49
N THR C 280 -8.60 -21.36 27.54
CA THR C 280 -9.58 -21.79 28.53
C THR C 280 -10.11 -23.12 28.02
N SER C 281 -10.93 -23.05 26.98
CA SER C 281 -11.51 -24.24 26.38
C SER C 281 -10.61 -24.73 25.25
N TYR C 282 -10.53 -26.04 25.10
CA TYR C 282 -9.71 -26.65 24.06
C TYR C 282 -10.54 -26.95 22.81
N SER C 283 -11.76 -26.40 22.72
CA SER C 283 -12.62 -26.62 21.57
C SER C 283 -12.68 -25.41 20.65
N PRO C 284 -12.51 -25.61 19.34
CA PRO C 284 -12.55 -24.51 18.38
C PRO C 284 -13.97 -24.04 18.08
N GLN C 285 -14.92 -24.47 18.91
CA GLN C 285 -16.32 -24.07 18.73
C GLN C 285 -17.04 -23.75 20.05
N ASN C 286 -16.30 -23.30 21.05
CA ASN C 286 -16.88 -22.95 22.34
C ASN C 286 -16.87 -21.41 22.45
N PRO C 287 -18.05 -20.78 22.45
CA PRO C 287 -18.29 -19.34 22.53
C PRO C 287 -17.49 -18.54 23.54
N VAL C 288 -17.07 -19.18 24.63
CA VAL C 288 -16.31 -18.50 25.67
C VAL C 288 -15.10 -17.75 25.08
N HIS C 289 -14.49 -18.33 24.05
CA HIS C 289 -13.33 -17.72 23.41
C HIS C 289 -13.60 -16.28 22.96
N ASP C 290 -14.83 -15.99 22.58
CA ASP C 290 -15.20 -14.66 22.07
C ASP C 290 -15.73 -13.65 23.08
N THR C 291 -15.84 -14.05 24.35
CA THR C 291 -16.39 -13.16 25.37
C THR C 291 -15.38 -12.30 26.12
N PRO C 292 -15.86 -11.22 26.75
CA PRO C 292 -15.01 -10.32 27.54
C PRO C 292 -14.46 -11.14 28.71
N PHE C 293 -15.24 -12.14 29.13
CA PHE C 293 -14.85 -13.03 30.22
C PHE C 293 -13.47 -13.62 29.93
N ASN C 294 -13.33 -14.23 28.76
CA ASN C 294 -12.08 -14.84 28.36
C ASN C 294 -10.95 -13.83 28.49
N ALA C 295 -11.19 -12.58 28.11
CA ALA C 295 -10.16 -11.53 28.20
C ALA C 295 -9.72 -11.28 29.64
N ALA C 296 -10.67 -11.19 30.55
CA ALA C 296 -10.36 -10.95 31.96
C ALA C 296 -9.72 -12.18 32.57
N TYR C 297 -10.14 -13.35 32.11
CA TYR C 297 -9.58 -14.59 32.62
C TYR C 297 -8.10 -14.75 32.26
N ILE C 298 -7.79 -14.69 30.97
CA ILE C 298 -6.41 -14.85 30.49
C ILE C 298 -5.42 -13.84 31.10
N ALA C 299 -5.95 -12.68 31.49
CA ALA C 299 -5.13 -11.62 32.07
C ALA C 299 -4.19 -12.12 33.17
N ARG C 300 -4.70 -12.96 34.06
CA ARG C 300 -3.87 -13.46 35.15
C ARG C 300 -2.76 -14.40 34.68
N ILE C 301 -3.04 -15.19 33.66
CA ILE C 301 -2.01 -16.09 33.16
C ILE C 301 -0.88 -15.26 32.53
N LEU C 302 -1.24 -14.26 31.74
CA LEU C 302 -0.22 -13.41 31.15
C LEU C 302 0.61 -12.81 32.28
N SER C 303 -0.07 -12.53 33.39
CA SER C 303 0.57 -11.93 34.56
C SER C 303 1.46 -12.84 35.40
N GLU C 304 1.09 -14.11 35.53
CA GLU C 304 1.85 -15.05 36.36
C GLU C 304 2.52 -16.23 35.67
N GLY C 305 2.02 -16.61 34.50
CA GLY C 305 2.59 -17.75 33.80
C GLY C 305 4.10 -17.72 33.57
N GLY C 306 4.61 -16.54 33.18
CA GLY C 306 6.04 -16.40 32.93
C GLY C 306 6.92 -16.72 34.11
N ASP C 307 6.29 -16.85 35.28
CA ASP C 307 7.00 -17.17 36.52
C ASP C 307 7.48 -18.61 36.47
N TYR C 308 6.69 -19.49 35.87
CA TYR C 308 7.01 -20.91 35.85
C TYR C 308 7.45 -21.52 34.53
N VAL C 309 7.28 -20.79 33.43
CA VAL C 309 7.66 -21.32 32.12
C VAL C 309 8.49 -20.34 31.29
N ASP C 310 9.16 -20.88 30.28
CA ASP C 310 10.00 -20.07 29.40
C ASP C 310 9.17 -19.48 28.27
N SER C 311 7.92 -19.93 28.18
CA SER C 311 6.98 -19.45 27.19
C SER C 311 5.67 -20.22 27.25
N PHE C 312 4.58 -19.56 26.91
CA PHE C 312 3.28 -20.19 26.86
C PHE C 312 2.53 -19.56 25.69
N SER C 313 2.33 -20.38 24.65
CA SER C 313 1.69 -19.97 23.40
C SER C 313 0.16 -20.09 23.36
N TYR C 314 -0.52 -18.95 23.31
CA TYR C 314 -1.98 -18.90 23.25
C TYR C 314 -2.52 -19.47 21.94
N TRP C 315 -3.37 -20.47 22.05
CA TRP C 315 -3.98 -21.15 20.91
C TRP C 315 -5.37 -20.54 20.72
N THR C 316 -5.60 -19.74 19.68
CA THR C 316 -4.65 -19.39 18.62
C THR C 316 -4.68 -17.86 18.40
N PHE C 317 -3.94 -17.39 17.39
CA PHE C 317 -3.91 -15.96 17.10
C PHE C 317 -5.10 -15.55 16.24
N SER C 318 -5.61 -16.49 15.43
CA SER C 318 -6.70 -16.20 14.51
C SER C 318 -7.74 -17.31 14.36
N ASP C 319 -8.98 -16.92 14.06
CA ASP C 319 -10.06 -17.88 13.86
C ASP C 319 -9.92 -18.67 12.56
N VAL C 320 -8.90 -18.37 11.76
CA VAL C 320 -8.67 -19.13 10.52
C VAL C 320 -8.34 -20.53 11.03
N PHE C 321 -9.33 -21.40 10.99
CA PHE C 321 -9.18 -22.75 11.55
C PHE C 321 -10.08 -23.73 10.78
N GLU C 322 -9.72 -25.01 10.75
CA GLU C 322 -10.51 -26.02 10.06
C GLU C 322 -10.62 -27.35 10.82
N GLU C 323 -10.01 -27.46 11.99
CA GLU C 323 -10.07 -28.73 12.72
C GLU C 323 -11.46 -29.33 12.72
N ARG C 324 -12.48 -28.51 12.89
CA ARG C 324 -13.86 -28.99 12.90
C ARG C 324 -14.65 -28.38 11.75
N ASP C 325 -14.07 -28.45 10.55
CA ASP C 325 -14.69 -27.95 9.33
C ASP C 325 -14.69 -26.42 9.29
N VAL C 326 -14.95 -25.87 8.11
CA VAL C 326 -14.97 -24.43 7.93
C VAL C 326 -15.96 -23.78 8.89
N PRO C 327 -15.57 -22.67 9.54
CA PRO C 327 -16.43 -21.95 10.48
C PRO C 327 -17.72 -21.54 9.78
N ARG C 328 -18.79 -21.43 10.55
CA ARG C 328 -20.08 -21.11 9.97
C ARG C 328 -20.74 -19.79 10.37
N SER C 329 -20.00 -18.89 11.02
CA SER C 329 -20.55 -17.60 11.44
C SER C 329 -19.45 -16.64 11.92
N GLN C 330 -19.73 -15.34 11.88
CA GLN C 330 -18.76 -14.32 12.30
C GLN C 330 -18.17 -14.67 13.67
N PHE C 331 -19.01 -15.13 14.58
CA PHE C 331 -18.55 -15.55 15.90
C PHE C 331 -19.00 -16.99 16.09
N HIS C 332 -18.04 -17.86 16.39
CA HIS C 332 -18.33 -19.28 16.54
C HIS C 332 -17.53 -19.99 17.64
N GLY C 333 -16.88 -19.24 18.52
CA GLY C 333 -16.12 -19.87 19.57
C GLY C 333 -14.74 -20.33 19.12
N GLY C 334 -14.22 -19.71 18.08
CA GLY C 334 -12.90 -20.09 17.59
C GLY C 334 -11.84 -19.71 18.61
N PHE C 335 -10.66 -20.31 18.49
CA PHE C 335 -9.57 -20.05 19.41
C PHE C 335 -8.95 -18.67 19.24
N GLY C 336 -9.10 -18.11 18.05
CA GLY C 336 -8.49 -16.82 17.74
C GLY C 336 -8.61 -15.61 18.64
N LEU C 337 -7.50 -14.87 18.74
CA LEU C 337 -7.50 -13.63 19.50
C LEU C 337 -8.27 -12.68 18.57
N VAL C 338 -8.24 -13.00 17.28
CA VAL C 338 -8.90 -12.19 16.25
C VAL C 338 -9.89 -13.03 15.46
N ALA C 339 -11.10 -12.51 15.30
CA ALA C 339 -12.14 -13.21 14.55
C ALA C 339 -11.97 -12.88 13.08
N LEU C 340 -12.62 -13.67 12.23
CA LEU C 340 -12.56 -13.48 10.79
C LEU C 340 -12.90 -12.02 10.47
N ASN C 341 -12.31 -11.53 9.39
CA ASN C 341 -12.49 -10.14 8.95
C ASN C 341 -11.68 -9.22 9.84
N MET C 342 -10.59 -9.75 10.39
CA MET C 342 -9.70 -9.03 11.28
C MET C 342 -10.43 -8.23 12.37
N ILE C 343 -11.37 -8.89 13.04
CA ILE C 343 -12.11 -8.23 14.11
C ILE C 343 -11.52 -8.72 15.43
N PRO C 344 -10.67 -7.89 16.05
CA PRO C 344 -10.06 -8.30 17.30
C PRO C 344 -11.08 -8.61 18.39
N LYS C 345 -10.88 -9.70 19.11
CA LYS C 345 -11.78 -10.08 20.19
C LYS C 345 -11.22 -9.44 21.45
N PRO C 346 -11.98 -9.46 22.56
CA PRO C 346 -11.47 -8.84 23.79
C PRO C 346 -10.12 -9.40 24.27
N THR C 347 -9.91 -10.70 24.13
CA THR C 347 -8.65 -11.27 24.58
C THR C 347 -7.48 -10.61 23.84
N PHE C 348 -7.68 -10.29 22.56
CA PHE C 348 -6.67 -9.62 21.77
C PHE C 348 -6.16 -8.42 22.56
N TYR C 349 -7.08 -7.61 23.08
CA TYR C 349 -6.70 -6.42 23.85
C TYR C 349 -6.05 -6.69 25.20
N THR C 350 -6.25 -7.89 25.74
CA THR C 350 -5.58 -8.21 26.99
C THR C 350 -4.09 -8.31 26.66
N PHE C 351 -3.76 -9.02 25.58
CA PHE C 351 -2.36 -9.14 25.16
C PHE C 351 -1.81 -7.77 24.78
N LYS C 352 -2.60 -7.02 24.02
CA LYS C 352 -2.19 -5.68 23.59
C LYS C 352 -1.81 -4.83 24.82
N PHE C 353 -2.70 -4.82 25.83
CA PHE C 353 -2.46 -4.08 27.07
C PHE C 353 -1.13 -4.43 27.74
N PHE C 354 -0.76 -5.70 27.71
CA PHE C 354 0.48 -6.11 28.34
C PHE C 354 1.74 -5.54 27.67
N ASN C 355 1.60 -5.01 26.45
CA ASN C 355 2.76 -4.40 25.81
C ASN C 355 3.23 -3.26 26.72
N ALA C 356 2.29 -2.71 27.49
CA ALA C 356 2.59 -1.58 28.37
C ALA C 356 3.39 -1.87 29.63
N MET C 357 3.49 -3.13 30.03
CA MET C 357 4.23 -3.46 31.24
C MET C 357 5.74 -3.28 31.07
N GLY C 358 6.38 -2.86 32.16
CA GLY C 358 7.81 -2.68 32.19
C GLY C 358 8.40 -3.87 32.91
N GLU C 359 9.72 -3.93 33.01
CA GLU C 359 10.39 -5.04 33.67
C GLU C 359 10.36 -5.00 35.20
N GLU C 360 10.24 -3.81 35.77
CA GLU C 360 10.19 -3.66 37.22
C GLU C 360 8.82 -3.95 37.79
N MET C 361 8.68 -5.07 38.50
CA MET C 361 7.39 -5.37 39.08
C MET C 361 7.31 -4.71 40.46
N LEU C 362 6.31 -3.84 40.64
CA LEU C 362 6.15 -3.13 41.90
C LEU C 362 5.07 -3.78 42.78
N TYR C 363 4.04 -4.34 42.15
CA TYR C 363 2.96 -4.99 42.90
C TYR C 363 2.19 -5.96 42.03
N ARG C 364 1.63 -6.99 42.66
CA ARG C 364 0.84 -7.96 41.93
C ARG C 364 0.00 -8.85 42.85
N ASP C 365 -1.20 -9.19 42.39
CA ASP C 365 -2.08 -10.11 43.12
C ASP C 365 -2.96 -10.80 42.09
N GLU C 366 -3.91 -11.61 42.52
CA GLU C 366 -4.74 -12.35 41.58
C GLU C 366 -5.49 -11.50 40.54
N HIS C 367 -5.68 -10.21 40.82
CA HIS C 367 -6.42 -9.35 39.89
C HIS C 367 -5.76 -8.05 39.50
N MET C 368 -4.47 -7.91 39.72
CA MET C 368 -3.80 -6.67 39.39
C MET C 368 -2.30 -6.80 39.23
N LEU C 369 -1.75 -6.10 38.23
CA LEU C 369 -0.32 -6.10 37.98
C LEU C 369 0.11 -4.65 37.80
N VAL C 370 1.15 -4.25 38.54
CA VAL C 370 1.65 -2.89 38.45
C VAL C 370 3.16 -2.97 38.27
N THR C 371 3.65 -2.31 37.22
CA THR C 371 5.06 -2.32 36.90
C THR C 371 5.58 -0.94 36.51
N ARG C 372 6.90 -0.81 36.45
CA ARG C 372 7.54 0.46 36.11
C ARG C 372 8.41 0.25 34.88
N ARG C 373 8.40 1.20 33.94
CA ARG C 373 9.20 1.10 32.73
C ARG C 373 10.57 1.72 32.96
N ASP C 374 11.44 1.59 31.97
CA ASP C 374 12.79 2.13 32.10
C ASP C 374 12.86 3.65 32.19
N ASP C 375 11.91 4.35 31.58
CA ASP C 375 11.93 5.81 31.64
C ASP C 375 11.30 6.32 32.92
N GLY C 376 10.96 5.41 33.83
CA GLY C 376 10.38 5.83 35.08
C GLY C 376 8.88 5.92 35.14
N SER C 377 8.21 5.83 33.99
CA SER C 377 6.75 5.90 33.95
C SER C 377 6.19 4.57 34.44
N VAL C 378 5.00 4.61 35.02
CA VAL C 378 4.36 3.42 35.58
C VAL C 378 3.11 2.95 34.85
N ALA C 379 2.91 1.64 34.81
CA ALA C 379 1.74 1.07 34.16
C ALA C 379 1.03 0.08 35.08
N LEU C 380 -0.30 0.14 35.07
CA LEU C 380 -1.12 -0.74 35.88
C LEU C 380 -2.23 -1.38 35.07
N ILE C 381 -2.41 -2.67 35.27
CA ILE C 381 -3.45 -3.43 34.62
C ILE C 381 -4.19 -4.17 35.72
N ALA C 382 -5.51 -4.12 35.68
CA ALA C 382 -6.32 -4.81 36.67
C ALA C 382 -7.44 -5.45 35.88
N TRP C 383 -7.93 -6.59 36.36
CA TRP C 383 -8.99 -7.33 35.69
C TRP C 383 -9.99 -7.87 36.70
N ASN C 384 -11.18 -8.20 36.22
CA ASN C 384 -12.24 -8.71 37.10
C ASN C 384 -13.11 -9.73 36.35
N GLU C 385 -12.63 -10.96 36.25
CA GLU C 385 -13.41 -11.98 35.56
C GLU C 385 -14.54 -12.47 36.46
N VAL C 386 -15.70 -12.72 35.88
CA VAL C 386 -16.84 -13.20 36.65
C VAL C 386 -16.99 -14.70 36.42
N MET C 387 -16.36 -15.49 37.29
CA MET C 387 -16.40 -16.94 37.17
C MET C 387 -17.80 -17.56 37.21
N ASP C 388 -18.73 -16.94 37.93
CA ASP C 388 -20.08 -17.48 37.99
C ASP C 388 -21.16 -16.42 38.09
N LYS C 389 -22.39 -16.82 37.85
CA LYS C 389 -23.55 -15.93 37.88
C LYS C 389 -23.60 -15.13 39.19
N THR C 390 -23.82 -13.82 39.07
CA THR C 390 -23.87 -12.94 40.22
C THR C 390 -24.72 -11.70 39.96
N GLU C 391 -25.23 -11.09 41.03
CA GLU C 391 -26.01 -9.88 40.91
C GLU C 391 -25.07 -8.71 41.19
N ASN C 392 -24.00 -9.00 41.93
CA ASN C 392 -22.99 -8.00 42.27
C ASN C 392 -21.64 -8.39 41.70
N PRO C 393 -21.41 -8.08 40.40
CA PRO C 393 -20.15 -8.40 39.73
C PRO C 393 -19.06 -7.32 39.84
N ASP C 394 -19.46 -6.07 39.89
CA ASP C 394 -18.51 -4.95 39.98
C ASP C 394 -17.50 -5.06 41.11
N GLU C 395 -16.35 -4.44 40.91
CA GLU C 395 -15.28 -4.43 41.90
C GLU C 395 -14.64 -3.03 41.93
N ASP C 396 -14.72 -2.36 43.08
CA ASP C 396 -14.15 -1.02 43.19
C ASP C 396 -12.70 -1.02 43.67
N TYR C 397 -11.94 -0.03 43.20
CA TYR C 397 -10.54 0.08 43.55
C TYR C 397 -10.06 1.48 43.92
N GLU C 398 -9.04 1.50 44.78
CA GLU C 398 -8.36 2.71 45.20
C GLU C 398 -6.92 2.24 45.30
N VAL C 399 -6.10 2.68 44.36
CA VAL C 399 -4.70 2.28 44.35
C VAL C 399 -3.77 3.48 44.52
N GLU C 400 -2.83 3.40 45.46
CA GLU C 400 -1.88 4.48 45.63
C GLU C 400 -0.62 4.04 44.90
N ILE C 401 -0.28 4.76 43.84
CA ILE C 401 0.89 4.42 43.04
C ILE C 401 2.00 5.43 43.20
N PRO C 402 3.24 4.96 43.37
CA PRO C 402 4.37 5.87 43.52
C PRO C 402 4.85 6.31 42.13
N VAL C 403 5.11 7.60 41.99
CA VAL C 403 5.59 8.16 40.74
C VAL C 403 6.69 9.14 41.12
N ARG C 404 7.73 9.23 40.31
CA ARG C 404 8.86 10.12 40.58
C ARG C 404 8.63 11.54 40.08
N PHE C 405 7.45 11.81 39.55
CA PHE C 405 7.16 13.14 39.05
C PHE C 405 5.88 13.66 39.67
N ARG C 406 5.72 14.98 39.67
CA ARG C 406 4.56 15.61 40.27
C ARG C 406 3.39 15.76 39.30
N ASP C 407 3.69 16.19 38.07
CA ASP C 407 2.67 16.40 37.04
C ASP C 407 2.55 15.12 36.21
N VAL C 408 1.39 14.49 36.30
CA VAL C 408 1.15 13.21 35.63
C VAL C 408 0.14 13.18 34.48
N PHE C 409 0.56 12.63 33.34
CA PHE C 409 -0.35 12.47 32.21
C PHE C 409 -0.86 11.03 32.29
N ILE C 410 -2.18 10.86 32.31
CA ILE C 410 -2.79 9.55 32.44
C ILE C 410 -3.55 9.06 31.20
N LYS C 411 -3.13 7.92 30.66
CA LYS C 411 -3.83 7.34 29.53
C LYS C 411 -4.45 6.08 30.08
N ARG C 412 -5.77 5.97 29.97
CA ARG C 412 -6.52 4.81 30.48
C ARG C 412 -7.25 4.12 29.35
N GLN C 413 -7.18 2.80 29.31
CA GLN C 413 -7.86 2.01 28.27
C GLN C 413 -8.69 0.94 28.96
N LEU C 414 -9.88 0.66 28.42
CA LEU C 414 -10.77 -0.29 29.06
C LEU C 414 -11.62 -1.14 28.16
N ILE C 415 -11.63 -2.44 28.43
CA ILE C 415 -12.50 -3.33 27.68
C ILE C 415 -13.39 -3.95 28.75
N ASP C 416 -14.64 -4.22 28.40
CA ASP C 416 -15.59 -4.86 29.29
C ASP C 416 -16.81 -5.23 28.46
N GLU C 417 -17.91 -5.58 29.12
CA GLU C 417 -19.11 -5.96 28.39
C GLU C 417 -19.64 -4.89 27.44
N GLU C 418 -19.32 -3.62 27.72
CA GLU C 418 -19.80 -2.53 26.89
C GLU C 418 -18.75 -1.88 25.98
N HIS C 419 -17.48 -2.19 26.18
CA HIS C 419 -16.43 -1.60 25.35
C HIS C 419 -15.48 -2.65 24.78
N GLY C 420 -15.37 -2.67 23.47
CA GLY C 420 -14.50 -3.63 22.80
C GLY C 420 -15.05 -5.04 22.89
N ASN C 421 -16.38 -5.15 22.84
CA ASN C 421 -17.06 -6.43 22.91
C ASN C 421 -17.85 -6.67 21.62
N PRO C 422 -17.15 -7.02 20.53
CA PRO C 422 -17.83 -7.26 19.26
C PRO C 422 -18.89 -8.37 19.36
N TRP C 423 -18.65 -9.35 20.22
CA TRP C 423 -19.61 -10.43 20.41
C TRP C 423 -20.95 -9.81 20.80
N GLY C 424 -20.91 -8.90 21.77
CA GLY C 424 -22.12 -8.25 22.25
C GLY C 424 -22.86 -7.54 21.14
N THR C 425 -22.14 -6.75 20.34
CA THR C 425 -22.75 -6.01 19.24
C THR C 425 -23.30 -6.97 18.21
N TRP C 426 -22.54 -8.02 17.92
CA TRP C 426 -22.93 -9.03 16.95
C TRP C 426 -24.29 -9.59 17.33
N ILE C 427 -24.48 -9.84 18.62
CA ILE C 427 -25.76 -10.36 19.12
C ILE C 427 -26.85 -9.33 18.88
N HIS C 428 -26.50 -8.05 19.03
CA HIS C 428 -27.45 -6.96 18.82
C HIS C 428 -27.94 -6.93 17.38
N MET C 429 -27.15 -7.50 16.47
CA MET C 429 -27.51 -7.52 15.06
C MET C 429 -28.35 -8.73 14.69
N GLY C 430 -28.52 -9.65 15.64
CA GLY C 430 -29.30 -10.84 15.36
C GLY C 430 -28.41 -12.06 15.12
N ARG C 431 -27.14 -11.95 15.52
CA ARG C 431 -26.18 -13.02 15.33
C ARG C 431 -26.05 -13.44 13.87
N PRO C 432 -25.82 -12.47 12.97
CA PRO C 432 -25.69 -12.84 11.55
C PRO C 432 -24.49 -13.76 11.29
N ARG C 433 -24.69 -14.77 10.46
CA ARG C 433 -23.62 -15.71 10.15
C ARG C 433 -22.71 -15.16 9.08
N TYR C 434 -23.28 -14.42 8.15
CA TYR C 434 -22.51 -13.85 7.04
C TYR C 434 -22.77 -12.36 6.91
N PRO C 435 -22.35 -11.59 7.92
CA PRO C 435 -22.56 -10.14 7.91
C PRO C 435 -22.15 -9.42 6.63
N SER C 436 -22.83 -8.32 6.36
CA SER C 436 -22.56 -7.50 5.20
C SER C 436 -21.28 -6.73 5.47
N LYS C 437 -20.77 -6.05 4.45
CA LYS C 437 -19.57 -5.25 4.60
C LYS C 437 -19.86 -4.20 5.66
N GLU C 438 -21.07 -3.67 5.62
CA GLU C 438 -21.50 -2.64 6.56
C GLU C 438 -21.48 -3.16 8.00
N GLN C 439 -22.03 -4.36 8.22
CA GLN C 439 -22.06 -4.94 9.56
C GLN C 439 -20.64 -5.29 10.04
N VAL C 440 -19.79 -5.77 9.15
CA VAL C 440 -18.44 -6.11 9.55
C VAL C 440 -17.72 -4.84 9.95
N ASN C 441 -18.06 -3.75 9.27
CA ASN C 441 -17.46 -2.45 9.55
C ASN C 441 -17.87 -1.94 10.92
N THR C 442 -19.13 -2.17 11.27
CA THR C 442 -19.62 -1.71 12.56
C THR C 442 -18.95 -2.49 13.69
N LEU C 443 -18.79 -3.79 13.49
CA LEU C 443 -18.17 -4.62 14.50
C LEU C 443 -16.72 -4.14 14.70
N ARG C 444 -16.03 -3.86 13.60
CA ARG C 444 -14.65 -3.39 13.70
C ARG C 444 -14.58 -2.11 14.52
N GLU C 445 -15.54 -1.22 14.31
CA GLU C 445 -15.60 0.04 15.02
C GLU C 445 -15.83 -0.20 16.51
N VAL C 446 -16.61 -1.22 16.84
CA VAL C 446 -16.88 -1.55 18.23
C VAL C 446 -15.68 -2.27 18.84
N ALA C 447 -14.99 -3.04 18.03
CA ALA C 447 -13.85 -3.84 18.50
C ALA C 447 -12.60 -3.09 18.94
N LYS C 448 -12.78 -2.08 19.78
CA LYS C 448 -11.67 -1.30 20.29
C LYS C 448 -11.94 -0.96 21.75
N PRO C 449 -10.85 -0.78 22.53
CA PRO C 449 -11.04 -0.45 23.94
C PRO C 449 -11.44 1.01 24.09
N GLU C 450 -12.01 1.36 25.23
CA GLU C 450 -12.39 2.75 25.46
C GLU C 450 -11.13 3.49 25.94
N ILE C 451 -10.82 4.62 25.31
CA ILE C 451 -9.65 5.39 25.70
C ILE C 451 -10.04 6.69 26.38
N MET C 452 -9.43 6.96 27.53
CA MET C 452 -9.68 8.17 28.30
C MET C 452 -8.38 8.75 28.87
N THR C 453 -8.16 10.04 28.64
CA THR C 453 -6.97 10.69 29.17
C THR C 453 -7.33 11.75 30.21
N SER C 454 -6.35 12.12 31.01
CA SER C 454 -6.54 13.12 32.05
C SER C 454 -5.18 13.51 32.58
N GLN C 455 -5.17 14.37 33.58
CA GLN C 455 -3.92 14.79 34.18
C GLN C 455 -4.13 15.19 35.64
N PRO C 456 -3.38 14.59 36.55
CA PRO C 456 -3.49 14.92 37.97
C PRO C 456 -2.10 15.24 38.51
N VAL C 457 -2.06 15.75 39.72
CA VAL C 457 -0.81 16.10 40.36
C VAL C 457 -0.68 15.08 41.49
N ALA C 458 0.52 14.58 41.71
CA ALA C 458 0.75 13.61 42.77
C ALA C 458 1.03 14.37 44.05
N ASN C 459 0.81 13.70 45.18
CA ASN C 459 1.06 14.31 46.47
C ASN C 459 2.07 13.46 47.20
N ASP C 460 3.24 14.04 47.44
CA ASP C 460 4.33 13.36 48.12
C ASP C 460 4.69 12.04 47.45
N GLY C 461 5.06 12.12 46.17
CA GLY C 461 5.46 10.94 45.43
C GLY C 461 4.38 9.91 45.12
N TYR C 462 3.14 10.23 45.42
CA TYR C 462 2.05 9.29 45.15
C TYR C 462 0.83 9.88 44.45
N LEU C 463 0.23 9.06 43.60
CA LEU C 463 -0.98 9.43 42.87
C LEU C 463 -2.02 8.39 43.29
N ASN C 464 -3.22 8.85 43.59
CA ASN C 464 -4.28 7.93 43.99
C ASN C 464 -5.23 7.73 42.81
N LEU C 465 -5.47 6.46 42.48
CA LEU C 465 -6.37 6.12 41.39
C LEU C 465 -7.61 5.48 42.01
N LYS C 466 -8.78 5.91 41.55
CA LYS C 466 -10.05 5.37 42.03
C LYS C 466 -10.85 4.94 40.80
N PHE C 467 -11.21 3.68 40.73
CA PHE C 467 -11.98 3.21 39.60
C PHE C 467 -12.80 1.99 39.96
N LYS C 468 -13.82 1.75 39.16
CA LYS C 468 -14.71 0.61 39.37
C LYS C 468 -14.59 -0.33 38.17
N LEU C 469 -14.38 -1.61 38.43
CA LEU C 469 -14.29 -2.57 37.34
C LEU C 469 -15.62 -3.27 37.13
N GLY C 470 -16.17 -3.14 35.92
CA GLY C 470 -17.43 -3.76 35.61
C GLY C 470 -17.27 -5.27 35.47
N LYS C 471 -18.31 -5.92 34.94
CA LYS C 471 -18.27 -7.36 34.76
C LYS C 471 -17.30 -7.74 33.64
N ASN C 472 -16.32 -8.57 33.98
CA ASN C 472 -15.32 -9.03 33.04
C ASN C 472 -14.48 -7.92 32.42
N ALA C 473 -14.27 -6.85 33.15
CA ALA C 473 -13.50 -5.74 32.62
C ALA C 473 -11.98 -5.91 32.81
N VAL C 474 -11.23 -5.19 31.99
CA VAL C 474 -9.78 -5.19 32.04
C VAL C 474 -9.39 -3.75 31.80
N VAL C 475 -8.64 -3.16 32.72
CA VAL C 475 -8.25 -1.78 32.57
C VAL C 475 -6.74 -1.67 32.53
N LEU C 476 -6.25 -0.71 31.77
CA LEU C 476 -4.82 -0.45 31.64
C LEU C 476 -4.64 1.03 31.97
N TYR C 477 -3.66 1.34 32.82
CA TYR C 477 -3.37 2.71 33.18
C TYR C 477 -1.90 2.98 32.90
N GLU C 478 -1.62 4.06 32.19
CA GLU C 478 -0.24 4.43 31.92
C GLU C 478 -0.06 5.83 32.48
N LEU C 479 0.91 5.98 33.38
CA LEU C 479 1.16 7.26 34.00
C LEU C 479 2.56 7.71 33.60
N THR C 480 2.66 8.81 32.86
CA THR C 480 3.96 9.32 32.43
C THR C 480 4.07 10.78 32.84
N GLU C 481 5.30 11.26 33.00
CA GLU C 481 5.51 12.62 33.40
C GLU C 481 4.89 13.59 32.41
N ARG C 482 4.17 14.58 32.92
CA ARG C 482 3.56 15.60 32.07
C ARG C 482 4.49 16.80 32.02
N ILE C 483 5.02 17.10 30.84
CA ILE C 483 5.89 18.24 30.69
C ILE C 483 5.04 19.30 30.00
N ASP C 484 4.55 20.25 30.79
CA ASP C 484 3.66 21.29 30.29
C ASP C 484 4.37 22.37 29.47
N GLU C 485 3.85 22.63 28.27
CA GLU C 485 4.41 23.64 27.39
C GLU C 485 3.46 24.83 27.24
N SER C 486 2.34 24.78 27.96
CA SER C 486 1.33 25.83 27.90
C SER C 486 1.88 27.25 28.09
N SER C 487 2.88 27.40 28.96
CA SER C 487 3.44 28.71 29.24
C SER C 487 4.06 29.38 28.01
N THR C 488 4.33 28.60 26.97
CA THR C 488 4.91 29.18 25.76
C THR C 488 3.89 29.73 24.76
N TYR C 489 2.61 29.58 25.06
CA TYR C 489 1.59 30.11 24.15
C TYR C 489 1.12 31.49 24.60
N ILE C 490 1.69 32.53 24.00
CA ILE C 490 1.35 33.90 24.35
C ILE C 490 -0.16 34.21 24.25
N GLY C 491 -0.74 34.61 25.38
CA GLY C 491 -2.16 34.94 25.40
C GLY C 491 -3.12 33.77 25.51
N LEU C 492 -2.59 32.56 25.69
CA LEU C 492 -3.43 31.36 25.82
C LEU C 492 -4.49 31.55 26.89
N ASP C 493 -5.73 31.15 26.61
CA ASP C 493 -6.82 31.27 27.56
C ASP C 493 -8.11 30.65 27.02
N ASP C 494 -8.30 29.36 27.27
CA ASP C 494 -9.48 28.65 26.77
C ASP C 494 -10.82 29.25 27.17
N SER C 495 -10.85 29.95 28.30
CA SER C 495 -12.09 30.55 28.79
C SER C 495 -12.60 31.63 27.84
N LYS C 496 -11.72 32.11 26.96
CA LYS C 496 -12.11 33.12 25.99
C LYS C 496 -12.77 32.48 24.78
N ILE C 497 -13.16 31.20 24.92
CA ILE C 497 -13.84 30.47 23.86
C ILE C 497 -15.27 30.19 24.31
N ASN C 498 -16.23 30.41 23.42
CA ASN C 498 -17.64 30.18 23.74
C ASN C 498 -17.86 28.97 24.65
N GLY C 499 -18.53 29.20 25.77
CA GLY C 499 -18.84 28.12 26.69
C GLY C 499 -17.70 27.58 27.53
N TYR C 500 -16.48 28.04 27.29
CA TYR C 500 -15.35 27.56 28.09
C TYR C 500 -14.93 28.59 29.13
N MET D 1 9.10 -12.27 -48.65
CA MET D 1 8.58 -11.69 -47.39
C MET D 1 7.06 -11.54 -47.41
N ILE D 2 6.56 -10.50 -46.75
CA ILE D 2 5.12 -10.26 -46.69
C ILE D 2 4.83 -8.77 -46.84
N LYS D 3 4.59 -8.34 -48.09
CA LYS D 3 4.28 -6.94 -48.36
C LYS D 3 2.79 -6.72 -48.23
N VAL D 4 2.40 -5.63 -47.58
CA VAL D 4 0.98 -5.37 -47.39
C VAL D 4 0.66 -3.89 -47.38
N ARG D 5 -0.35 -3.52 -48.15
CA ARG D 5 -0.80 -2.13 -48.17
C ARG D 5 -2.13 -2.13 -47.44
N VAL D 6 -2.14 -1.58 -46.24
CA VAL D 6 -3.36 -1.52 -45.46
C VAL D 6 -4.27 -0.41 -46.00
N PRO D 7 -5.57 -0.72 -46.19
CA PRO D 7 -6.58 0.21 -46.72
C PRO D 7 -6.87 1.35 -45.75
N ASP D 8 -7.49 2.41 -46.25
CA ASP D 8 -7.84 3.56 -45.43
C ASP D 8 -9.12 3.29 -44.65
N PHE D 9 -9.95 2.40 -45.19
CA PHE D 9 -11.23 2.05 -44.55
C PHE D 9 -11.49 0.57 -44.77
N SER D 10 -12.48 0.04 -44.04
CA SER D 10 -12.86 -1.36 -44.17
C SER D 10 -14.27 -1.53 -43.59
N ASP D 11 -14.90 -2.66 -43.88
CA ASP D 11 -16.25 -2.92 -43.38
C ASP D 11 -16.20 -3.88 -42.20
N LYS D 12 -15.00 -4.13 -41.68
CA LYS D 12 -14.81 -5.05 -40.58
C LYS D 12 -14.47 -4.36 -39.28
N LYS D 13 -14.91 -4.95 -38.18
CA LYS D 13 -14.66 -4.43 -36.84
C LYS D 13 -13.98 -5.52 -36.02
N PHE D 14 -13.26 -5.11 -34.98
CA PHE D 14 -12.58 -6.04 -34.09
C PHE D 14 -13.20 -5.87 -32.70
N SER D 15 -13.71 -6.95 -32.14
CA SER D 15 -14.34 -6.88 -30.83
C SER D 15 -13.34 -7.15 -29.72
N ASP D 16 -13.79 -7.02 -28.48
CA ASP D 16 -12.93 -7.28 -27.36
C ASP D 16 -13.44 -8.56 -26.68
N ARG D 17 -14.10 -9.41 -27.47
CA ARG D 17 -14.62 -10.68 -26.98
C ARG D 17 -13.47 -11.56 -26.51
N TRP D 18 -12.27 -11.28 -27.02
CA TRP D 18 -11.08 -12.02 -26.66
C TRP D 18 -10.69 -11.82 -25.19
N ARG D 19 -11.23 -10.77 -24.56
CA ARG D 19 -10.92 -10.51 -23.16
C ARG D 19 -12.17 -10.53 -22.28
N TYR D 20 -13.21 -11.21 -22.75
CA TYR D 20 -14.44 -11.31 -21.99
C TYR D 20 -14.26 -12.14 -20.74
N CYS D 21 -13.65 -13.31 -20.88
CA CYS D 21 -13.49 -14.22 -19.76
C CYS D 21 -12.16 -14.98 -19.78
N VAL D 22 -11.68 -15.32 -18.59
CA VAL D 22 -10.43 -16.06 -18.44
C VAL D 22 -10.66 -17.22 -17.47
N GLY D 23 -9.87 -18.27 -17.57
CA GLY D 23 -10.04 -19.43 -16.69
C GLY D 23 -9.23 -19.37 -15.41
N THR D 24 -9.57 -20.24 -14.46
CA THR D 24 -8.90 -20.33 -13.17
C THR D 24 -8.90 -21.74 -12.61
N GLY D 25 -8.03 -22.00 -11.64
CA GLY D 25 -7.98 -23.29 -10.99
C GLY D 25 -9.20 -23.29 -10.07
N ARG D 26 -9.49 -24.42 -9.42
CA ARG D 26 -10.67 -24.49 -8.57
C ARG D 26 -10.83 -23.28 -7.64
N LEU D 27 -12.08 -22.91 -7.40
CA LEU D 27 -12.38 -21.75 -6.57
C LEU D 27 -11.75 -21.77 -5.19
N GLY D 28 -11.69 -22.95 -4.58
CA GLY D 28 -11.09 -23.06 -3.26
C GLY D 28 -9.73 -22.41 -3.20
N LEU D 29 -9.04 -22.35 -4.34
CA LEU D 29 -7.72 -21.77 -4.40
C LEU D 29 -7.77 -20.25 -4.44
N ALA D 30 -8.96 -19.69 -4.64
CA ALA D 30 -9.10 -18.25 -4.66
C ALA D 30 -8.88 -17.71 -3.24
N LEU D 31 -8.82 -18.62 -2.27
CA LEU D 31 -8.60 -18.26 -0.88
C LEU D 31 -7.11 -17.93 -0.62
N GLN D 32 -6.24 -18.34 -1.53
CA GLN D 32 -4.81 -18.12 -1.38
C GLN D 32 -4.33 -16.70 -1.62
N LYS D 33 -3.33 -16.29 -0.85
CA LYS D 33 -2.73 -14.97 -0.98
C LYS D 33 -2.13 -14.85 -2.37
N GLU D 34 -1.42 -15.91 -2.77
CA GLU D 34 -0.76 -15.97 -4.07
C GLU D 34 -1.78 -15.77 -5.19
N TYR D 35 -2.92 -16.44 -5.05
CA TYR D 35 -4.00 -16.38 -6.01
C TYR D 35 -4.54 -14.96 -6.21
N ILE D 36 -5.01 -14.36 -5.12
CA ILE D 36 -5.56 -13.01 -5.18
C ILE D 36 -4.54 -11.97 -5.67
N GLU D 37 -3.33 -12.00 -5.14
CA GLU D 37 -2.31 -11.03 -5.59
C GLU D 37 -2.19 -11.13 -7.10
N THR D 38 -2.05 -12.37 -7.57
CA THR D 38 -1.90 -12.64 -8.99
C THR D 38 -3.10 -12.17 -9.83
N LEU D 39 -4.31 -12.46 -9.36
CA LEU D 39 -5.51 -12.03 -10.07
C LEU D 39 -5.52 -10.50 -10.21
N LYS D 40 -5.22 -9.80 -9.12
CA LYS D 40 -5.18 -8.35 -9.13
C LYS D 40 -4.17 -7.86 -10.14
N TYR D 41 -3.05 -8.57 -10.23
CA TYR D 41 -1.97 -8.24 -11.16
C TYR D 41 -2.44 -8.37 -12.62
N VAL D 42 -3.19 -9.42 -12.92
CA VAL D 42 -3.70 -9.63 -14.28
C VAL D 42 -4.73 -8.56 -14.62
N LYS D 43 -5.68 -8.35 -13.73
CA LYS D 43 -6.72 -7.34 -13.94
C LYS D 43 -6.16 -5.95 -14.16
N GLU D 44 -4.98 -5.68 -13.61
CA GLU D 44 -4.37 -4.37 -13.77
C GLU D 44 -3.80 -4.25 -15.18
N ASN D 45 -3.66 -5.39 -15.85
CA ASN D 45 -3.09 -5.41 -17.19
C ASN D 45 -4.05 -5.87 -18.30
N ILE D 46 -5.05 -6.65 -17.94
CA ILE D 46 -6.00 -7.16 -18.92
C ILE D 46 -7.36 -7.05 -18.27
N ASP D 47 -8.22 -6.22 -18.85
CA ASP D 47 -9.55 -6.00 -18.32
C ASP D 47 -10.51 -7.18 -18.48
N PHE D 48 -10.14 -8.33 -17.95
CA PHE D 48 -11.02 -9.50 -18.05
C PHE D 48 -12.32 -9.19 -17.34
N LYS D 49 -13.45 -9.58 -17.95
CA LYS D 49 -14.75 -9.33 -17.36
C LYS D 49 -15.23 -10.46 -16.46
N TYR D 50 -15.01 -11.70 -16.89
CA TYR D 50 -15.44 -12.86 -16.11
C TYR D 50 -14.26 -13.81 -15.86
N ILE D 51 -14.46 -14.73 -14.95
CA ILE D 51 -13.45 -15.73 -14.61
C ILE D 51 -14.20 -17.05 -14.41
N ARG D 52 -13.76 -18.10 -15.10
CA ARG D 52 -14.43 -19.40 -15.07
C ARG D 52 -13.58 -20.52 -14.46
N GLY D 53 -14.15 -21.23 -13.50
CA GLY D 53 -13.44 -22.32 -12.84
C GLY D 53 -14.33 -23.34 -12.15
N HIS D 54 -13.79 -24.53 -11.83
CA HIS D 54 -14.55 -25.58 -11.15
C HIS D 54 -14.57 -25.40 -9.63
N GLY D 55 -15.23 -26.33 -8.96
CA GLY D 55 -15.25 -26.34 -7.51
C GLY D 55 -16.21 -25.52 -6.68
N LEU D 56 -17.14 -24.80 -7.30
CA LEU D 56 -18.08 -24.01 -6.51
C LEU D 56 -18.73 -24.86 -5.41
N LEU D 57 -19.21 -26.05 -5.78
CA LEU D 57 -19.89 -26.91 -4.82
C LEU D 57 -19.02 -27.97 -4.14
N CYS D 58 -17.74 -27.99 -4.47
CA CYS D 58 -16.85 -28.97 -3.86
C CYS D 58 -16.66 -28.68 -2.37
N ASP D 59 -16.38 -29.72 -1.61
CA ASP D 59 -16.25 -29.60 -0.16
C ASP D 59 -15.12 -28.79 0.47
N ASP D 60 -14.13 -28.38 -0.31
CA ASP D 60 -13.11 -27.55 0.32
C ASP D 60 -13.79 -26.20 0.50
N VAL D 61 -14.54 -25.74 -0.51
CA VAL D 61 -15.28 -24.48 -0.40
C VAL D 61 -16.35 -24.68 0.69
N GLY D 62 -16.70 -25.95 0.93
CA GLY D 62 -17.63 -26.35 1.97
C GLY D 62 -19.09 -25.91 2.08
N ILE D 63 -19.72 -25.52 0.97
CA ILE D 63 -21.11 -25.08 1.05
C ILE D 63 -22.09 -26.12 1.62
N TYR D 64 -22.06 -27.35 1.12
CA TYR D 64 -23.01 -28.36 1.59
C TYR D 64 -22.61 -29.26 2.74
N ARG D 65 -23.33 -29.12 3.85
CA ARG D 65 -23.07 -29.90 5.03
C ARG D 65 -24.40 -30.42 5.57
N GLU D 66 -24.34 -31.39 6.47
CA GLU D 66 -25.55 -31.94 7.06
C GLU D 66 -25.42 -32.06 8.56
N ASP D 67 -26.38 -31.44 9.27
CA ASP D 67 -26.40 -31.48 10.72
C ASP D 67 -27.33 -32.60 11.18
N VAL D 68 -26.92 -33.31 12.24
CA VAL D 68 -27.71 -34.40 12.75
C VAL D 68 -28.23 -34.17 14.16
N VAL D 69 -29.55 -34.00 14.28
CA VAL D 69 -30.19 -33.81 15.57
C VAL D 69 -31.01 -35.07 15.85
N GLY D 70 -30.42 -35.99 16.62
CA GLY D 70 -31.09 -37.23 16.93
C GLY D 70 -31.01 -38.15 15.72
N ASP D 71 -32.17 -38.54 15.19
CA ASP D 71 -32.22 -39.42 14.03
C ASP D 71 -32.66 -38.60 12.82
N GLU D 72 -32.67 -37.29 12.99
CA GLU D 72 -33.04 -36.35 11.95
C GLU D 72 -31.77 -35.85 11.27
N VAL D 73 -31.87 -35.55 9.97
CA VAL D 73 -30.73 -35.07 9.21
C VAL D 73 -31.07 -33.80 8.42
N LYS D 74 -30.79 -32.65 9.02
CA LYS D 74 -31.06 -31.35 8.39
C LYS D 74 -29.85 -30.87 7.61
N PRO D 75 -30.05 -30.39 6.38
CA PRO D 75 -28.93 -29.89 5.59
C PRO D 75 -28.51 -28.51 6.09
N PHE D 76 -27.26 -28.14 5.85
CA PHE D 76 -26.76 -26.84 6.28
C PHE D 76 -25.89 -26.24 5.19
N TYR D 77 -26.19 -25.01 4.82
CA TYR D 77 -25.43 -24.32 3.79
C TYR D 77 -24.52 -23.25 4.38
N ASN D 78 -23.22 -23.51 4.31
CA ASN D 78 -22.20 -22.61 4.85
C ASN D 78 -21.62 -21.76 3.74
N PHE D 79 -21.80 -20.45 3.85
CA PHE D 79 -21.33 -19.53 2.82
C PHE D 79 -20.06 -18.75 3.20
N THR D 80 -19.42 -19.13 4.29
CA THR D 80 -18.22 -18.44 4.76
C THR D 80 -17.13 -18.29 3.70
N TYR D 81 -16.78 -19.37 3.01
CA TYR D 81 -15.73 -19.30 2.00
C TYR D 81 -16.11 -18.66 0.64
N ILE D 82 -17.26 -19.02 0.07
CA ILE D 82 -17.66 -18.45 -1.22
C ILE D 82 -17.83 -16.97 -1.13
N ASP D 83 -18.38 -16.52 0.00
CA ASP D 83 -18.59 -15.11 0.24
C ASP D 83 -17.25 -14.40 0.15
N ARG D 84 -16.25 -14.96 0.83
CA ARG D 84 -14.92 -14.35 0.81
C ARG D 84 -14.37 -14.39 -0.63
N ILE D 85 -14.57 -15.49 -1.33
CA ILE D 85 -14.07 -15.61 -2.70
C ILE D 85 -14.78 -14.65 -3.64
N PHE D 86 -16.11 -14.70 -3.68
CA PHE D 86 -16.85 -13.80 -4.56
C PHE D 86 -16.70 -12.34 -4.14
N ASP D 87 -16.57 -12.08 -2.84
CA ASP D 87 -16.39 -10.71 -2.36
C ASP D 87 -15.09 -10.18 -2.98
N SER D 88 -14.06 -11.02 -3.00
CA SER D 88 -12.76 -10.65 -3.53
C SER D 88 -12.75 -10.48 -5.04
N PHE D 89 -13.66 -11.19 -5.72
CA PHE D 89 -13.73 -11.09 -7.18
C PHE D 89 -14.35 -9.74 -7.53
N LEU D 90 -15.51 -9.44 -6.96
CA LEU D 90 -16.20 -8.18 -7.24
C LEU D 90 -15.35 -6.98 -6.82
N GLU D 91 -14.57 -7.14 -5.77
CA GLU D 91 -13.72 -6.05 -5.31
C GLU D 91 -12.66 -5.77 -6.37
N ILE D 92 -12.14 -6.84 -6.98
CA ILE D 92 -11.11 -6.71 -8.00
C ILE D 92 -11.68 -6.20 -9.33
N GLY D 93 -12.98 -6.39 -9.53
CA GLY D 93 -13.61 -5.93 -10.76
C GLY D 93 -13.80 -7.01 -11.82
N ILE D 94 -14.01 -8.25 -11.37
CA ILE D 94 -14.21 -9.37 -12.27
C ILE D 94 -15.35 -10.22 -11.75
N ARG D 95 -16.21 -10.69 -12.64
CA ARG D 95 -17.35 -11.49 -12.22
C ARG D 95 -17.19 -12.99 -12.47
N PRO D 96 -17.94 -13.80 -11.73
CA PRO D 96 -17.82 -15.24 -11.93
C PRO D 96 -18.67 -15.79 -13.07
N PHE D 97 -18.08 -16.67 -13.86
CA PHE D 97 -18.78 -17.33 -14.95
C PHE D 97 -19.03 -18.64 -14.23
N VAL D 98 -20.03 -18.62 -13.36
CA VAL D 98 -20.36 -19.77 -12.54
C VAL D 98 -20.47 -21.12 -13.23
N GLU D 99 -19.88 -22.14 -12.59
CA GLU D 99 -19.94 -23.51 -13.07
C GLU D 99 -20.52 -24.34 -11.93
N ILE D 100 -21.77 -24.76 -12.07
CA ILE D 100 -22.40 -25.55 -11.03
C ILE D 100 -21.83 -26.97 -10.98
N GLY D 101 -20.97 -27.20 -10.00
CA GLY D 101 -20.34 -28.50 -9.83
C GLY D 101 -19.25 -28.35 -8.78
N PHE D 102 -18.72 -29.47 -8.28
CA PHE D 102 -19.15 -30.80 -8.70
C PHE D 102 -20.17 -31.36 -7.70
N MET D 103 -19.96 -32.58 -7.23
CA MET D 103 -20.89 -33.18 -6.29
C MET D 103 -20.42 -33.25 -4.85
N PRO D 104 -21.11 -32.56 -3.93
CA PRO D 104 -20.67 -32.63 -2.54
C PRO D 104 -20.76 -34.07 -2.04
N LYS D 105 -19.75 -34.51 -1.31
CA LYS D 105 -19.72 -35.87 -0.79
C LYS D 105 -21.02 -36.34 -0.18
N LYS D 106 -21.62 -35.53 0.67
CA LYS D 106 -22.87 -35.91 1.32
C LYS D 106 -24.07 -36.04 0.40
N LEU D 107 -23.91 -35.63 -0.86
CA LEU D 107 -25.01 -35.75 -1.82
C LEU D 107 -24.70 -36.74 -2.93
N ALA D 108 -23.46 -37.20 -2.98
CA ALA D 108 -23.01 -38.13 -4.01
C ALA D 108 -23.71 -39.49 -4.02
N SER D 109 -23.93 -40.01 -5.22
CA SER D 109 -24.58 -41.31 -5.38
C SER D 109 -23.50 -42.39 -5.41
N GLY D 110 -22.32 -42.04 -5.92
CA GLY D 110 -21.22 -42.99 -5.98
C GLY D 110 -19.95 -42.46 -5.34
N THR D 111 -18.81 -43.10 -5.62
CA THR D 111 -17.55 -42.67 -5.05
C THR D 111 -16.51 -42.22 -6.06
N GLN D 112 -16.88 -42.17 -7.33
CA GLN D 112 -15.93 -41.76 -8.36
C GLN D 112 -15.54 -40.28 -8.19
N THR D 113 -14.24 -40.03 -8.17
CA THR D 113 -13.73 -38.68 -8.01
C THR D 113 -12.74 -38.36 -9.12
N VAL D 114 -12.45 -37.06 -9.29
CA VAL D 114 -11.50 -36.63 -10.31
C VAL D 114 -10.48 -35.67 -9.70
N PHE D 115 -9.25 -35.72 -10.25
CA PHE D 115 -8.16 -34.85 -9.79
C PHE D 115 -7.56 -35.20 -8.44
N TYR D 116 -6.42 -34.57 -8.17
CA TYR D 116 -5.68 -34.72 -6.92
C TYR D 116 -6.57 -34.31 -5.74
N TRP D 117 -7.44 -33.33 -5.94
CA TRP D 117 -8.31 -32.89 -4.86
C TRP D 117 -9.63 -33.63 -4.75
N GLU D 118 -9.80 -34.65 -5.58
CA GLU D 118 -10.97 -35.52 -5.55
C GLU D 118 -12.37 -34.90 -5.53
N GLY D 119 -12.78 -34.26 -6.62
CA GLY D 119 -14.11 -33.70 -6.69
C GLY D 119 -15.01 -34.85 -7.10
N ASN D 120 -15.98 -35.20 -6.26
CA ASN D 120 -16.87 -36.32 -6.58
C ASN D 120 -17.59 -36.05 -7.88
N VAL D 121 -17.64 -37.06 -8.74
CA VAL D 121 -18.26 -36.86 -10.03
C VAL D 121 -19.39 -37.83 -10.38
N THR D 122 -20.19 -38.18 -9.37
CA THR D 122 -21.33 -39.07 -9.60
C THR D 122 -22.59 -38.22 -9.46
N PRO D 123 -23.69 -38.61 -10.13
CA PRO D 123 -24.90 -37.80 -10.01
C PRO D 123 -25.39 -37.77 -8.56
N PRO D 124 -26.32 -36.85 -8.23
CA PRO D 124 -26.82 -36.77 -6.87
C PRO D 124 -27.71 -37.96 -6.53
N LYS D 125 -27.63 -38.42 -5.29
CA LYS D 125 -28.43 -39.54 -4.84
C LYS D 125 -29.92 -39.17 -4.81
N ASP D 126 -30.19 -37.87 -4.70
CA ASP D 126 -31.54 -37.34 -4.64
C ASP D 126 -31.55 -35.98 -5.36
N TYR D 127 -32.08 -35.93 -6.58
CA TYR D 127 -32.10 -34.68 -7.33
C TYR D 127 -32.88 -33.56 -6.66
N GLU D 128 -33.73 -33.91 -5.71
CA GLU D 128 -34.49 -32.90 -4.97
C GLU D 128 -33.51 -32.11 -4.13
N LYS D 129 -32.76 -32.83 -3.28
CA LYS D 129 -31.78 -32.22 -2.40
C LYS D 129 -30.79 -31.39 -3.20
N TRP D 130 -30.41 -31.88 -4.38
CA TRP D 130 -29.48 -31.15 -5.24
C TRP D 130 -30.13 -29.83 -5.62
N SER D 131 -31.38 -29.91 -6.09
CA SER D 131 -32.16 -28.74 -6.48
C SER D 131 -32.29 -27.73 -5.35
N ASP D 132 -32.53 -28.21 -4.14
CA ASP D 132 -32.64 -27.30 -3.00
C ASP D 132 -31.30 -26.61 -2.77
N LEU D 133 -30.21 -27.37 -2.93
CA LEU D 133 -28.87 -26.84 -2.73
C LEU D 133 -28.66 -25.71 -3.72
N VAL D 134 -28.98 -25.98 -4.98
CA VAL D 134 -28.82 -24.99 -6.04
C VAL D 134 -29.61 -23.73 -5.75
N LYS D 135 -30.84 -23.89 -5.24
CA LYS D 135 -31.68 -22.75 -4.94
C LYS D 135 -31.18 -22.00 -3.69
N ALA D 136 -30.67 -22.73 -2.71
CA ALA D 136 -30.16 -22.10 -1.49
C ALA D 136 -28.99 -21.18 -1.82
N VAL D 137 -28.08 -21.66 -2.66
CA VAL D 137 -26.90 -20.90 -3.05
C VAL D 137 -27.26 -19.64 -3.84
N LEU D 138 -28.15 -19.75 -4.81
CA LEU D 138 -28.54 -18.59 -5.59
C LEU D 138 -29.21 -17.54 -4.72
N HIS D 139 -30.11 -17.97 -3.84
CA HIS D 139 -30.79 -17.03 -2.96
C HIS D 139 -29.81 -16.34 -2.02
N HIS D 140 -28.65 -16.95 -1.79
CA HIS D 140 -27.66 -16.31 -0.92
C HIS D 140 -26.92 -15.26 -1.73
N PHE D 141 -26.53 -15.61 -2.96
CA PHE D 141 -25.83 -14.65 -3.81
C PHE D 141 -26.73 -13.43 -3.99
N ILE D 142 -28.03 -13.69 -4.17
CA ILE D 142 -29.02 -12.64 -4.35
C ILE D 142 -29.10 -11.78 -3.09
N SER D 143 -29.15 -12.46 -1.96
CA SER D 143 -29.24 -11.82 -0.66
C SER D 143 -28.01 -11.02 -0.27
N ARG D 144 -26.83 -11.44 -0.72
CA ARG D 144 -25.61 -10.72 -0.37
C ARG D 144 -25.17 -9.72 -1.44
N TYR D 145 -25.37 -10.07 -2.70
CA TYR D 145 -24.93 -9.18 -3.79
C TYR D 145 -26.04 -8.42 -4.48
N GLY D 146 -27.29 -8.80 -4.21
CA GLY D 146 -28.40 -8.12 -4.86
C GLY D 146 -28.71 -8.74 -6.19
N ILE D 147 -30.00 -8.90 -6.46
CA ILE D 147 -30.45 -9.50 -7.71
C ILE D 147 -29.84 -8.86 -8.95
N GLU D 148 -29.61 -7.55 -8.91
CA GLU D 148 -29.04 -6.84 -10.06
C GLU D 148 -27.63 -7.32 -10.44
N GLU D 149 -26.80 -7.62 -9.45
CA GLU D 149 -25.44 -8.08 -9.72
C GLU D 149 -25.43 -9.54 -10.18
N VAL D 150 -26.21 -10.37 -9.50
CA VAL D 150 -26.28 -11.78 -9.82
C VAL D 150 -26.85 -12.08 -11.21
N LEU D 151 -27.70 -11.18 -11.72
CA LEU D 151 -28.28 -11.40 -13.04
C LEU D 151 -27.19 -11.31 -14.11
N LYS D 152 -26.07 -10.71 -13.77
CA LYS D 152 -24.96 -10.56 -14.72
C LYS D 152 -24.11 -11.82 -14.77
N TRP D 153 -24.37 -12.75 -13.86
CA TRP D 153 -23.59 -13.99 -13.78
C TRP D 153 -24.20 -15.15 -14.58
N PRO D 154 -23.45 -15.72 -15.52
CA PRO D 154 -24.00 -16.84 -16.28
C PRO D 154 -23.77 -18.10 -15.47
N PHE D 155 -24.57 -19.14 -15.71
CA PHE D 155 -24.39 -20.38 -14.97
C PHE D 155 -24.25 -21.61 -15.85
N GLU D 156 -23.00 -22.02 -16.07
CA GLU D 156 -22.69 -23.19 -16.88
C GLU D 156 -22.92 -24.42 -16.00
N ILE D 157 -23.57 -25.45 -16.55
CA ILE D 157 -23.86 -26.66 -15.77
C ILE D 157 -22.88 -27.80 -15.98
N TRP D 158 -22.09 -28.06 -14.94
CA TRP D 158 -21.09 -29.12 -14.95
C TRP D 158 -19.89 -28.84 -15.85
N ASN D 159 -19.07 -29.87 -16.06
CA ASN D 159 -17.88 -29.76 -16.88
C ASN D 159 -17.61 -31.03 -17.70
N GLU D 160 -17.40 -30.86 -19.01
CA GLU D 160 -17.14 -31.96 -19.93
C GLU D 160 -17.78 -33.28 -19.48
N PRO D 161 -19.13 -33.33 -19.51
CA PRO D 161 -19.90 -34.52 -19.12
C PRO D 161 -19.73 -35.71 -20.08
N ASN D 162 -19.19 -35.44 -21.27
CA ASN D 162 -18.97 -36.48 -22.27
C ASN D 162 -17.76 -37.37 -21.94
N LEU D 163 -16.97 -36.96 -20.94
CA LEU D 163 -15.82 -37.73 -20.53
C LEU D 163 -16.17 -38.48 -19.25
N LYS D 164 -15.87 -39.77 -19.21
CA LYS D 164 -16.18 -40.57 -18.03
C LYS D 164 -15.41 -40.11 -16.81
N GLU D 165 -14.30 -39.39 -17.02
CA GLU D 165 -13.50 -38.92 -15.89
C GLU D 165 -14.23 -37.78 -15.17
N PHE D 166 -15.01 -37.01 -15.91
CA PHE D 166 -15.76 -35.87 -15.38
C PHE D 166 -17.24 -36.07 -15.12
N TRP D 167 -17.76 -37.26 -15.41
CA TRP D 167 -19.17 -37.56 -15.22
C TRP D 167 -19.30 -39.07 -15.38
N LYS D 168 -19.69 -39.75 -14.31
CA LYS D 168 -19.80 -41.21 -14.34
C LYS D 168 -20.39 -41.78 -15.64
N ASP D 169 -19.66 -42.72 -16.24
CA ASP D 169 -20.06 -43.37 -17.48
C ASP D 169 -20.29 -42.44 -18.65
N ALA D 170 -20.08 -41.14 -18.44
CA ALA D 170 -20.30 -40.15 -19.50
C ALA D 170 -21.76 -40.32 -19.92
N ASP D 171 -22.59 -40.69 -18.96
CA ASP D 171 -24.02 -40.89 -19.17
C ASP D 171 -24.66 -39.63 -19.71
N GLU D 172 -24.86 -39.59 -21.02
CA GLU D 172 -25.47 -38.42 -21.67
C GLU D 172 -26.89 -38.19 -21.18
N LYS D 173 -27.60 -39.27 -20.91
CA LYS D 173 -28.97 -39.18 -20.44
C LYS D 173 -29.05 -38.54 -19.06
N GLU D 174 -28.20 -38.99 -18.14
CA GLU D 174 -28.20 -38.44 -16.78
C GLU D 174 -27.78 -36.99 -16.77
N TYR D 175 -26.91 -36.60 -17.70
CA TYR D 175 -26.47 -35.21 -17.76
C TYR D 175 -27.63 -34.31 -18.17
N PHE D 176 -28.40 -34.78 -19.16
CA PHE D 176 -29.54 -34.02 -19.64
C PHE D 176 -30.55 -33.86 -18.52
N LYS D 177 -30.61 -34.85 -17.63
CA LYS D 177 -31.52 -34.77 -16.50
C LYS D 177 -30.93 -33.81 -15.48
N LEU D 178 -29.61 -33.88 -15.32
CA LEU D 178 -28.94 -33.01 -14.37
C LEU D 178 -29.21 -31.57 -14.82
N TYR D 179 -28.96 -31.32 -16.10
CA TYR D 179 -29.18 -29.99 -16.67
C TYR D 179 -30.60 -29.50 -16.50
N LYS D 180 -31.58 -30.38 -16.68
CA LYS D 180 -32.97 -29.96 -16.56
C LYS D 180 -33.30 -29.51 -15.13
N VAL D 181 -32.97 -30.34 -14.15
CA VAL D 181 -33.24 -30.02 -12.76
C VAL D 181 -32.51 -28.76 -12.32
N THR D 182 -31.25 -28.63 -12.72
CA THR D 182 -30.46 -27.46 -12.34
C THR D 182 -31.00 -26.18 -12.98
N ALA D 183 -31.20 -26.20 -14.29
CA ALA D 183 -31.69 -25.05 -15.03
C ALA D 183 -33.09 -24.65 -14.55
N LYS D 184 -33.88 -25.64 -14.21
CA LYS D 184 -35.24 -25.41 -13.73
C LYS D 184 -35.17 -24.65 -12.39
N ALA D 185 -34.30 -25.13 -11.50
CA ALA D 185 -34.14 -24.52 -10.18
C ALA D 185 -33.66 -23.07 -10.31
N ILE D 186 -32.66 -22.86 -11.17
CA ILE D 186 -32.13 -21.52 -11.40
C ILE D 186 -33.23 -20.58 -11.86
N LYS D 187 -33.88 -20.92 -12.97
CA LYS D 187 -34.96 -20.10 -13.53
C LYS D 187 -36.05 -19.75 -12.53
N GLU D 188 -36.32 -20.64 -11.60
CA GLU D 188 -37.35 -20.41 -10.60
C GLU D 188 -36.99 -19.33 -9.60
N VAL D 189 -35.69 -19.17 -9.33
CA VAL D 189 -35.26 -18.13 -8.42
C VAL D 189 -35.46 -16.81 -9.15
N ASN D 190 -35.23 -16.84 -10.45
CA ASN D 190 -35.37 -15.66 -11.30
C ASN D 190 -35.12 -16.08 -12.74
N GLU D 191 -36.17 -16.03 -13.56
CA GLU D 191 -36.06 -16.46 -14.96
C GLU D 191 -35.12 -15.67 -15.87
N ASN D 192 -34.50 -14.61 -15.36
CA ASN D 192 -33.58 -13.82 -16.16
C ASN D 192 -32.15 -14.30 -15.98
N LEU D 193 -31.95 -15.22 -15.04
CA LEU D 193 -30.62 -15.78 -14.78
C LEU D 193 -30.23 -16.70 -15.93
N LYS D 194 -29.13 -16.36 -16.60
CA LYS D 194 -28.63 -17.12 -17.74
C LYS D 194 -28.09 -18.49 -17.36
N VAL D 195 -28.65 -19.54 -17.96
CA VAL D 195 -28.20 -20.91 -17.72
C VAL D 195 -27.80 -21.55 -19.05
N GLY D 196 -26.84 -22.48 -19.02
CA GLY D 196 -26.41 -23.11 -20.26
C GLY D 196 -25.45 -24.28 -20.16
N GLY D 197 -25.06 -24.80 -21.32
CA GLY D 197 -24.15 -25.94 -21.39
C GLY D 197 -23.84 -26.26 -22.85
N PRO D 198 -23.48 -27.51 -23.17
CA PRO D 198 -23.33 -28.68 -22.30
C PRO D 198 -21.92 -28.85 -21.70
N ALA D 199 -21.06 -27.87 -21.96
CA ALA D 199 -19.69 -27.85 -21.42
C ALA D 199 -18.79 -29.01 -21.84
N ILE D 200 -18.99 -29.55 -23.04
CA ILE D 200 -18.20 -30.68 -23.53
C ILE D 200 -16.89 -30.25 -24.18
N CYS D 201 -15.96 -31.20 -24.32
CA CYS D 201 -14.69 -30.92 -24.96
C CYS D 201 -14.84 -31.36 -26.42
N GLY D 202 -13.87 -31.03 -27.26
CA GLY D 202 -13.97 -31.40 -28.66
C GLY D 202 -14.15 -32.88 -28.96
N GLY D 203 -14.55 -33.19 -30.19
CA GLY D 203 -14.74 -34.57 -30.60
C GLY D 203 -16.02 -35.24 -30.14
N ALA D 204 -17.08 -34.46 -29.92
CA ALA D 204 -18.34 -35.01 -29.48
C ALA D 204 -19.46 -34.00 -29.66
N ASP D 205 -19.31 -33.14 -30.67
CA ASP D 205 -20.30 -32.11 -30.94
C ASP D 205 -21.72 -32.62 -31.16
N TYR D 206 -21.87 -33.93 -31.26
CA TYR D 206 -23.20 -34.49 -31.43
C TYR D 206 -23.90 -34.27 -30.09
N TRP D 207 -23.08 -34.09 -29.06
CA TRP D 207 -23.57 -33.84 -27.69
C TRP D 207 -24.36 -32.54 -27.64
N ILE D 208 -23.97 -31.58 -28.48
CA ILE D 208 -24.64 -30.30 -28.52
C ILE D 208 -25.97 -30.43 -29.26
N GLU D 209 -25.96 -31.15 -30.38
CA GLU D 209 -27.18 -31.38 -31.15
C GLU D 209 -28.17 -32.07 -30.24
N ASP D 210 -27.70 -33.11 -29.56
CA ASP D 210 -28.54 -33.85 -28.64
C ASP D 210 -29.02 -32.93 -27.53
N PHE D 211 -28.13 -32.03 -27.08
CA PHE D 211 -28.44 -31.08 -26.03
C PHE D 211 -29.54 -30.12 -26.45
N LEU D 212 -29.28 -29.35 -27.51
CA LEU D 212 -30.25 -28.40 -28.02
C LEU D 212 -31.60 -29.04 -28.30
N ASN D 213 -31.60 -30.16 -29.03
CA ASN D 213 -32.86 -30.85 -29.32
C ASN D 213 -33.50 -31.33 -28.04
N PHE D 214 -32.70 -31.67 -27.04
CA PHE D 214 -33.24 -32.12 -25.76
C PHE D 214 -34.02 -30.98 -25.12
N CYS D 215 -33.47 -29.76 -25.22
CA CYS D 215 -34.10 -28.59 -24.63
C CYS D 215 -35.31 -28.16 -25.47
N TYR D 216 -35.13 -28.16 -26.79
CA TYR D 216 -36.18 -27.76 -27.73
C TYR D 216 -37.36 -28.73 -27.76
N GLU D 217 -37.16 -29.93 -27.24
CA GLU D 217 -38.20 -30.95 -27.24
C GLU D 217 -38.67 -31.26 -25.84
N GLU D 218 -38.09 -30.58 -24.86
CA GLU D 218 -38.46 -30.80 -23.47
C GLU D 218 -38.75 -29.45 -22.85
N ASN D 219 -38.69 -28.42 -23.69
CA ASN D 219 -38.94 -27.06 -23.25
C ASN D 219 -38.09 -26.75 -22.03
N VAL D 220 -36.81 -27.08 -22.12
CA VAL D 220 -35.89 -26.81 -21.02
C VAL D 220 -35.15 -25.53 -21.35
N PRO D 221 -35.13 -24.59 -20.39
CA PRO D 221 -34.45 -23.30 -20.60
C PRO D 221 -32.98 -23.41 -20.97
N VAL D 222 -32.56 -22.57 -21.92
CA VAL D 222 -31.17 -22.52 -22.37
C VAL D 222 -30.84 -21.13 -22.89
N ASP D 223 -29.81 -20.54 -22.33
CA ASP D 223 -29.43 -19.19 -22.73
C ASP D 223 -28.12 -19.14 -23.50
N PHE D 224 -27.34 -20.22 -23.43
CA PHE D 224 -26.07 -20.25 -24.13
C PHE D 224 -25.48 -21.66 -24.22
N VAL D 225 -24.69 -21.87 -25.27
CA VAL D 225 -24.01 -23.14 -25.49
C VAL D 225 -22.55 -22.93 -25.14
N SER D 226 -21.95 -23.88 -24.43
CA SER D 226 -20.53 -23.77 -24.06
C SER D 226 -19.78 -25.03 -24.50
N ARG D 227 -18.52 -24.85 -24.88
CA ARG D 227 -17.70 -25.96 -25.33
C ARG D 227 -16.22 -25.61 -25.10
N HIS D 228 -15.36 -26.61 -25.06
CA HIS D 228 -13.93 -26.39 -24.85
C HIS D 228 -13.17 -26.66 -26.13
N ALA D 229 -11.93 -26.20 -26.23
CA ALA D 229 -11.15 -26.41 -27.44
C ALA D 229 -9.64 -26.44 -27.24
N TYR D 230 -9.02 -27.52 -27.71
CA TYR D 230 -7.56 -27.68 -27.61
C TYR D 230 -6.98 -28.21 -28.91
N THR D 231 -5.66 -28.08 -29.07
CA THR D 231 -5.00 -28.56 -30.28
C THR D 231 -3.83 -29.50 -29.99
N SER D 232 -3.84 -30.10 -28.80
CA SER D 232 -2.78 -31.01 -28.40
C SER D 232 -3.18 -32.47 -28.57
N LYS D 233 -2.29 -33.25 -29.20
CA LYS D 233 -2.54 -34.67 -29.42
C LYS D 233 -2.29 -35.44 -28.12
N GLN D 234 -2.78 -36.68 -28.08
CA GLN D 234 -2.62 -37.55 -26.93
C GLN D 234 -1.12 -37.65 -26.64
N GLY D 235 -0.77 -37.65 -25.36
CA GLY D 235 0.63 -37.75 -24.99
C GLY D 235 0.77 -38.84 -23.95
N GLU D 236 1.96 -38.95 -23.36
CA GLU D 236 2.21 -39.97 -22.35
C GLU D 236 2.92 -39.39 -21.12
N TYR D 237 2.19 -39.23 -20.02
CA TYR D 237 2.76 -38.68 -18.79
C TYR D 237 3.97 -39.42 -18.24
N THR D 238 4.81 -38.66 -17.55
CA THR D 238 5.97 -39.18 -16.84
C THR D 238 5.50 -38.71 -15.47
N PRO D 239 6.10 -39.21 -14.38
CA PRO D 239 5.60 -38.72 -13.10
C PRO D 239 5.69 -37.20 -12.88
N HIS D 240 6.46 -36.52 -13.72
CA HIS D 240 6.61 -35.07 -13.57
C HIS D 240 5.95 -34.24 -14.66
N LEU D 241 5.99 -34.70 -15.91
CA LEU D 241 5.41 -33.94 -17.00
C LEU D 241 4.96 -34.77 -18.19
N ILE D 242 4.43 -34.08 -19.21
CA ILE D 242 3.95 -34.72 -20.43
C ILE D 242 4.12 -33.82 -21.64
N TYR D 243 4.51 -34.39 -22.77
CA TYR D 243 4.66 -33.61 -23.98
C TYR D 243 3.58 -34.06 -24.97
N GLN D 244 3.12 -33.11 -25.77
CA GLN D 244 2.08 -33.40 -26.75
C GLN D 244 2.30 -32.51 -27.96
N GLU D 245 2.10 -33.08 -29.13
CA GLU D 245 2.26 -32.32 -30.35
C GLU D 245 1.06 -31.38 -30.46
N ILE D 246 1.33 -30.09 -30.69
CA ILE D 246 0.24 -29.14 -30.83
C ILE D 246 0.03 -28.91 -32.32
N MET D 247 -1.23 -28.94 -32.74
CA MET D 247 -1.57 -28.75 -34.13
C MET D 247 -1.80 -27.27 -34.43
N PRO D 248 -1.78 -26.89 -35.72
CA PRO D 248 -1.99 -25.47 -36.05
C PRO D 248 -3.28 -24.90 -35.50
N SER D 249 -3.31 -23.57 -35.35
CA SER D 249 -4.47 -22.87 -34.82
C SER D 249 -5.72 -23.10 -35.67
N GLU D 250 -5.51 -23.37 -36.96
CA GLU D 250 -6.61 -23.62 -37.89
C GLU D 250 -7.62 -24.61 -37.31
N TYR D 251 -7.12 -25.69 -36.75
CA TYR D 251 -7.97 -26.73 -36.17
C TYR D 251 -8.94 -26.18 -35.15
N MET D 252 -8.44 -25.39 -34.20
CA MET D 252 -9.31 -24.80 -33.18
C MET D 252 -10.29 -23.82 -33.82
N LEU D 253 -9.76 -22.94 -34.67
CA LEU D 253 -10.61 -21.95 -35.33
C LEU D 253 -11.72 -22.64 -36.14
N ASN D 254 -11.34 -23.63 -36.94
CA ASN D 254 -12.33 -24.34 -37.74
C ASN D 254 -13.32 -25.04 -36.82
N GLU D 255 -12.87 -25.41 -35.63
CA GLU D 255 -13.75 -26.05 -34.67
C GLU D 255 -14.76 -25.03 -34.14
N PHE D 256 -14.27 -23.81 -33.86
CA PHE D 256 -15.15 -22.74 -33.38
C PHE D 256 -16.19 -22.55 -34.47
N LYS D 257 -15.67 -22.45 -35.70
CA LYS D 257 -16.48 -22.25 -36.89
C LYS D 257 -17.50 -23.38 -37.10
N THR D 258 -17.08 -24.62 -36.93
CA THR D 258 -17.98 -25.75 -37.11
C THR D 258 -19.16 -25.68 -36.14
N VAL D 259 -18.87 -25.74 -34.85
CA VAL D 259 -19.93 -25.68 -33.83
C VAL D 259 -20.80 -24.43 -33.94
N ARG D 260 -20.20 -23.31 -34.30
CA ARG D 260 -20.98 -22.09 -34.42
C ARG D 260 -22.01 -22.35 -35.51
N GLU D 261 -21.62 -23.14 -36.51
CA GLU D 261 -22.49 -23.49 -37.62
C GLU D 261 -23.55 -24.51 -37.21
N ILE D 262 -23.20 -25.37 -36.26
CA ILE D 262 -24.11 -26.38 -35.76
C ILE D 262 -25.24 -25.70 -34.99
N ILE D 263 -25.03 -24.44 -34.62
CA ILE D 263 -26.03 -23.70 -33.88
C ILE D 263 -26.94 -22.89 -34.81
N LYS D 264 -26.33 -22.18 -35.76
CA LYS D 264 -27.13 -21.40 -36.69
C LYS D 264 -28.04 -22.33 -37.45
N ASN D 265 -27.72 -23.62 -37.44
CA ASN D 265 -28.52 -24.63 -38.13
C ASN D 265 -29.36 -25.39 -37.11
N SER D 266 -29.49 -24.82 -35.91
CA SER D 266 -30.25 -25.46 -34.85
C SER D 266 -31.62 -24.83 -34.57
N HIS D 267 -32.25 -25.28 -33.49
CA HIS D 267 -33.55 -24.77 -33.09
C HIS D 267 -33.40 -23.52 -32.23
N PHE D 268 -32.15 -23.19 -31.93
CA PHE D 268 -31.81 -22.00 -31.15
C PHE D 268 -30.64 -21.41 -31.93
N PRO D 269 -30.90 -20.97 -33.17
CA PRO D 269 -29.92 -20.38 -34.08
C PRO D 269 -29.20 -19.13 -33.62
N ASN D 270 -29.78 -18.42 -32.65
CA ASN D 270 -29.18 -17.19 -32.16
C ASN D 270 -28.55 -17.27 -30.77
N LEU D 271 -28.50 -18.48 -30.20
CA LEU D 271 -27.89 -18.64 -28.89
C LEU D 271 -26.44 -18.18 -28.90
N PRO D 272 -25.99 -17.53 -27.81
CA PRO D 272 -24.60 -17.09 -27.77
C PRO D 272 -23.74 -18.33 -27.55
N PHE D 273 -22.53 -18.32 -28.09
CA PHE D 273 -21.64 -19.46 -27.96
C PHE D 273 -20.38 -19.11 -27.18
N HIS D 274 -20.21 -19.75 -26.03
CA HIS D 274 -19.06 -19.51 -25.16
C HIS D 274 -18.06 -20.65 -25.08
N ILE D 275 -16.80 -20.34 -25.39
CA ILE D 275 -15.74 -21.33 -25.28
C ILE D 275 -15.25 -21.14 -23.84
N THR D 276 -15.90 -21.82 -22.91
CA THR D 276 -15.57 -21.68 -21.50
C THR D 276 -14.20 -22.21 -21.07
N GLU D 277 -13.35 -22.57 -22.03
CA GLU D 277 -12.02 -23.09 -21.69
C GLU D 277 -11.20 -23.54 -22.91
N TYR D 278 -10.06 -22.89 -23.13
CA TYR D 278 -9.19 -23.24 -24.25
C TYR D 278 -7.72 -22.98 -23.95
N ASN D 279 -6.86 -23.65 -24.72
CA ASN D 279 -5.41 -23.52 -24.61
C ASN D 279 -4.82 -24.57 -25.56
N THR D 280 -3.52 -24.48 -25.83
CA THR D 280 -2.87 -25.44 -26.70
C THR D 280 -3.01 -26.84 -26.13
N SER D 281 -2.40 -27.06 -24.97
CA SER D 281 -2.46 -28.37 -24.31
C SER D 281 -3.50 -28.35 -23.19
N TYR D 282 -4.19 -29.47 -23.00
CA TYR D 282 -5.20 -29.57 -21.94
C TYR D 282 -4.59 -30.22 -20.69
N SER D 283 -3.26 -30.14 -20.58
CA SER D 283 -2.59 -30.70 -19.42
C SER D 283 -1.90 -29.61 -18.63
N PRO D 284 -2.00 -29.65 -17.29
CA PRO D 284 -1.38 -28.66 -16.42
C PRO D 284 0.11 -28.90 -16.19
N GLN D 285 0.68 -29.85 -16.94
CA GLN D 285 2.11 -30.15 -16.80
C GLN D 285 2.79 -30.27 -18.14
N ASN D 286 2.29 -29.52 -19.12
CA ASN D 286 2.88 -29.53 -20.46
C ASN D 286 3.72 -28.26 -20.63
N PRO D 287 5.05 -28.39 -20.54
CA PRO D 287 6.00 -27.28 -20.69
C PRO D 287 5.73 -26.29 -21.83
N VAL D 288 4.92 -26.70 -22.80
CA VAL D 288 4.61 -25.84 -23.93
C VAL D 288 3.98 -24.50 -23.51
N HIS D 289 3.22 -24.52 -22.42
CA HIS D 289 2.56 -23.31 -21.91
C HIS D 289 3.48 -22.19 -21.44
N ASP D 290 4.71 -22.54 -21.04
CA ASP D 290 5.66 -21.53 -20.55
C ASP D 290 6.55 -20.97 -21.65
N THR D 291 6.33 -21.39 -22.88
CA THR D 291 7.19 -20.95 -23.96
C THR D 291 6.72 -19.81 -24.82
N PRO D 292 7.66 -19.15 -25.51
CA PRO D 292 7.34 -18.05 -26.40
C PRO D 292 6.45 -18.60 -27.50
N PHE D 293 6.68 -19.87 -27.84
CA PHE D 293 5.88 -20.54 -28.86
C PHE D 293 4.40 -20.33 -28.57
N ASN D 294 4.00 -20.78 -27.39
CA ASN D 294 2.63 -20.68 -26.95
C ASN D 294 2.09 -19.27 -27.15
N ALA D 295 2.92 -18.27 -26.82
CA ALA D 295 2.51 -16.88 -26.98
C ALA D 295 2.18 -16.57 -28.44
N ALA D 296 3.06 -16.97 -29.35
CA ALA D 296 2.86 -16.72 -30.78
C ALA D 296 1.67 -17.49 -31.32
N TYR D 297 1.55 -18.73 -30.88
CA TYR D 297 0.46 -19.59 -31.32
C TYR D 297 -0.93 -19.07 -30.92
N ILE D 298 -1.06 -18.55 -29.71
CA ILE D 298 -2.36 -18.05 -29.22
C ILE D 298 -2.70 -16.68 -29.83
N ALA D 299 -1.69 -15.96 -30.29
CA ALA D 299 -1.89 -14.65 -30.88
C ALA D 299 -2.96 -14.66 -31.98
N ARG D 300 -2.90 -15.66 -32.86
CA ARG D 300 -3.87 -15.71 -33.94
C ARG D 300 -5.28 -16.01 -33.44
N ILE D 301 -5.38 -16.79 -32.37
CA ILE D 301 -6.70 -17.11 -31.81
C ILE D 301 -7.34 -15.85 -31.23
N LEU D 302 -6.54 -14.95 -30.70
CA LEU D 302 -7.09 -13.71 -30.16
C LEU D 302 -7.57 -12.87 -31.34
N SER D 303 -6.80 -12.92 -32.43
CA SER D 303 -7.10 -12.17 -33.64
C SER D 303 -8.34 -12.64 -34.41
N GLU D 304 -8.64 -13.93 -34.35
CA GLU D 304 -9.78 -14.44 -35.10
C GLU D 304 -10.88 -15.15 -34.33
N GLY D 305 -10.55 -15.72 -33.18
CA GLY D 305 -11.57 -16.42 -32.40
C GLY D 305 -12.85 -15.63 -32.21
N GLY D 306 -12.71 -14.31 -32.11
CA GLY D 306 -13.85 -13.44 -31.92
C GLY D 306 -14.88 -13.48 -33.03
N ASP D 307 -14.42 -13.82 -34.24
CA ASP D 307 -15.29 -13.91 -35.40
C ASP D 307 -16.36 -14.98 -35.23
N TYR D 308 -16.06 -16.04 -34.49
CA TYR D 308 -17.03 -17.13 -34.37
C TYR D 308 -17.70 -17.34 -33.02
N VAL D 309 -17.12 -16.84 -31.95
CA VAL D 309 -17.73 -17.04 -30.64
C VAL D 309 -17.96 -15.76 -29.87
N ASP D 310 -18.88 -15.81 -28.91
CA ASP D 310 -19.20 -14.67 -28.06
C ASP D 310 -18.10 -14.44 -27.03
N SER D 311 -17.29 -15.48 -26.82
CA SER D 311 -16.17 -15.40 -25.89
C SER D 311 -15.41 -16.72 -25.86
N PHE D 312 -14.11 -16.60 -25.60
CA PHE D 312 -13.23 -17.74 -25.48
C PHE D 312 -12.30 -17.46 -24.29
N SER D 313 -12.46 -18.28 -23.25
CA SER D 313 -11.73 -18.17 -21.99
C SER D 313 -10.43 -18.96 -21.90
N TYR D 314 -9.30 -18.25 -21.99
CA TYR D 314 -8.00 -18.90 -21.88
C TYR D 314 -7.89 -19.55 -20.51
N TRP D 315 -7.44 -20.79 -20.51
CA TRP D 315 -7.32 -21.59 -19.29
C TRP D 315 -5.83 -21.84 -19.05
N THR D 316 -5.23 -21.20 -18.04
CA THR D 316 -5.91 -20.27 -17.11
C THR D 316 -5.11 -18.97 -16.92
N PHE D 317 -5.51 -18.16 -15.93
CA PHE D 317 -4.85 -16.89 -15.62
C PHE D 317 -3.58 -17.07 -14.79
N SER D 318 -3.53 -18.13 -13.98
CA SER D 318 -2.39 -18.34 -13.11
C SER D 318 -2.00 -19.80 -12.95
N ASP D 319 -0.76 -20.03 -12.53
CA ASP D 319 -0.30 -21.37 -12.29
C ASP D 319 -0.74 -21.87 -10.92
N VAL D 320 -1.51 -21.08 -10.18
CA VAL D 320 -2.02 -21.53 -8.88
C VAL D 320 -3.02 -22.58 -9.35
N PHE D 321 -2.63 -23.84 -9.22
CA PHE D 321 -3.43 -24.96 -9.71
C PHE D 321 -3.10 -26.20 -8.90
N GLU D 322 -4.04 -27.13 -8.77
CA GLU D 322 -3.77 -28.36 -8.01
C GLU D 322 -4.41 -29.61 -8.59
N GLU D 323 -4.83 -29.57 -9.85
CA GLU D 323 -5.45 -30.75 -10.43
C GLU D 323 -4.53 -31.97 -10.38
N ARG D 324 -3.25 -31.74 -10.66
CA ARG D 324 -2.27 -32.82 -10.61
C ARG D 324 -1.27 -32.57 -9.47
N ASP D 325 -1.80 -32.22 -8.31
CA ASP D 325 -1.02 -31.96 -7.09
C ASP D 325 -0.33 -30.61 -7.14
N VAL D 326 0.29 -30.22 -6.03
CA VAL D 326 0.99 -28.95 -5.93
C VAL D 326 2.10 -28.85 -6.95
N PRO D 327 2.22 -27.71 -7.64
CA PRO D 327 3.29 -27.58 -8.63
C PRO D 327 4.64 -27.88 -7.97
N ARG D 328 5.58 -28.40 -8.74
CA ARG D 328 6.87 -28.77 -8.18
C ARG D 328 8.09 -27.97 -8.64
N SER D 329 7.85 -26.87 -9.36
CA SER D 329 8.94 -26.03 -9.83
C SER D 329 8.45 -24.70 -10.42
N GLN D 330 9.32 -23.69 -10.39
CA GLN D 330 9.00 -22.36 -10.91
C GLN D 330 8.30 -22.48 -12.26
N PHE D 331 8.82 -23.32 -13.15
CA PHE D 331 8.17 -23.55 -14.44
C PHE D 331 7.90 -25.04 -14.56
N HIS D 332 6.64 -25.39 -14.76
CA HIS D 332 6.22 -26.77 -14.83
C HIS D 332 5.16 -27.06 -15.90
N GLY D 333 4.96 -26.14 -16.84
CA GLY D 333 3.96 -26.36 -17.87
C GLY D 333 2.52 -26.14 -17.42
N GLY D 334 2.34 -25.28 -16.42
CA GLY D 334 1.00 -24.98 -15.93
C GLY D 334 0.23 -24.15 -16.94
N PHE D 335 -1.09 -24.10 -16.79
CA PHE D 335 -1.95 -23.35 -17.70
C PHE D 335 -1.83 -21.83 -17.61
N GLY D 336 -1.48 -21.34 -16.43
CA GLY D 336 -1.39 -19.91 -16.21
C GLY D 336 -0.70 -19.03 -17.24
N LEU D 337 -1.27 -17.83 -17.42
CA LEU D 337 -0.67 -16.84 -18.30
C LEU D 337 0.48 -16.30 -17.45
N VAL D 338 0.33 -16.49 -16.14
CA VAL D 338 1.29 -16.02 -15.16
C VAL D 338 1.79 -17.18 -14.30
N ALA D 339 3.11 -17.32 -14.23
CA ALA D 339 3.72 -18.38 -13.42
C ALA D 339 3.72 -17.94 -11.95
N LEU D 340 4.08 -18.84 -11.04
CA LEU D 340 4.10 -18.49 -9.63
C LEU D 340 5.07 -17.35 -9.36
N ASN D 341 4.82 -16.60 -8.28
CA ASN D 341 5.62 -15.44 -7.89
C ASN D 341 5.36 -14.32 -8.89
N MET D 342 4.13 -14.31 -9.41
CA MET D 342 3.70 -13.32 -10.38
C MET D 342 4.70 -13.05 -11.49
N ILE D 343 5.23 -14.11 -12.08
CA ILE D 343 6.17 -13.95 -13.18
C ILE D 343 5.37 -14.21 -14.46
N PRO D 344 5.04 -13.13 -15.19
CA PRO D 344 4.27 -13.27 -16.44
C PRO D 344 4.97 -14.12 -17.50
N LYS D 345 4.22 -15.02 -18.12
CA LYS D 345 4.77 -15.85 -19.19
C LYS D 345 4.64 -15.05 -20.48
N PRO D 346 5.25 -15.51 -21.57
CA PRO D 346 5.11 -14.70 -22.79
C PRO D 346 3.65 -14.58 -23.29
N THR D 347 2.85 -15.61 -23.06
CA THR D 347 1.46 -15.57 -23.48
C THR D 347 0.71 -14.43 -22.78
N PHE D 348 1.23 -14.00 -21.62
CA PHE D 348 0.63 -12.91 -20.86
C PHE D 348 0.68 -11.67 -21.73
N TYR D 349 1.84 -11.42 -22.33
CA TYR D 349 2.01 -10.25 -23.16
C TYR D 349 1.29 -10.28 -24.50
N THR D 350 0.76 -11.45 -24.86
CA THR D 350 0.03 -11.57 -26.11
C THR D 350 -1.32 -10.92 -25.82
N PHE D 351 -1.84 -11.17 -24.63
CA PHE D 351 -3.10 -10.56 -24.21
C PHE D 351 -2.86 -9.09 -23.95
N LYS D 352 -1.78 -8.78 -23.26
CA LYS D 352 -1.43 -7.40 -22.96
C LYS D 352 -1.37 -6.59 -24.25
N PHE D 353 -0.69 -7.12 -25.27
CA PHE D 353 -0.57 -6.44 -26.56
C PHE D 353 -1.93 -6.16 -27.21
N PHE D 354 -2.88 -7.08 -27.08
CA PHE D 354 -4.17 -6.85 -27.72
C PHE D 354 -4.97 -5.66 -27.16
N ASN D 355 -4.61 -5.18 -25.97
CA ASN D 355 -5.28 -4.01 -25.39
C ASN D 355 -5.07 -2.79 -26.30
N ALA D 356 -4.03 -2.84 -27.14
CA ALA D 356 -3.74 -1.71 -28.02
C ALA D 356 -4.59 -1.72 -29.30
N MET D 357 -5.35 -2.78 -29.51
CA MET D 357 -6.17 -2.88 -30.71
C MET D 357 -7.42 -2.00 -30.66
N GLY D 358 -7.73 -1.38 -31.79
CA GLY D 358 -8.91 -0.54 -31.90
C GLY D 358 -10.04 -1.36 -32.51
N GLU D 359 -11.21 -0.78 -32.63
CA GLU D 359 -12.36 -1.49 -33.18
C GLU D 359 -12.37 -1.56 -34.71
N GLU D 360 -11.64 -0.68 -35.36
CA GLU D 360 -11.57 -0.67 -36.83
C GLU D 360 -10.54 -1.66 -37.33
N MET D 361 -10.98 -2.73 -37.98
CA MET D 361 -10.04 -3.71 -38.51
C MET D 361 -9.71 -3.39 -39.97
N LEU D 362 -8.58 -2.71 -40.18
CA LEU D 362 -8.17 -2.32 -41.51
C LEU D 362 -7.61 -3.48 -42.33
N TYR D 363 -6.75 -4.29 -41.71
CA TYR D 363 -6.16 -5.43 -42.40
C TYR D 363 -5.96 -6.60 -41.46
N ARG D 364 -5.89 -7.80 -42.01
CA ARG D 364 -5.68 -9.00 -41.22
C ARG D 364 -5.38 -10.23 -42.08
N ASP D 365 -4.39 -11.00 -41.67
CA ASP D 365 -4.05 -12.24 -42.36
C ASP D 365 -3.52 -13.19 -41.29
N GLU D 366 -3.46 -14.48 -41.62
CA GLU D 366 -3.01 -15.50 -40.68
C GLU D 366 -1.91 -15.13 -39.68
N HIS D 367 -1.14 -14.08 -39.95
CA HIS D 367 -0.06 -13.72 -39.02
C HIS D 367 0.04 -12.23 -38.64
N MET D 368 -0.94 -11.44 -39.02
CA MET D 368 -0.91 -10.02 -38.71
C MET D 368 -2.30 -9.43 -38.55
N LEU D 369 -2.40 -8.40 -37.71
CA LEU D 369 -3.67 -7.73 -37.45
C LEU D 369 -3.38 -6.24 -37.33
N VAL D 370 -4.07 -5.42 -38.13
CA VAL D 370 -3.89 -3.97 -38.09
C VAL D 370 -5.24 -3.35 -37.78
N THR D 371 -5.25 -2.43 -36.81
CA THR D 371 -6.46 -1.74 -36.39
C THR D 371 -6.21 -0.27 -36.14
N ARG D 372 -7.29 0.51 -36.17
CA ARG D 372 -7.20 1.94 -35.91
C ARG D 372 -8.05 2.29 -34.69
N ARG D 373 -7.53 3.15 -33.83
CA ARG D 373 -8.24 3.58 -32.63
C ARG D 373 -9.09 4.81 -32.88
N ASP D 374 -9.94 5.15 -31.91
CA ASP D 374 -10.81 6.33 -32.03
C ASP D 374 -10.06 7.61 -32.37
N ASP D 375 -8.88 7.80 -31.79
CA ASP D 375 -8.11 9.02 -32.02
C ASP D 375 -7.31 9.05 -33.33
N GLY D 376 -7.49 8.05 -34.18
CA GLY D 376 -6.77 8.04 -35.45
C GLY D 376 -5.48 7.23 -35.46
N SER D 377 -4.87 7.02 -34.29
CA SER D 377 -3.64 6.24 -34.20
C SER D 377 -3.88 4.82 -34.69
N VAL D 378 -2.84 4.20 -35.21
CA VAL D 378 -2.94 2.84 -35.73
C VAL D 378 -2.06 1.86 -34.97
N ALA D 379 -2.55 0.65 -34.80
CA ALA D 379 -1.81 -0.41 -34.11
C ALA D 379 -1.71 -1.65 -34.99
N LEU D 380 -0.59 -2.36 -34.87
CA LEU D 380 -0.34 -3.57 -35.64
C LEU D 380 0.25 -4.64 -34.75
N ILE D 381 -0.16 -5.88 -34.96
CA ILE D 381 0.36 -7.01 -34.19
C ILE D 381 0.64 -8.16 -35.16
N ALA D 382 1.89 -8.60 -35.17
CA ALA D 382 2.29 -9.70 -36.02
C ALA D 382 2.89 -10.77 -35.12
N TRP D 383 2.80 -12.02 -35.55
CA TRP D 383 3.33 -13.14 -34.78
C TRP D 383 3.90 -14.18 -35.73
N ASN D 384 4.92 -14.89 -35.25
CA ASN D 384 5.58 -15.91 -36.06
C ASN D 384 5.82 -17.20 -35.31
N GLU D 385 4.79 -18.01 -35.14
CA GLU D 385 4.96 -19.27 -34.44
C GLU D 385 5.71 -20.26 -35.34
N VAL D 386 6.77 -20.86 -34.79
CA VAL D 386 7.57 -21.86 -35.50
C VAL D 386 7.15 -23.20 -34.91
N MET D 387 6.23 -23.87 -35.61
CA MET D 387 5.69 -25.15 -35.16
C MET D 387 6.49 -26.41 -35.46
N ASP D 388 7.78 -26.26 -35.71
CA ASP D 388 8.64 -27.40 -36.01
C ASP D 388 10.10 -26.98 -36.16
N LYS D 389 11.00 -27.89 -35.82
CA LYS D 389 12.44 -27.63 -35.92
C LYS D 389 12.71 -27.16 -37.34
N THR D 390 13.46 -26.06 -37.48
CA THR D 390 13.77 -25.54 -38.79
C THR D 390 15.03 -24.69 -38.77
N GLU D 391 15.98 -25.01 -39.63
CA GLU D 391 17.22 -24.26 -39.69
C GLU D 391 16.94 -22.78 -39.97
N ASN D 392 15.72 -22.47 -40.39
CA ASN D 392 15.36 -21.10 -40.69
C ASN D 392 13.90 -20.77 -40.33
N PRO D 393 13.69 -20.07 -39.19
CA PRO D 393 12.35 -19.68 -38.72
C PRO D 393 11.95 -18.24 -39.00
N ASP D 394 12.92 -17.36 -39.23
CA ASP D 394 12.68 -15.94 -39.48
C ASP D 394 11.67 -15.63 -40.57
N GLU D 395 11.03 -14.47 -40.46
CA GLU D 395 10.05 -14.01 -41.44
C GLU D 395 10.26 -12.52 -41.68
N ASP D 396 10.08 -12.09 -42.92
CA ASP D 396 10.27 -10.68 -43.26
C ASP D 396 8.92 -9.99 -43.49
N TYR D 397 8.83 -8.73 -43.09
CA TYR D 397 7.61 -7.94 -43.23
C TYR D 397 7.88 -6.55 -43.79
N GLU D 398 6.89 -6.01 -44.49
CA GLU D 398 6.96 -4.68 -45.06
C GLU D 398 5.50 -4.26 -45.16
N VAL D 399 5.08 -3.34 -44.31
CA VAL D 399 3.69 -2.92 -44.30
C VAL D 399 3.51 -1.42 -44.44
N GLU D 400 2.71 -1.02 -45.43
CA GLU D 400 2.43 0.40 -45.65
C GLU D 400 1.17 0.69 -44.85
N ILE D 401 1.29 1.53 -43.84
CA ILE D 401 0.15 1.86 -43.01
C ILE D 401 -0.35 3.27 -43.28
N PRO D 402 -1.65 3.40 -43.60
CA PRO D 402 -2.23 4.71 -43.86
C PRO D 402 -2.32 5.51 -42.57
N VAL D 403 -1.85 6.75 -42.62
CA VAL D 403 -1.85 7.62 -41.46
C VAL D 403 -2.30 9.02 -41.83
N ARG D 404 -3.29 9.53 -41.09
CA ARG D 404 -3.85 10.86 -41.35
C ARG D 404 -3.00 12.01 -40.80
N PHE D 405 -1.69 11.80 -40.74
CA PHE D 405 -0.75 12.81 -40.25
C PHE D 405 0.64 12.49 -40.81
N ARG D 406 1.51 13.49 -40.86
CA ARG D 406 2.84 13.27 -41.43
C ARG D 406 3.94 12.87 -40.45
N ASP D 407 3.91 13.40 -39.24
CA ASP D 407 4.93 13.08 -38.25
C ASP D 407 4.42 11.97 -37.32
N VAL D 408 5.15 10.86 -37.24
CA VAL D 408 4.72 9.74 -36.43
C VAL D 408 5.69 9.31 -35.31
N PHE D 409 5.12 9.08 -34.13
CA PHE D 409 5.89 8.61 -32.99
C PHE D 409 5.62 7.10 -32.97
N ILE D 410 6.66 6.30 -32.91
CA ILE D 410 6.51 4.86 -32.93
C ILE D 410 6.94 4.15 -31.64
N LYS D 411 6.04 3.35 -31.09
CA LYS D 411 6.32 2.57 -29.90
C LYS D 411 6.21 1.11 -30.28
N ARG D 412 7.32 0.39 -30.19
CA ARG D 412 7.38 -1.02 -30.54
C ARG D 412 7.64 -1.88 -29.31
N GLN D 413 6.94 -3.00 -29.24
CA GLN D 413 7.12 -3.95 -28.14
C GLN D 413 7.33 -5.33 -28.75
N LEU D 414 8.33 -6.04 -28.24
CA LEU D 414 8.66 -7.33 -28.80
C LEU D 414 8.92 -8.40 -27.76
N ILE D 415 8.33 -9.56 -27.95
CA ILE D 415 8.58 -10.71 -27.09
C ILE D 415 8.95 -11.84 -28.04
N ASP D 416 10.02 -12.56 -27.71
CA ASP D 416 10.46 -13.69 -28.53
C ASP D 416 11.40 -14.57 -27.69
N GLU D 417 12.19 -15.41 -28.35
CA GLU D 417 13.10 -16.31 -27.65
C GLU D 417 14.12 -15.62 -26.75
N GLU D 418 14.42 -14.36 -27.03
CA GLU D 418 15.38 -13.61 -26.23
C GLU D 418 14.76 -12.45 -25.46
N HIS D 419 13.45 -12.26 -25.59
CA HIS D 419 12.80 -11.15 -24.89
C HIS D 419 11.49 -11.57 -24.26
N GLY D 420 11.34 -11.32 -22.96
CA GLY D 420 10.11 -11.71 -22.27
C GLY D 420 9.98 -13.21 -22.21
N ASN D 421 11.13 -13.89 -22.05
CA ASN D 421 11.20 -15.34 -21.98
C ASN D 421 11.79 -15.78 -20.64
N PRO D 422 11.01 -15.69 -19.56
CA PRO D 422 11.56 -16.12 -18.26
C PRO D 422 11.93 -17.60 -18.26
N TRP D 423 11.23 -18.38 -19.07
CA TRP D 423 11.49 -19.81 -19.19
C TRP D 423 12.93 -20.04 -19.67
N GLY D 424 13.37 -19.23 -20.63
CA GLY D 424 14.71 -19.37 -21.15
C GLY D 424 15.76 -19.07 -20.11
N THR D 425 15.48 -18.09 -19.26
CA THR D 425 16.41 -17.70 -18.20
C THR D 425 16.41 -18.77 -17.11
N TRP D 426 15.23 -19.25 -16.76
CA TRP D 426 15.07 -20.30 -15.76
C TRP D 426 15.99 -21.47 -16.10
N ILE D 427 16.07 -21.78 -17.39
CA ILE D 427 16.93 -22.87 -17.85
C ILE D 427 18.40 -22.43 -17.72
N HIS D 428 18.67 -21.15 -17.98
CA HIS D 428 20.04 -20.65 -17.85
C HIS D 428 20.51 -20.82 -16.43
N MET D 429 19.56 -20.75 -15.48
CA MET D 429 19.87 -20.87 -14.06
C MET D 429 20.01 -22.30 -13.61
N GLY D 430 19.80 -23.24 -14.53
CA GLY D 430 19.88 -24.64 -14.19
C GLY D 430 18.52 -25.16 -13.75
N ARG D 431 17.47 -24.52 -14.26
CA ARG D 431 16.10 -24.91 -13.97
C ARG D 431 15.85 -25.09 -12.47
N PRO D 432 16.10 -24.05 -11.67
CA PRO D 432 15.87 -24.18 -10.22
C PRO D 432 14.41 -24.43 -9.89
N ARG D 433 14.14 -25.46 -9.09
CA ARG D 433 12.78 -25.80 -8.69
C ARG D 433 12.21 -24.78 -7.70
N TYR D 434 12.98 -24.48 -6.65
CA TYR D 434 12.56 -23.53 -5.62
C TYR D 434 13.56 -22.38 -5.57
N PRO D 435 13.54 -21.54 -6.61
CA PRO D 435 14.44 -20.38 -6.72
C PRO D 435 14.42 -19.43 -5.54
N SER D 436 15.57 -18.86 -5.25
CA SER D 436 15.73 -17.89 -4.16
C SER D 436 15.01 -16.61 -4.57
N LYS D 437 15.01 -15.61 -3.70
CA LYS D 437 14.35 -14.36 -4.02
C LYS D 437 15.11 -13.56 -5.09
N GLU D 438 16.44 -13.68 -5.12
CA GLU D 438 17.22 -12.97 -6.13
C GLU D 438 16.92 -13.53 -7.51
N GLN D 439 16.82 -14.85 -7.61
CA GLN D 439 16.53 -15.49 -8.88
C GLN D 439 15.15 -15.03 -9.36
N VAL D 440 14.15 -15.15 -8.48
CA VAL D 440 12.81 -14.74 -8.85
C VAL D 440 12.83 -13.27 -9.30
N ASN D 441 13.67 -12.46 -8.68
CA ASN D 441 13.75 -11.06 -9.07
C ASN D 441 14.30 -10.97 -10.50
N THR D 442 15.33 -11.77 -10.79
CA THR D 442 15.92 -11.77 -12.12
C THR D 442 14.86 -12.22 -13.14
N LEU D 443 14.08 -13.23 -12.79
CA LEU D 443 13.04 -13.70 -13.69
C LEU D 443 12.03 -12.60 -13.97
N ARG D 444 11.68 -11.85 -12.93
CA ARG D 444 10.71 -10.77 -13.08
C ARG D 444 11.21 -9.66 -14.01
N GLU D 445 12.49 -9.35 -13.94
CA GLU D 445 13.08 -8.32 -14.79
C GLU D 445 13.14 -8.79 -16.26
N VAL D 446 13.47 -10.05 -16.47
CA VAL D 446 13.55 -10.59 -17.82
C VAL D 446 12.16 -10.70 -18.44
N ALA D 447 11.18 -11.05 -17.60
CA ALA D 447 9.79 -11.21 -18.06
C ALA D 447 9.10 -9.91 -18.45
N LYS D 448 9.66 -9.19 -19.41
CA LYS D 448 9.09 -7.94 -19.89
C LYS D 448 9.42 -7.82 -21.38
N PRO D 449 8.46 -7.37 -22.18
CA PRO D 449 8.71 -7.23 -23.61
C PRO D 449 9.75 -6.16 -23.84
N GLU D 450 10.44 -6.23 -24.97
CA GLU D 450 11.44 -5.25 -25.32
C GLU D 450 10.67 -4.06 -25.87
N ILE D 451 10.83 -2.90 -25.25
CA ILE D 451 10.18 -1.68 -25.71
C ILE D 451 11.21 -0.97 -26.56
N MET D 452 10.77 -0.39 -27.67
CA MET D 452 11.67 0.33 -28.56
C MET D 452 10.86 1.44 -29.21
N THR D 453 11.41 2.64 -29.25
CA THR D 453 10.68 3.75 -29.83
C THR D 453 11.48 4.47 -30.91
N SER D 454 10.76 5.16 -31.78
CA SER D 454 11.39 5.90 -32.86
C SER D 454 10.42 6.92 -33.42
N GLN D 455 10.87 7.65 -34.44
CA GLN D 455 10.01 8.64 -35.06
C GLN D 455 10.42 8.85 -36.52
N PRO D 456 9.52 8.53 -37.45
CA PRO D 456 9.73 8.67 -38.89
C PRO D 456 8.61 9.51 -39.49
N VAL D 457 8.70 9.80 -40.78
CA VAL D 457 7.68 10.60 -41.43
C VAL D 457 6.90 9.75 -42.42
N ALA D 458 5.64 10.11 -42.64
CA ALA D 458 4.79 9.39 -43.57
C ALA D 458 4.86 10.06 -44.94
N ASN D 459 4.92 9.25 -45.99
CA ASN D 459 4.98 9.76 -47.36
C ASN D 459 3.74 9.28 -48.09
N ASP D 460 3.01 10.22 -48.67
CA ASP D 460 1.78 9.90 -49.40
C ASP D 460 0.78 9.21 -48.50
N GLY D 461 0.63 9.72 -47.27
CA GLY D 461 -0.30 9.15 -46.32
C GLY D 461 0.05 7.76 -45.85
N TYR D 462 1.27 7.31 -46.16
CA TYR D 462 1.66 5.98 -45.73
C TYR D 462 2.96 5.94 -44.96
N LEU D 463 2.95 5.20 -43.86
CA LEU D 463 4.16 5.04 -43.08
C LEU D 463 4.65 3.63 -43.37
N ASN D 464 5.86 3.52 -43.91
CA ASN D 464 6.41 2.22 -44.26
C ASN D 464 7.06 1.51 -43.07
N LEU D 465 6.55 0.34 -42.74
CA LEU D 465 7.10 -0.43 -41.63
C LEU D 465 7.89 -1.64 -42.13
N LYS D 466 9.20 -1.57 -41.99
CA LYS D 466 10.10 -2.65 -42.40
C LYS D 466 10.65 -3.33 -41.15
N PHE D 467 10.38 -4.62 -40.99
CA PHE D 467 10.87 -5.34 -39.83
C PHE D 467 10.83 -6.84 -40.04
N LYS D 468 11.68 -7.56 -39.30
CA LYS D 468 11.71 -9.01 -39.40
C LYS D 468 11.29 -9.59 -38.05
N LEU D 469 10.71 -10.78 -38.07
CA LEU D 469 10.29 -11.44 -36.83
C LEU D 469 11.05 -12.73 -36.63
N GLY D 470 11.77 -12.81 -35.52
CA GLY D 470 12.54 -14.01 -35.22
C GLY D 470 11.63 -15.15 -34.80
N LYS D 471 12.24 -16.20 -34.26
CA LYS D 471 11.52 -17.38 -33.83
C LYS D 471 10.48 -17.10 -32.74
N ASN D 472 9.25 -17.57 -32.98
CA ASN D 472 8.14 -17.40 -32.05
C ASN D 472 7.93 -15.98 -31.52
N ALA D 473 8.25 -14.99 -32.35
CA ALA D 473 8.10 -13.60 -31.95
C ALA D 473 6.69 -13.05 -32.09
N VAL D 474 6.42 -12.00 -31.33
CA VAL D 474 5.15 -11.30 -31.34
C VAL D 474 5.55 -9.85 -31.20
N VAL D 475 5.05 -9.00 -32.08
CA VAL D 475 5.43 -7.60 -32.01
C VAL D 475 4.21 -6.70 -32.01
N LEU D 476 4.34 -5.58 -31.33
CA LEU D 476 3.26 -4.62 -31.24
C LEU D 476 3.82 -3.32 -31.76
N TYR D 477 3.03 -2.65 -32.59
CA TYR D 477 3.43 -1.37 -33.15
C TYR D 477 2.27 -0.41 -32.97
N GLU D 478 2.52 0.69 -32.29
CA GLU D 478 1.49 1.70 -32.12
C GLU D 478 2.07 2.93 -32.80
N LEU D 479 1.33 3.46 -33.76
CA LEU D 479 1.75 4.64 -34.49
C LEU D 479 0.80 5.77 -34.13
N THR D 480 1.33 6.79 -33.47
CA THR D 480 0.52 7.95 -33.07
C THR D 480 1.17 9.20 -33.62
N GLU D 481 0.38 10.25 -33.77
CA GLU D 481 0.90 11.49 -34.29
C GLU D 481 1.88 12.16 -33.35
N ARG D 482 3.03 12.53 -33.88
CA ARG D 482 4.05 13.22 -33.11
C ARG D 482 3.80 14.72 -33.25
N ILE D 483 3.49 15.38 -32.14
CA ILE D 483 3.28 16.82 -32.17
C ILE D 483 4.49 17.43 -31.46
N ASP D 484 5.48 17.81 -32.28
CA ASP D 484 6.74 18.35 -31.81
C ASP D 484 6.71 19.71 -31.11
N GLU D 485 7.33 19.76 -29.92
CA GLU D 485 7.41 20.99 -29.13
C GLU D 485 8.84 21.52 -29.07
N SER D 486 9.74 20.82 -29.74
CA SER D 486 11.15 21.19 -29.78
C SER D 486 11.43 22.67 -30.05
N SER D 487 10.53 23.34 -30.77
CA SER D 487 10.76 24.74 -31.10
C SER D 487 10.59 25.69 -29.93
N THR D 488 9.87 25.26 -28.90
CA THR D 488 9.68 26.13 -27.76
C THR D 488 10.87 26.15 -26.80
N TYR D 489 11.92 25.38 -27.11
CA TYR D 489 13.09 25.36 -26.25
C TYR D 489 14.17 26.28 -26.79
N ILE D 490 14.26 27.45 -26.18
CA ILE D 490 15.21 28.47 -26.58
C ILE D 490 16.67 28.03 -26.46
N GLY D 491 17.37 28.02 -27.60
CA GLY D 491 18.76 27.63 -27.61
C GLY D 491 18.98 26.14 -27.73
N LEU D 492 17.90 25.37 -27.79
CA LEU D 492 17.97 23.92 -27.91
C LEU D 492 18.89 23.46 -29.04
N ASP D 493 19.88 22.65 -28.70
CA ASP D 493 20.83 22.11 -29.68
C ASP D 493 21.67 21.03 -29.04
N ASP D 494 21.19 19.79 -29.16
CA ASP D 494 21.87 18.63 -28.58
C ASP D 494 23.32 18.48 -29.04
N SER D 495 23.64 18.99 -30.22
CA SER D 495 25.01 18.85 -30.71
C SER D 495 26.00 19.55 -29.79
N LYS D 496 25.51 20.43 -28.92
CA LYS D 496 26.38 21.16 -27.99
C LYS D 496 26.72 20.33 -26.74
N ILE D 497 26.28 19.08 -26.72
CA ILE D 497 26.56 18.20 -25.59
C ILE D 497 27.64 17.22 -26.01
N ASN D 498 28.63 17.00 -25.14
CA ASN D 498 29.72 16.08 -25.42
C ASN D 498 29.31 14.87 -26.23
N GLY D 499 30.05 14.61 -27.31
CA GLY D 499 29.78 13.45 -28.13
C GLY D 499 28.60 13.54 -29.07
N TYR D 500 27.57 14.30 -28.69
CA TYR D 500 26.39 14.45 -29.52
C TYR D 500 26.58 15.63 -30.48
#